data_6Q7I
#
_entry.id   6Q7I
#
_cell.length_a   70.470
_cell.length_b   90.580
_cell.length_c   244.370
_cell.angle_alpha   90.00
_cell.angle_beta   90.00
_cell.angle_gamma   90.00
#
_symmetry.space_group_name_H-M   'P 21 21 21'
#
loop_
_entity.id
_entity.type
_entity.pdbx_description
1 polymer 'Exo-1,4-beta-xylosidase xlnD'
2 branched alpha-D-mannopyranose-(1-2)-alpha-D-mannopyranose-(1-3)-[alpha-D-mannopyranose-(1-2)-alpha-D-mannopyranose-(1-6)]alpha-D-mannopyranose-(1-6)-[alpha-D-mannopyranose-(1-3)]beta-D-mannopyranose-(1-4)-2-acetamido-2-deoxy-beta-D-glucopyranose-(1-4)-2-acetamido-2-deoxy-beta-D-glucopyranose
3 branched 2-acetamido-2-deoxy-beta-D-glucopyranose-(1-4)-2-acetamido-2-deoxy-beta-D-glucopyranose
4 branched alpha-D-mannopyranose-(1-2)-alpha-D-mannopyranose-(1-3)-[alpha-D-mannopyranose-(1-2)-alpha-D-mannopyranose-(1-6)]alpha-D-mannopyranose-(1-6)-[alpha-D-mannopyranose-(1-2)-alpha-D-mannopyranose-(1-3)]beta-D-mannopyranose-(1-4)-2-acetamido-2-deoxy-beta-D-glucopyranose-(1-4)-2-acetamido-2-deoxy-beta-D-glucopyranose
5 non-polymer 2-acetamido-2-deoxy-beta-D-glucopyranose
6 non-polymer 1,2-ETHANEDIOL
7 non-polymer 'ACETATE ION'
8 non-polymer GLYCEROL
9 non-polymer 'POTASSIUM ION'
10 water water
#
_entity_poly.entity_id   1
_entity_poly.type   'polypeptide(L)'
_entity_poly.pdbx_seq_one_letter_code
;(PCA)ANTSYTDYNVEANPDLFPLCLQHLNASFPDCASGPLSLTPVCDRSLSPKDRATALVSLFTFDELVNNTGNTGLGV
SRLGLPNYQVWGEALHGVGRANFVESGNFSWATSFPMPITMMAALNKTLIHQIGTIVSTQLRAFSNAGLGGVDVYSPNIN
TFRHPVWGRGQETPGEDAFLTSVYGYEYITALQGGVDPETLKIIATAKHYAGYDIESWNNHSRLGNDMQITQQELSEYYT
PPFIVASRDAKVRSVMCSYNAVNGVPSCANKFFLQTLLRDTFEFSEDGYVSGDCGAVYNVWNPHGYASNEAAASADSILA
GTDIDCGTSYQWHSEDAFEDSLVSRSDIERGVIRLYSNLVQAGYFDGEDAPYRDITWDDVLSTDAWNIAYEAAVEGIVLL
KNDETLPLSKDIKSVAVIGPWANVTEELQGNYFGPAPYLISPLTGFRDSGLDVHYALGTNLTSHSTSGFEEALTAAKQAD
AIIFAGGIDNTIEAEAMDRENITWPGNQLDLISKLSELGKPLVVLQMGGGQVDSSSLKDNDNVNALIWGGYPGQSGGHAL
ADIITGKRAPAGRLVTTQYPAEYAEVFPAIDMNLRPNETSGNPGQTYMWYTGTPVYEFGHGLFYTTFEESTETTDAGSFN
IQTVLTTPHSGYEHAQQKTLLNFTATVKNTGERESDYTALVYVNTTAGPAPYPKKWVVGFDRLGGLEPGDSQTLTVPVTV
ESVARTDEQGNRVLYPGSYELALNNERSVVVKFELKGEEAVILSWPEDTTSDFVSSIDGGLDRKQDVIA
;
_entity_poly.pdbx_strand_id   B,A
#
loop_
_chem_comp.id
_chem_comp.type
_chem_comp.name
_chem_comp.formula
ACT non-polymer 'ACETATE ION' 'C2 H3 O2 -1'
BMA D-saccharide, beta linking beta-D-mannopyranose 'C6 H12 O6'
EDO non-polymer 1,2-ETHANEDIOL 'C2 H6 O2'
GOL non-polymer GLYCEROL 'C3 H8 O3'
K non-polymer 'POTASSIUM ION' 'K 1'
MAN D-saccharide, alpha linking alpha-D-mannopyranose 'C6 H12 O6'
NAG D-saccharide, beta linking 2-acetamido-2-deoxy-beta-D-glucopyranose 'C8 H15 N O6'
#
# COMPACT_ATOMS: atom_id res chain seq x y z
N PCA A 1 21.75 12.87 -22.25
CA PCA A 1 22.60 11.69 -22.07
CB PCA A 1 21.61 10.56 -21.74
CG PCA A 1 20.27 11.28 -21.47
CD PCA A 1 20.46 12.68 -21.99
OE PCA A 1 19.56 13.52 -22.13
C PCA A 1 23.47 11.33 -23.27
O PCA A 1 24.63 10.97 -23.10
N ALA A 2 22.85 11.36 -24.45
CA ALA A 2 23.51 10.95 -25.71
C ALA A 2 23.94 12.16 -26.50
N ASN A 3 24.16 13.29 -25.85
CA ASN A 3 24.63 14.54 -26.49
C ASN A 3 26.08 14.33 -26.96
N THR A 4 26.44 15.00 -28.05
CA THR A 4 27.78 14.84 -28.72
C THR A 4 28.73 15.98 -28.32
N SER A 5 28.23 17.07 -27.74
CA SER A 5 29.02 18.14 -27.08
C SER A 5 28.34 18.58 -25.79
N TYR A 6 29.02 19.41 -25.02
CA TYR A 6 28.52 19.87 -23.70
C TYR A 6 27.10 20.40 -23.95
N THR A 7 26.12 19.94 -23.16
CA THR A 7 24.73 20.44 -23.29
C THR A 7 24.23 20.84 -21.91
N ASP A 8 23.77 22.10 -21.78
CA ASP A 8 23.29 22.59 -20.47
C ASP A 8 21.79 22.29 -20.39
N TYR A 9 21.40 21.23 -19.69
CA TYR A 9 19.98 20.82 -19.60
C TYR A 9 19.20 21.73 -18.65
N ASN A 10 19.86 22.68 -17.98
CA ASN A 10 19.11 23.75 -17.27
C ASN A 10 18.47 24.71 -18.26
N VAL A 11 18.93 24.70 -19.51
CA VAL A 11 18.46 25.59 -20.59
C VAL A 11 17.87 24.78 -21.71
N GLU A 12 18.56 23.78 -22.20
CA GLU A 12 18.04 22.88 -23.25
C GLU A 12 16.87 22.06 -22.65
N ALA A 13 15.72 22.02 -23.33
CA ALA A 13 14.52 21.32 -22.80
C ALA A 13 14.31 19.98 -23.49
N ASN A 14 15.06 19.61 -24.51
CA ASN A 14 14.94 18.29 -25.17
C ASN A 14 16.06 17.38 -24.62
N PRO A 15 15.73 16.27 -23.92
CA PRO A 15 16.73 15.29 -23.53
C PRO A 15 17.33 14.68 -24.81
N ASP A 16 18.53 14.17 -24.72
CA ASP A 16 19.17 13.36 -25.79
C ASP A 16 19.16 11.89 -25.37
N LEU A 17 18.14 11.14 -25.82
CA LEU A 17 17.94 9.77 -25.38
C LEU A 17 18.81 8.85 -26.24
N PHE A 18 19.25 7.74 -25.66
CA PHE A 18 20.03 6.71 -26.38
C PHE A 18 19.11 5.99 -27.31
N PRO A 19 19.63 5.45 -28.42
CA PRO A 19 18.78 4.72 -29.36
C PRO A 19 18.00 3.54 -28.76
N LEU A 20 18.51 2.86 -27.75
CA LEU A 20 17.77 1.74 -27.14
C LEU A 20 16.43 2.26 -26.62
N CYS A 21 16.41 3.42 -25.97
CA CYS A 21 15.19 4.04 -25.38
C CYS A 21 14.18 4.30 -26.52
N LEU A 22 14.71 4.83 -27.62
CA LEU A 22 13.92 5.31 -28.76
C LEU A 22 13.53 4.18 -29.70
N GLN A 23 14.05 2.96 -29.58
CA GLN A 23 13.84 1.84 -30.57
C GLN A 23 12.39 1.34 -30.49
N HIS A 24 11.67 1.33 -31.61
CA HIS A 24 10.40 0.59 -31.66
C HIS A 24 10.69 -0.92 -31.64
N LEU A 25 9.76 -1.72 -31.13
CA LEU A 25 9.95 -3.20 -31.01
C LEU A 25 8.85 -3.88 -31.80
N ASN A 26 9.19 -5.01 -32.39
CA ASN A 26 8.16 -5.90 -32.96
C ASN A 26 7.46 -6.65 -31.84
N ALA A 27 6.15 -6.42 -31.72
CA ALA A 27 5.36 -6.97 -30.59
C ALA A 27 4.99 -8.43 -30.87
N SER A 28 4.90 -9.23 -29.82
CA SER A 28 4.36 -10.59 -29.88
C SER A 28 3.88 -10.97 -28.48
N PHE A 29 3.24 -12.10 -28.38
CA PHE A 29 2.68 -12.60 -27.12
C PHE A 29 3.46 -13.84 -26.70
N PRO A 30 3.67 -14.01 -25.38
CA PRO A 30 4.18 -15.27 -24.91
C PRO A 30 3.15 -16.38 -25.18
N ASP A 31 3.72 -17.56 -25.37
CA ASP A 31 3.01 -18.82 -25.67
C ASP A 31 2.83 -19.62 -24.38
N CYS A 32 1.66 -19.53 -23.74
CA CYS A 32 1.37 -20.23 -22.49
C CYS A 32 0.84 -21.65 -22.80
N ALA A 33 0.58 -21.95 -24.07
CA ALA A 33 0.19 -23.31 -24.56
C ALA A 33 1.42 -24.22 -24.70
N SER A 34 2.50 -23.78 -25.34
CA SER A 34 3.63 -24.64 -25.75
C SER A 34 5.01 -24.07 -25.42
N GLY A 35 5.12 -22.82 -24.99
CA GLY A 35 6.45 -22.25 -24.73
C GLY A 35 7.03 -22.68 -23.39
N PRO A 36 8.28 -22.26 -23.07
CA PRO A 36 8.92 -22.57 -21.81
C PRO A 36 8.10 -22.12 -20.58
N LEU A 37 7.29 -21.06 -20.71
CA LEU A 37 6.49 -20.59 -19.56
C LEU A 37 5.24 -21.47 -19.35
N SER A 38 4.87 -22.33 -20.31
CA SER A 38 3.55 -23.03 -20.28
C SER A 38 3.38 -23.87 -19.02
N LEU A 39 4.43 -24.48 -18.45
CA LEU A 39 4.25 -25.36 -17.26
C LEU A 39 4.53 -24.58 -15.96
N THR A 40 4.70 -23.24 -16.00
CA THR A 40 5.07 -22.39 -14.84
C THR A 40 3.87 -21.57 -14.37
N PRO A 41 3.89 -21.03 -13.13
CA PRO A 41 2.71 -20.33 -12.61
C PRO A 41 2.26 -19.10 -13.44
N VAL A 42 3.11 -18.43 -14.22
CA VAL A 42 2.61 -17.22 -14.94
C VAL A 42 1.54 -17.66 -15.95
N CYS A 43 1.54 -18.93 -16.34
CA CYS A 43 0.54 -19.43 -17.32
C CYS A 43 -0.61 -20.13 -16.59
N ASP A 44 -0.67 -20.03 -15.28
CA ASP A 44 -1.79 -20.62 -14.48
C ASP A 44 -2.89 -19.55 -14.36
N ARG A 45 -3.97 -19.65 -15.14
CA ARG A 45 -5.06 -18.62 -15.17
C ARG A 45 -5.87 -18.61 -13.87
N SER A 46 -5.64 -19.53 -12.93
CA SER A 46 -6.35 -19.60 -11.63
C SER A 46 -5.69 -18.66 -10.59
N LEU A 47 -4.48 -18.16 -10.86
CA LEU A 47 -3.77 -17.31 -9.88
C LEU A 47 -4.07 -15.82 -10.20
N SER A 48 -3.79 -14.96 -9.25
CA SER A 48 -3.93 -13.49 -9.37
C SER A 48 -2.87 -13.02 -10.36
N PRO A 49 -3.12 -11.87 -11.00
CA PRO A 49 -2.08 -11.18 -11.77
C PRO A 49 -0.76 -10.98 -11.00
N LYS A 50 -0.85 -10.51 -9.77
CA LYS A 50 0.36 -10.23 -8.98
C LYS A 50 1.16 -11.54 -8.78
N ASP A 51 0.50 -12.60 -8.35
CA ASP A 51 1.18 -13.91 -8.12
C ASP A 51 1.81 -14.42 -9.43
N ARG A 52 1.09 -14.30 -10.54
CA ARG A 52 1.59 -14.70 -11.88
C ARG A 52 2.80 -13.86 -12.26
N ALA A 53 2.75 -12.54 -12.07
CA ALA A 53 3.89 -11.66 -12.40
C ALA A 53 5.09 -11.94 -11.48
N THR A 54 4.83 -12.15 -10.17
CA THR A 54 5.93 -12.45 -9.22
C THR A 54 6.65 -13.73 -9.67
N ALA A 55 5.87 -14.75 -10.05
CA ALA A 55 6.40 -16.07 -10.46
C ALA A 55 7.24 -15.88 -11.74
N LEU A 56 6.75 -15.08 -12.70
CA LEU A 56 7.54 -14.82 -13.94
C LEU A 56 8.90 -14.21 -13.58
N VAL A 57 8.92 -13.12 -12.82
CA VAL A 57 10.14 -12.36 -12.51
C VAL A 57 11.12 -13.26 -11.73
N SER A 58 10.61 -14.20 -10.92
CA SER A 58 11.48 -15.09 -10.13
C SER A 58 12.32 -15.99 -11.06
N LEU A 59 11.85 -16.24 -12.30
CA LEU A 59 12.60 -17.08 -13.29
C LEU A 59 13.81 -16.40 -13.88
N PHE A 60 13.92 -15.07 -13.80
CA PHE A 60 14.95 -14.31 -14.50
C PHE A 60 16.30 -14.41 -13.83
N THR A 61 17.36 -14.30 -14.59
CA THR A 61 18.66 -13.89 -14.06
C THR A 61 18.59 -12.41 -13.74
N PHE A 62 19.52 -11.92 -12.97
CA PHE A 62 19.56 -10.47 -12.68
C PHE A 62 19.79 -9.69 -13.96
N ASP A 63 20.67 -10.19 -14.83
CA ASP A 63 21.01 -9.43 -16.08
C ASP A 63 19.78 -9.36 -16.99
N GLU A 64 19.01 -10.42 -17.02
CA GLU A 64 17.70 -10.48 -17.73
C GLU A 64 16.70 -9.47 -17.11
N LEU A 65 16.56 -9.51 -15.78
CA LEU A 65 15.70 -8.56 -15.04
C LEU A 65 16.07 -7.13 -15.43
N VAL A 66 17.35 -6.75 -15.36
CA VAL A 66 17.76 -5.36 -15.54
C VAL A 66 17.43 -4.94 -16.99
N ASN A 67 17.57 -5.84 -17.96
CA ASN A 67 17.25 -5.52 -19.35
C ASN A 67 15.76 -5.20 -19.56
N ASN A 68 14.91 -5.49 -18.57
CA ASN A 68 13.46 -5.28 -18.65
C ASN A 68 12.97 -4.21 -17.66
N THR A 69 13.86 -3.36 -17.17
CA THR A 69 13.55 -2.24 -16.24
C THR A 69 13.30 -0.92 -16.98
N GLY A 70 13.61 -0.85 -18.26
CA GLY A 70 13.42 0.35 -19.10
C GLY A 70 12.22 0.15 -20.00
N ASN A 71 11.80 1.23 -20.64
CA ASN A 71 10.61 1.17 -21.51
C ASN A 71 10.86 0.17 -22.64
N THR A 72 12.08 0.13 -23.18
CA THR A 72 12.36 -0.82 -24.29
C THR A 72 12.81 -2.14 -23.65
N GLY A 73 11.87 -2.92 -23.19
CA GLY A 73 12.15 -4.19 -22.48
C GLY A 73 12.65 -5.23 -23.45
N LEU A 74 13.87 -5.71 -23.25
CA LEU A 74 14.49 -6.58 -24.29
C LEU A 74 13.89 -7.99 -24.29
N GLY A 75 13.06 -8.30 -23.33
CA GLY A 75 12.51 -9.64 -23.18
C GLY A 75 13.48 -10.62 -22.53
N VAL A 76 13.12 -11.89 -22.58
CA VAL A 76 13.98 -12.99 -22.07
C VAL A 76 13.87 -14.17 -23.03
N SER A 77 14.80 -14.26 -23.97
CA SER A 77 14.71 -15.26 -25.06
C SER A 77 14.66 -16.69 -24.49
N ARG A 78 15.44 -16.97 -23.45
CA ARG A 78 15.50 -18.29 -22.75
C ARG A 78 14.09 -18.78 -22.37
N LEU A 79 13.23 -17.86 -21.96
CA LEU A 79 11.92 -18.18 -21.39
C LEU A 79 10.83 -17.99 -22.45
N GLY A 80 11.14 -17.59 -23.69
CA GLY A 80 10.15 -17.17 -24.70
C GLY A 80 9.34 -15.94 -24.26
N LEU A 81 9.94 -15.06 -23.45
CA LEU A 81 9.27 -13.81 -23.03
C LEU A 81 9.64 -12.76 -24.08
N PRO A 82 8.68 -12.27 -24.88
CA PRO A 82 9.00 -11.32 -25.93
C PRO A 82 9.53 -10.00 -25.39
N ASN A 83 10.31 -9.31 -26.19
CA ASN A 83 10.55 -7.87 -25.96
C ASN A 83 9.20 -7.16 -25.86
N TYR A 84 9.13 -6.09 -25.08
CA TYR A 84 7.86 -5.38 -24.83
C TYR A 84 8.18 -3.90 -24.71
N GLN A 85 7.53 -3.09 -25.52
CA GLN A 85 7.74 -1.64 -25.53
C GLN A 85 6.69 -0.93 -24.67
N VAL A 86 7.10 -0.30 -23.57
CA VAL A 86 6.18 0.42 -22.65
C VAL A 86 5.83 1.79 -23.25
N TRP A 87 6.69 2.35 -24.09
CA TRP A 87 6.51 3.72 -24.65
C TRP A 87 5.56 3.64 -25.85
N GLY A 88 4.28 3.64 -25.57
CA GLY A 88 3.19 3.88 -26.54
C GLY A 88 2.55 5.24 -26.25
N GLU A 89 1.83 5.80 -27.21
CA GLU A 89 1.23 7.15 -27.11
C GLU A 89 -0.17 7.10 -27.73
N ALA A 90 -1.13 7.77 -27.12
CA ALA A 90 -2.48 7.89 -27.73
C ALA A 90 -3.15 9.16 -27.22
N LEU A 91 -2.52 10.31 -27.46
CA LEU A 91 -3.05 11.58 -26.93
C LEU A 91 -4.43 11.88 -27.52
N HIS A 92 -4.58 11.68 -28.83
CA HIS A 92 -5.83 12.03 -29.53
C HIS A 92 -5.92 11.14 -30.75
N GLY A 93 -5.61 9.86 -30.59
CA GLY A 93 -5.44 8.93 -31.69
C GLY A 93 -4.21 8.07 -31.48
N VAL A 94 -4.15 6.91 -32.12
CA VAL A 94 -2.92 6.08 -32.03
C VAL A 94 -1.71 6.93 -32.44
N GLY A 95 -0.68 7.06 -31.61
CA GLY A 95 0.42 7.99 -31.97
C GLY A 95 1.82 7.38 -32.09
N ARG A 96 2.12 6.20 -31.53
CA ARG A 96 3.51 5.70 -31.51
C ARG A 96 3.52 4.21 -31.80
N ALA A 97 2.57 3.73 -32.61
CA ALA A 97 2.62 2.35 -33.12
C ALA A 97 3.60 2.32 -34.29
N ASN A 98 3.90 1.10 -34.73
CA ASN A 98 4.92 0.82 -35.76
C ASN A 98 4.26 0.99 -37.15
N PHE A 99 3.81 2.19 -37.45
CA PHE A 99 3.02 2.41 -38.70
C PHE A 99 3.80 1.92 -39.92
N VAL A 100 3.14 1.21 -40.84
N VAL A 100 3.06 1.26 -40.84
CA VAL A 100 3.78 0.83 -42.15
CA VAL A 100 3.48 0.79 -42.20
C VAL A 100 3.50 1.92 -43.18
C VAL A 100 3.53 2.00 -43.15
N GLU A 101 4.35 1.96 -44.22
CA GLU A 101 4.41 3.06 -45.21
C GLU A 101 3.04 3.25 -45.90
N SER A 102 2.40 2.15 -46.25
CA SER A 102 1.17 2.16 -47.07
C SER A 102 0.30 0.96 -46.77
N GLY A 103 -1.00 1.05 -47.11
CA GLY A 103 -2.03 -0.01 -46.95
C GLY A 103 -2.40 -0.22 -45.49
N ASN A 104 -2.69 -1.45 -45.13
CA ASN A 104 -3.25 -1.77 -43.79
C ASN A 104 -2.22 -1.30 -42.74
N PHE A 105 -2.69 -0.64 -41.70
CA PHE A 105 -1.86 -0.19 -40.56
C PHE A 105 -0.93 0.92 -40.97
N SER A 106 -1.24 1.70 -42.02
CA SER A 106 -0.46 2.90 -42.39
C SER A 106 -1.01 4.18 -41.78
N TRP A 107 -2.12 4.11 -41.03
CA TRP A 107 -2.74 5.32 -40.45
C TRP A 107 -3.66 4.92 -39.29
N ALA A 108 -4.07 5.92 -38.53
CA ALA A 108 -5.11 5.77 -37.51
C ALA A 108 -5.94 7.04 -37.51
N THR A 109 -7.13 7.02 -36.91
CA THR A 109 -8.01 8.21 -36.83
C THR A 109 -7.31 9.29 -36.00
N SER A 110 -7.24 10.49 -36.52
CA SER A 110 -6.61 11.67 -35.85
C SER A 110 -7.71 12.63 -35.39
N PHE A 111 -8.07 12.54 -34.12
CA PHE A 111 -9.13 13.39 -33.52
C PHE A 111 -8.54 14.76 -33.32
N PRO A 112 -9.37 15.78 -33.01
CA PRO A 112 -8.83 17.06 -32.56
C PRO A 112 -7.90 16.89 -31.36
N MET A 113 -7.09 17.91 -31.10
CA MET A 113 -6.27 17.90 -29.87
C MET A 113 -7.22 17.93 -28.67
N PRO A 114 -6.74 17.45 -27.49
CA PRO A 114 -7.55 17.49 -26.28
C PRO A 114 -8.18 18.87 -26.02
N ILE A 115 -7.44 19.93 -26.29
CA ILE A 115 -7.92 21.30 -25.96
C ILE A 115 -9.22 21.57 -26.74
N THR A 116 -9.32 21.09 -27.95
CA THR A 116 -10.54 21.27 -28.80
C THR A 116 -11.60 20.25 -28.37
N MET A 117 -11.17 19.03 -28.07
CA MET A 117 -12.13 17.99 -27.61
C MET A 117 -12.84 18.53 -26.35
N MET A 118 -12.12 19.12 -25.40
CA MET A 118 -12.71 19.58 -24.12
C MET A 118 -13.69 20.76 -24.38
N ALA A 119 -13.38 21.61 -25.35
CA ALA A 119 -14.19 22.83 -25.62
C ALA A 119 -15.63 22.46 -26.03
N ALA A 120 -15.86 21.22 -26.43
CA ALA A 120 -17.21 20.69 -26.71
C ALA A 120 -18.08 20.62 -25.45
N LEU A 121 -17.47 20.55 -24.26
CA LEU A 121 -18.15 20.36 -22.95
C LEU A 121 -19.11 19.16 -23.05
N ASN A 122 -18.65 18.12 -23.70
CA ASN A 122 -19.41 16.87 -23.91
C ASN A 122 -18.63 15.68 -23.32
N LYS A 123 -18.96 15.26 -22.11
CA LYS A 123 -18.11 14.22 -21.45
C LYS A 123 -18.30 12.91 -22.22
N THR A 124 -19.47 12.68 -22.82
CA THR A 124 -19.71 11.44 -23.56
C THR A 124 -18.79 11.37 -24.79
N LEU A 125 -18.55 12.52 -25.41
CA LEU A 125 -17.66 12.61 -26.58
C LEU A 125 -16.23 12.13 -26.19
N ILE A 126 -15.74 12.60 -25.07
CA ILE A 126 -14.36 12.24 -24.66
C ILE A 126 -14.30 10.73 -24.48
N HIS A 127 -15.32 10.15 -23.80
CA HIS A 127 -15.38 8.71 -23.58
C HIS A 127 -15.43 7.97 -24.91
N GLN A 128 -16.31 8.42 -25.82
CA GLN A 128 -16.45 7.67 -27.08
C GLN A 128 -15.12 7.71 -27.87
N ILE A 129 -14.46 8.86 -27.89
CA ILE A 129 -13.16 8.99 -28.57
C ILE A 129 -12.18 8.00 -27.91
N GLY A 130 -12.09 7.99 -26.59
CA GLY A 130 -11.22 7.02 -25.93
C GLY A 130 -11.51 5.60 -26.32
N THR A 131 -12.79 5.21 -26.47
CA THR A 131 -13.16 3.81 -26.81
C THR A 131 -12.65 3.48 -28.21
N ILE A 132 -12.77 4.41 -29.15
CA ILE A 132 -12.25 4.22 -30.54
C ILE A 132 -10.71 4.16 -30.54
N VAL A 133 -10.05 5.06 -29.84
CA VAL A 133 -8.55 5.03 -29.71
C VAL A 133 -8.12 3.67 -29.11
N SER A 134 -8.81 3.22 -28.07
N SER A 134 -8.77 3.12 -28.08
CA SER A 134 -8.49 1.95 -27.39
CA SER A 134 -8.28 1.85 -27.47
C SER A 134 -8.60 0.79 -28.40
C SER A 134 -8.62 0.66 -28.37
N THR A 135 -9.73 0.74 -29.13
CA THR A 135 -9.97 -0.28 -30.18
C THR A 135 -8.90 -0.23 -31.26
N GLN A 136 -8.53 0.94 -31.75
CA GLN A 136 -7.46 1.07 -32.77
C GLN A 136 -6.11 0.67 -32.19
N LEU A 137 -5.82 0.98 -30.91
CA LEU A 137 -4.53 0.52 -30.32
C LEU A 137 -4.45 -1.01 -30.31
N ARG A 138 -5.55 -1.65 -29.92
CA ARG A 138 -5.65 -3.13 -29.86
C ARG A 138 -5.48 -3.71 -31.29
N ALA A 139 -6.01 -3.03 -32.31
CA ALA A 139 -5.80 -3.53 -33.69
C ALA A 139 -4.29 -3.55 -33.99
N PHE A 140 -3.57 -2.48 -33.66
CA PHE A 140 -2.10 -2.39 -33.92
C PHE A 140 -1.39 -3.47 -33.07
N SER A 141 -1.80 -3.64 -31.82
CA SER A 141 -1.22 -4.70 -30.96
C SER A 141 -1.36 -6.09 -31.60
N ASN A 142 -2.56 -6.46 -32.03
CA ASN A 142 -2.81 -7.80 -32.60
C ASN A 142 -2.01 -8.00 -33.89
N ALA A 143 -1.68 -6.93 -34.60
CA ALA A 143 -0.87 -6.98 -35.82
C ALA A 143 0.64 -7.08 -35.52
N GLY A 144 1.04 -7.02 -34.24
CA GLY A 144 2.45 -7.04 -33.80
C GLY A 144 3.13 -5.68 -33.92
N LEU A 145 2.34 -4.60 -33.97
CA LEU A 145 2.80 -3.23 -34.27
C LEU A 145 2.72 -2.29 -33.07
N GLY A 146 2.43 -2.80 -31.88
CA GLY A 146 2.40 -1.93 -30.71
C GLY A 146 2.22 -2.76 -29.48
N GLY A 147 2.33 -2.13 -28.33
CA GLY A 147 2.05 -2.71 -27.02
C GLY A 147 0.62 -2.47 -26.59
N VAL A 148 0.35 -2.64 -25.30
CA VAL A 148 -1.02 -2.50 -24.74
C VAL A 148 -1.01 -1.48 -23.59
N ASP A 149 -0.04 -0.59 -23.56
CA ASP A 149 -0.08 0.57 -22.63
C ASP A 149 0.30 1.84 -23.39
N VAL A 150 -0.29 2.96 -22.99
CA VAL A 150 0.05 4.27 -23.59
C VAL A 150 0.34 5.29 -22.51
N TYR A 151 1.24 6.19 -22.83
CA TYR A 151 1.52 7.38 -21.99
C TYR A 151 0.48 8.47 -22.24
N SER A 152 -0.78 8.15 -22.00
CA SER A 152 -1.91 9.10 -22.20
C SER A 152 -3.00 8.77 -21.19
N PRO A 153 -3.81 9.72 -20.72
CA PRO A 153 -3.80 11.12 -21.15
C PRO A 153 -2.93 12.13 -20.39
N ASN A 154 -2.71 13.27 -21.02
CA ASN A 154 -2.09 14.45 -20.35
C ASN A 154 -3.19 15.14 -19.56
N ILE A 155 -3.07 15.12 -18.24
CA ILE A 155 -4.08 15.78 -17.41
C ILE A 155 -3.41 16.82 -16.51
N ASN A 156 -2.26 17.31 -16.93
CA ASN A 156 -1.87 18.64 -16.44
C ASN A 156 -2.88 19.67 -16.91
N THR A 157 -2.93 20.80 -16.21
CA THR A 157 -3.75 21.95 -16.62
C THR A 157 -2.88 23.00 -17.31
N PHE A 158 -3.48 23.72 -18.21
CA PHE A 158 -2.88 24.83 -18.98
C PHE A 158 -2.89 26.06 -18.09
N ARG A 159 -2.06 26.03 -17.04
CA ARG A 159 -2.05 27.04 -15.96
C ARG A 159 -1.57 28.39 -16.52
N HIS A 160 -0.46 28.39 -17.24
CA HIS A 160 0.10 29.63 -17.85
C HIS A 160 0.00 29.59 -19.36
N PRO A 161 -0.50 30.68 -19.99
CA PRO A 161 -0.80 30.68 -21.40
C PRO A 161 0.39 30.47 -22.34
N VAL A 162 1.64 30.68 -21.90
CA VAL A 162 2.80 30.47 -22.81
C VAL A 162 3.10 28.97 -23.03
N TRP A 163 2.53 28.06 -22.23
CA TRP A 163 3.05 26.68 -22.25
C TRP A 163 2.91 26.06 -23.64
N GLY A 164 4.02 25.54 -24.14
CA GLY A 164 4.05 24.86 -25.44
C GLY A 164 3.29 23.55 -25.52
N ARG A 165 2.85 23.01 -24.38
CA ARG A 165 2.12 21.71 -24.39
C ARG A 165 0.72 21.91 -23.82
N GLY A 166 0.30 23.13 -23.54
CA GLY A 166 -1.09 23.37 -23.11
C GLY A 166 -2.08 22.83 -24.11
N GLN A 167 -1.74 22.84 -25.40
CA GLN A 167 -2.53 22.22 -26.50
C GLN A 167 -2.93 20.78 -26.19
N GLU A 168 -2.11 20.05 -25.42
CA GLU A 168 -2.30 18.62 -25.12
C GLU A 168 -3.31 18.41 -23.99
N THR A 169 -3.73 19.47 -23.35
CA THR A 169 -4.46 19.43 -22.06
C THR A 169 -5.93 19.76 -22.29
N PRO A 170 -6.79 19.47 -21.28
CA PRO A 170 -8.18 19.93 -21.34
C PRO A 170 -8.38 21.35 -20.83
N GLY A 171 -7.33 22.16 -20.79
CA GLY A 171 -7.46 23.57 -20.41
C GLY A 171 -7.00 23.87 -19.00
N GLU A 172 -7.34 25.08 -18.51
CA GLU A 172 -6.78 25.58 -17.26
C GLU A 172 -7.58 25.13 -16.03
N ASP A 173 -8.76 24.53 -16.18
CA ASP A 173 -9.62 24.20 -15.02
C ASP A 173 -9.39 22.76 -14.54
N ALA A 174 -9.22 22.58 -13.24
CA ALA A 174 -9.00 21.24 -12.64
C ALA A 174 -10.26 20.38 -12.69
N PHE A 175 -11.49 20.93 -12.56
CA PHE A 175 -12.74 20.11 -12.63
C PHE A 175 -12.86 19.52 -14.04
N LEU A 176 -12.77 20.36 -15.07
CA LEU A 176 -12.92 19.88 -16.45
C LEU A 176 -11.82 18.82 -16.72
N THR A 177 -10.60 19.13 -16.35
CA THR A 177 -9.46 18.25 -16.66
C THR A 177 -9.62 16.93 -15.90
N SER A 178 -10.18 16.94 -14.69
CA SER A 178 -10.45 15.71 -13.92
C SER A 178 -11.48 14.86 -14.65
N VAL A 179 -12.56 15.48 -15.14
CA VAL A 179 -13.62 14.73 -15.86
C VAL A 179 -13.06 14.18 -17.16
N TYR A 180 -12.31 14.98 -17.93
CA TYR A 180 -11.65 14.51 -19.17
C TYR A 180 -10.84 13.26 -18.84
N GLY A 181 -10.01 13.35 -17.84
CA GLY A 181 -9.16 12.22 -17.40
C GLY A 181 -9.97 11.00 -17.08
N TYR A 182 -11.03 11.18 -16.32
CA TYR A 182 -11.86 10.02 -15.91
C TYR A 182 -12.46 9.38 -17.17
N GLU A 183 -13.04 10.17 -18.06
CA GLU A 183 -13.72 9.60 -19.24
C GLU A 183 -12.71 8.93 -20.17
N TYR A 184 -11.54 9.55 -20.41
CA TYR A 184 -10.56 9.02 -21.38
C TYR A 184 -9.89 7.77 -20.80
N ILE A 185 -9.58 7.80 -19.49
CA ILE A 185 -8.91 6.63 -18.85
C ILE A 185 -9.86 5.44 -18.82
N THR A 186 -11.10 5.64 -18.34
CA THR A 186 -12.06 4.49 -18.27
C THR A 186 -12.32 3.96 -19.68
N ALA A 187 -12.40 4.80 -20.68
CA ALA A 187 -12.52 4.34 -22.08
C ALA A 187 -11.28 3.53 -22.48
N LEU A 188 -10.06 4.05 -22.28
CA LEU A 188 -8.83 3.32 -22.66
C LEU A 188 -8.80 1.93 -22.00
N GLN A 189 -9.06 1.86 -20.69
CA GLN A 189 -8.88 0.64 -19.88
C GLN A 189 -10.07 -0.31 -20.11
N GLY A 190 -11.15 0.16 -20.69
CA GLY A 190 -12.32 -0.70 -20.96
C GLY A 190 -13.20 -0.86 -19.74
N GLY A 191 -13.24 0.13 -18.88
CA GLY A 191 -14.14 0.14 -17.72
C GLY A 191 -13.47 0.70 -16.50
N VAL A 192 -14.10 0.52 -15.36
CA VAL A 192 -13.60 0.98 -14.04
C VAL A 192 -13.08 -0.28 -13.36
N ASP A 193 -11.77 -0.45 -13.22
CA ASP A 193 -11.13 -1.71 -12.73
C ASP A 193 -11.84 -2.91 -13.34
N PRO A 194 -11.76 -3.07 -14.67
CA PRO A 194 -12.46 -4.12 -15.39
C PRO A 194 -11.76 -5.46 -15.16
N GLU A 195 -12.43 -6.53 -15.52
CA GLU A 195 -11.91 -7.91 -15.42
C GLU A 195 -10.65 -8.06 -16.28
N THR A 196 -10.75 -7.64 -17.53
CA THR A 196 -9.61 -7.60 -18.48
C THR A 196 -9.38 -6.15 -18.85
N LEU A 197 -8.15 -5.66 -18.62
CA LEU A 197 -7.73 -4.32 -19.11
C LEU A 197 -7.67 -4.36 -20.65
N LYS A 198 -8.23 -3.33 -21.25
CA LYS A 198 -8.16 -3.18 -22.74
C LYS A 198 -6.82 -2.52 -23.11
N ILE A 199 -6.61 -1.26 -22.75
CA ILE A 199 -5.31 -0.57 -22.86
C ILE A 199 -5.01 0.04 -21.49
N ILE A 200 -3.84 -0.25 -20.98
CA ILE A 200 -3.30 0.36 -19.75
C ILE A 200 -3.09 1.84 -20.04
N ALA A 201 -3.73 2.72 -19.29
CA ALA A 201 -3.57 4.19 -19.41
C ALA A 201 -2.53 4.67 -18.41
N THR A 202 -1.97 5.84 -18.72
CA THR A 202 -0.97 6.49 -17.87
C THR A 202 -1.35 7.93 -17.67
N ALA A 203 -1.80 8.31 -16.48
CA ALA A 203 -2.00 9.74 -16.14
C ALA A 203 -0.64 10.43 -16.11
N LYS A 204 -0.48 11.50 -16.90
CA LYS A 204 0.80 12.25 -16.89
C LYS A 204 0.49 13.73 -16.87
N HIS A 205 1.40 14.59 -16.39
CA HIS A 205 2.70 14.33 -15.86
C HIS A 205 2.70 14.75 -14.38
N TYR A 206 2.94 13.81 -13.49
CA TYR A 206 2.76 14.01 -12.02
C TYR A 206 4.08 14.46 -11.42
N ALA A 207 4.18 15.72 -10.93
CA ALA A 207 3.18 16.78 -10.86
C ALA A 207 3.90 18.14 -10.92
N GLY A 208 3.14 19.22 -11.08
CA GLY A 208 3.73 20.57 -11.08
C GLY A 208 4.41 20.88 -12.40
N TYR A 209 4.02 20.20 -13.48
CA TYR A 209 4.66 20.25 -14.81
C TYR A 209 3.73 21.05 -15.74
N ASP A 210 4.13 22.25 -16.10
CA ASP A 210 3.31 23.14 -16.95
C ASP A 210 4.14 24.25 -17.62
N ILE A 211 5.46 24.03 -17.74
CA ILE A 211 6.42 24.96 -18.39
C ILE A 211 7.44 24.07 -19.13
N GLU A 212 7.84 24.46 -20.35
CA GLU A 212 8.87 23.72 -21.12
C GLU A 212 10.23 24.39 -20.99
N SER A 213 10.28 25.70 -21.16
CA SER A 213 11.52 26.38 -21.60
C SER A 213 11.49 27.91 -21.39
N TRP A 214 10.37 28.47 -20.98
CA TRP A 214 10.15 29.95 -20.96
C TRP A 214 11.38 30.65 -20.33
N ASN A 215 11.87 31.72 -20.99
CA ASN A 215 13.03 32.52 -20.52
C ASN A 215 14.19 31.60 -20.14
N ASN A 216 14.41 30.53 -20.92
CA ASN A 216 15.52 29.54 -20.79
C ASN A 216 15.35 28.67 -19.54
N HIS A 217 14.18 28.65 -18.87
CA HIS A 217 13.94 27.78 -17.69
C HIS A 217 13.51 26.38 -18.18
N SER A 218 14.46 25.54 -18.49
CA SER A 218 14.16 24.17 -18.98
C SER A 218 13.39 23.39 -17.91
N ARG A 219 12.37 22.68 -18.36
CA ARG A 219 11.65 21.65 -17.58
C ARG A 219 12.61 20.65 -16.94
N LEU A 220 13.75 20.36 -17.59
CA LEU A 220 14.65 19.29 -17.10
C LEU A 220 15.37 19.69 -15.80
N GLY A 221 15.48 21.01 -15.56
CA GLY A 221 16.16 21.57 -14.38
C GLY A 221 15.25 22.42 -13.53
N ASN A 222 13.97 22.56 -13.88
CA ASN A 222 13.06 23.49 -13.16
C ASN A 222 12.76 22.96 -11.79
N ASP A 223 12.87 23.79 -10.76
CA ASP A 223 12.50 23.43 -9.37
C ASP A 223 11.34 24.34 -8.97
N MET A 224 10.09 23.88 -9.12
CA MET A 224 8.87 24.70 -8.94
C MET A 224 8.43 24.74 -7.47
N GLN A 225 8.22 25.95 -6.95
CA GLN A 225 7.86 26.19 -5.54
C GLN A 225 6.33 26.28 -5.49
N ILE A 226 5.71 25.31 -4.82
CA ILE A 226 4.23 25.21 -4.78
C ILE A 226 3.81 25.06 -3.32
N THR A 227 2.83 25.85 -2.88
CA THR A 227 2.36 25.70 -1.48
C THR A 227 1.63 24.37 -1.37
N GLN A 228 1.58 23.79 -0.16
CA GLN A 228 0.78 22.56 0.01
C GLN A 228 -0.70 22.89 -0.33
N GLN A 229 -1.19 24.09 0.02
CA GLN A 229 -2.60 24.45 -0.26
C GLN A 229 -2.83 24.36 -1.78
N GLU A 230 -2.00 24.97 -2.62
CA GLU A 230 -2.21 24.97 -4.08
C GLU A 230 -1.85 23.61 -4.70
N LEU A 231 -0.91 22.88 -4.15
CA LEU A 231 -0.61 21.50 -4.64
C LEU A 231 -1.85 20.63 -4.49
N SER A 232 -2.51 20.73 -3.35
CA SER A 232 -3.74 19.98 -3.02
C SER A 232 -4.94 20.53 -3.82
N GLU A 233 -5.10 21.86 -3.91
CA GLU A 233 -6.36 22.46 -4.46
C GLU A 233 -6.38 22.39 -5.99
N TYR A 234 -5.23 22.46 -6.68
CA TYR A 234 -5.13 22.72 -8.13
C TYR A 234 -4.21 21.76 -8.88
N TYR A 235 -2.98 21.55 -8.42
CA TYR A 235 -1.96 20.80 -9.18
C TYR A 235 -2.13 19.29 -9.06
N THR A 236 -2.90 18.78 -8.11
CA THR A 236 -3.10 17.32 -7.99
C THR A 236 -4.52 16.81 -8.21
N PRO A 237 -5.65 17.53 -8.07
CA PRO A 237 -6.97 16.91 -8.24
C PRO A 237 -7.17 16.03 -9.47
N PRO A 238 -6.72 16.40 -10.69
CA PRO A 238 -6.94 15.52 -11.85
C PRO A 238 -6.29 14.13 -11.62
N PHE A 239 -5.15 14.12 -10.97
CA PHE A 239 -4.43 12.87 -10.61
C PHE A 239 -5.17 12.11 -9.50
N ILE A 240 -5.73 12.82 -8.51
CA ILE A 240 -6.54 12.19 -7.44
C ILE A 240 -7.70 11.49 -8.12
N VAL A 241 -8.39 12.15 -9.03
CA VAL A 241 -9.54 11.51 -9.75
C VAL A 241 -9.06 10.34 -10.58
N ALA A 242 -7.98 10.52 -11.35
CA ALA A 242 -7.46 9.45 -12.20
C ALA A 242 -7.16 8.20 -11.36
N SER A 243 -6.48 8.38 -10.23
CA SER A 243 -6.07 7.27 -9.31
C SER A 243 -7.29 6.66 -8.60
N ARG A 244 -8.05 7.50 -7.90
CA ARG A 244 -9.13 7.04 -6.96
C ARG A 244 -10.37 6.57 -7.69
N ASP A 245 -10.78 7.32 -8.71
CA ASP A 245 -12.10 7.19 -9.39
C ASP A 245 -11.97 6.42 -10.69
N ALA A 246 -11.06 6.81 -11.60
CA ALA A 246 -10.88 6.12 -12.89
C ALA A 246 -10.11 4.83 -12.74
N LYS A 247 -9.43 4.66 -11.60
CA LYS A 247 -8.62 3.45 -11.29
C LYS A 247 -7.55 3.26 -12.38
N VAL A 248 -6.88 4.32 -12.75
CA VAL A 248 -5.78 4.32 -13.75
C VAL A 248 -4.69 3.32 -13.27
N ARG A 249 -4.09 2.58 -14.18
CA ARG A 249 -3.08 1.59 -13.78
C ARG A 249 -1.64 2.10 -13.84
N SER A 250 -1.42 3.29 -14.39
CA SER A 250 -0.06 3.86 -14.47
C SER A 250 -0.11 5.35 -14.29
N VAL A 251 0.94 5.89 -13.68
CA VAL A 251 1.17 7.33 -13.57
C VAL A 251 2.59 7.61 -14.08
N MET A 252 2.77 8.70 -14.79
CA MET A 252 4.12 9.10 -15.26
C MET A 252 4.58 10.27 -14.37
N CYS A 253 5.73 10.07 -13.73
CA CYS A 253 6.38 11.14 -12.92
C CYS A 253 7.10 12.09 -13.86
N SER A 254 6.97 13.39 -13.57
CA SER A 254 7.39 14.48 -14.46
C SER A 254 8.90 14.77 -14.39
N TYR A 255 9.40 15.52 -15.37
CA TYR A 255 10.84 15.90 -15.48
C TYR A 255 11.23 16.84 -14.36
N ASN A 256 10.32 17.73 -13.96
CA ASN A 256 10.68 18.84 -13.05
C ASN A 256 10.77 18.37 -11.60
N ALA A 257 11.34 19.22 -10.77
CA ALA A 257 11.30 19.12 -9.31
C ALA A 257 10.19 20.04 -8.78
N VAL A 258 9.69 19.65 -7.62
CA VAL A 258 8.75 20.48 -6.83
C VAL A 258 9.30 20.56 -5.41
N ASN A 259 9.44 21.80 -4.92
CA ASN A 259 9.87 22.06 -3.53
C ASN A 259 11.18 21.30 -3.27
N GLY A 260 12.10 21.31 -4.27
CA GLY A 260 13.47 20.81 -4.09
C GLY A 260 13.69 19.37 -4.58
N VAL A 261 12.62 18.67 -4.96
CA VAL A 261 12.73 17.21 -5.23
C VAL A 261 12.16 16.84 -6.60
N PRO A 262 12.98 16.23 -7.50
CA PRO A 262 12.48 15.73 -8.79
C PRO A 262 11.33 14.74 -8.55
N SER A 263 10.28 14.86 -9.38
CA SER A 263 9.07 14.05 -9.17
C SER A 263 9.43 12.54 -9.05
N CYS A 264 10.32 12.04 -9.91
CA CYS A 264 10.59 10.58 -9.96
C CYS A 264 11.41 10.08 -8.76
N ALA A 265 12.00 10.99 -7.98
CA ALA A 265 12.72 10.68 -6.72
C ALA A 265 11.93 11.24 -5.51
N ASN A 266 10.66 11.59 -5.72
CA ASN A 266 9.79 12.30 -4.74
C ASN A 266 8.93 11.30 -3.97
N LYS A 267 9.43 10.85 -2.84
CA LYS A 267 8.73 9.88 -1.99
C LYS A 267 7.38 10.49 -1.55
N PHE A 268 7.33 11.78 -1.22
CA PHE A 268 6.03 12.39 -0.80
C PHE A 268 5.03 12.22 -1.94
N PHE A 269 5.42 12.54 -3.19
CA PHE A 269 4.48 12.42 -4.33
C PHE A 269 4.12 10.97 -4.56
N LEU A 270 5.08 10.07 -4.68
CA LEU A 270 4.78 8.70 -5.21
C LEU A 270 4.21 7.82 -4.12
N GLN A 271 4.79 7.86 -2.94
CA GLN A 271 4.34 6.99 -1.82
C GLN A 271 3.33 7.70 -0.94
N THR A 272 3.68 8.79 -0.31
CA THR A 272 2.79 9.38 0.73
C THR A 272 1.46 9.84 0.08
N LEU A 273 1.52 10.52 -1.06
CA LEU A 273 0.31 10.99 -1.79
C LEU A 273 -0.29 9.89 -2.68
N LEU A 274 0.38 9.52 -3.81
CA LEU A 274 -0.29 8.70 -4.82
C LEU A 274 -0.72 7.37 -4.19
N ARG A 275 0.18 6.65 -3.52
CA ARG A 275 -0.12 5.29 -3.06
C ARG A 275 -0.93 5.39 -1.74
N ASP A 276 -0.53 6.22 -0.79
CA ASP A 276 -1.08 6.14 0.58
C ASP A 276 -2.29 7.04 0.73
N THR A 277 -2.51 8.01 -0.16
CA THR A 277 -3.61 9.01 -0.03
C THR A 277 -4.64 8.85 -1.16
N PHE A 278 -4.16 8.67 -2.39
CA PHE A 278 -5.02 8.70 -3.59
C PHE A 278 -5.49 7.31 -4.04
N GLU A 279 -5.30 6.28 -3.24
N GLU A 279 -5.23 6.28 -3.25
CA GLU A 279 -5.83 4.92 -3.53
CA GLU A 279 -5.81 4.93 -3.49
C GLU A 279 -5.37 4.46 -4.92
C GLU A 279 -5.28 4.31 -4.78
N PHE A 280 -4.13 4.74 -5.29
CA PHE A 280 -3.56 4.13 -6.52
C PHE A 280 -3.61 2.61 -6.43
N SER A 281 -4.03 1.98 -7.53
CA SER A 281 -4.12 0.50 -7.71
C SER A 281 -2.94 -0.16 -6.99
N GLU A 282 -3.22 -1.23 -6.22
CA GLU A 282 -2.15 -1.94 -5.52
C GLU A 282 -1.15 -2.51 -6.54
N ASP A 283 -1.59 -2.76 -7.77
CA ASP A 283 -0.74 -3.31 -8.85
C ASP A 283 -0.25 -2.19 -9.78
N GLY A 284 -0.61 -0.94 -9.57
CA GLY A 284 -0.23 0.14 -10.48
C GLY A 284 1.25 0.37 -10.54
N TYR A 285 1.74 0.89 -11.66
CA TYR A 285 3.20 1.16 -11.83
C TYR A 285 3.36 2.59 -12.29
N VAL A 286 4.43 3.18 -11.79
CA VAL A 286 4.89 4.53 -12.16
C VAL A 286 5.99 4.40 -13.21
N SER A 287 5.80 5.11 -14.33
CA SER A 287 6.87 5.31 -15.35
C SER A 287 7.53 6.66 -15.20
N GLY A 288 8.86 6.74 -15.23
CA GLY A 288 9.46 8.05 -15.40
C GLY A 288 9.16 8.60 -16.78
N ASP A 289 9.11 9.93 -16.90
CA ASP A 289 9.12 10.57 -18.22
C ASP A 289 10.47 10.24 -18.88
N CYS A 290 10.57 10.45 -20.18
CA CYS A 290 11.68 9.89 -21.02
C CYS A 290 12.97 10.68 -20.82
N GLY A 291 13.88 10.12 -20.01
CA GLY A 291 15.08 10.84 -19.52
C GLY A 291 14.93 11.34 -18.09
N ALA A 292 13.74 11.27 -17.50
CA ALA A 292 13.50 11.96 -16.20
C ALA A 292 14.44 11.37 -15.13
N VAL A 293 14.61 10.09 -15.05
CA VAL A 293 15.51 9.47 -14.03
C VAL A 293 16.91 10.06 -14.22
N TYR A 294 17.38 10.11 -15.47
CA TYR A 294 18.72 10.73 -15.75
C TYR A 294 18.75 12.14 -15.20
N ASN A 295 17.67 12.91 -15.37
CA ASN A 295 17.63 14.34 -14.95
C ASN A 295 17.72 14.46 -13.43
N VAL A 296 17.36 13.41 -12.66
CA VAL A 296 17.48 13.46 -11.18
C VAL A 296 18.95 13.80 -10.87
N TRP A 297 19.86 13.26 -11.68
CA TRP A 297 21.30 13.64 -11.60
C TRP A 297 21.59 14.88 -12.44
N ASN A 298 21.38 14.84 -13.73
CA ASN A 298 21.79 15.91 -14.65
C ASN A 298 20.57 16.43 -15.38
N PRO A 299 20.08 17.64 -15.11
CA PRO A 299 20.79 18.69 -14.38
C PRO A 299 20.34 19.01 -12.93
N HIS A 300 19.38 18.27 -12.37
CA HIS A 300 18.84 18.63 -11.04
C HIS A 300 19.94 18.56 -9.98
N GLY A 301 20.86 17.60 -10.05
CA GLY A 301 21.87 17.46 -8.97
C GLY A 301 21.27 16.96 -7.68
N TYR A 302 20.05 16.39 -7.70
CA TYR A 302 19.46 15.78 -6.50
C TYR A 302 20.27 14.54 -6.09
N ALA A 303 20.73 13.78 -7.08
CA ALA A 303 21.70 12.66 -6.94
C ALA A 303 23.03 13.07 -7.61
N SER A 304 24.13 12.45 -7.18
N SER A 304 24.12 12.43 -7.24
CA SER A 304 25.49 12.86 -7.58
CA SER A 304 25.48 12.86 -7.64
C SER A 304 25.88 12.20 -8.92
C SER A 304 26.00 12.06 -8.84
N ASN A 305 25.24 11.08 -9.31
CA ASN A 305 25.59 10.36 -10.55
C ASN A 305 24.38 9.51 -10.99
N GLU A 306 24.49 8.88 -12.15
CA GLU A 306 23.29 8.23 -12.73
C GLU A 306 22.89 6.96 -11.95
N ALA A 307 23.83 6.23 -11.38
CA ALA A 307 23.50 5.05 -10.53
C ALA A 307 22.70 5.52 -9.31
N ALA A 308 23.13 6.57 -8.63
CA ALA A 308 22.44 7.11 -7.44
C ALA A 308 21.07 7.67 -7.85
N ALA A 309 20.96 8.30 -9.03
CA ALA A 309 19.68 8.78 -9.55
C ALA A 309 18.73 7.58 -9.71
N SER A 310 19.23 6.50 -10.26
CA SER A 310 18.44 5.27 -10.49
C SER A 310 17.94 4.69 -9.17
N ALA A 311 18.85 4.55 -8.21
CA ALA A 311 18.52 4.01 -6.88
C ALA A 311 17.51 4.93 -6.17
N ASP A 312 17.73 6.23 -6.15
CA ASP A 312 16.78 7.16 -5.46
C ASP A 312 15.40 7.04 -6.13
N SER A 313 15.35 6.96 -7.46
CA SER A 313 14.05 6.89 -8.17
C SER A 313 13.35 5.55 -7.89
N ILE A 314 14.06 4.45 -7.93
CA ILE A 314 13.48 3.12 -7.57
C ILE A 314 12.93 3.17 -6.14
N LEU A 315 13.70 3.69 -5.18
CA LEU A 315 13.31 3.61 -3.77
C LEU A 315 12.11 4.53 -3.50
N ALA A 316 11.97 5.63 -4.25
CA ALA A 316 10.83 6.56 -4.12
C ALA A 316 9.58 5.90 -4.68
N GLY A 317 9.72 5.03 -5.67
CA GLY A 317 8.63 4.27 -6.28
C GLY A 317 8.44 4.51 -7.76
N THR A 318 9.49 4.87 -8.50
CA THR A 318 9.47 4.88 -9.96
C THR A 318 9.80 3.46 -10.44
N ASP A 319 8.81 2.76 -10.97
CA ASP A 319 8.85 1.31 -11.29
C ASP A 319 9.57 1.01 -12.61
N ILE A 320 9.31 1.84 -13.62
CA ILE A 320 9.88 1.67 -14.98
C ILE A 320 10.51 3.01 -15.40
N ASP A 321 11.72 2.95 -15.97
CA ASP A 321 12.43 4.13 -16.48
C ASP A 321 12.13 4.26 -17.99
N CYS A 322 11.50 5.34 -18.42
CA CYS A 322 11.58 5.70 -19.86
C CYS A 322 12.96 6.32 -20.06
N GLY A 323 13.87 5.53 -20.61
CA GLY A 323 15.28 5.90 -20.72
C GLY A 323 16.14 4.68 -20.61
N THR A 324 17.43 4.90 -20.37
CA THR A 324 18.41 3.80 -20.22
C THR A 324 19.11 3.87 -18.85
N SER A 325 18.62 4.67 -17.91
CA SER A 325 19.24 4.79 -16.58
C SER A 325 19.15 3.46 -15.83
N TYR A 326 17.95 2.92 -15.69
CA TYR A 326 17.80 1.63 -14.97
C TYR A 326 18.55 0.52 -15.72
N GLN A 327 18.38 0.45 -17.04
CA GLN A 327 18.96 -0.69 -17.77
C GLN A 327 20.49 -0.69 -17.65
N TRP A 328 21.11 0.49 -17.66
CA TRP A 328 22.59 0.56 -17.79
C TRP A 328 23.25 0.93 -16.47
N HIS A 329 22.47 1.22 -15.42
CA HIS A 329 23.08 1.70 -14.15
C HIS A 329 22.54 0.95 -12.90
N SER A 330 21.49 0.17 -13.04
N SER A 330 21.53 0.11 -13.01
CA SER A 330 20.90 -0.66 -11.94
CA SER A 330 20.94 -0.56 -11.81
C SER A 330 21.95 -1.59 -11.36
C SER A 330 21.80 -1.76 -11.38
N GLU A 331 22.69 -2.29 -12.22
CA GLU A 331 23.72 -3.26 -11.76
C GLU A 331 24.76 -2.52 -10.88
N ASP A 332 25.26 -1.39 -11.33
CA ASP A 332 26.21 -0.57 -10.56
C ASP A 332 25.55 -0.20 -9.23
N ALA A 333 24.28 0.17 -9.23
CA ALA A 333 23.60 0.58 -7.97
C ALA A 333 23.57 -0.63 -7.03
N PHE A 334 23.24 -1.79 -7.55
CA PHE A 334 23.18 -3.04 -6.73
C PHE A 334 24.58 -3.36 -6.21
N GLU A 335 25.59 -3.26 -7.06
CA GLU A 335 26.94 -3.67 -6.64
C GLU A 335 27.48 -2.66 -5.62
N ASP A 336 26.95 -1.43 -5.55
CA ASP A 336 27.36 -0.38 -4.59
C ASP A 336 26.41 -0.31 -3.37
N SER A 337 25.58 -1.33 -3.20
CA SER A 337 24.67 -1.48 -2.03
C SER A 337 23.69 -0.31 -1.94
N LEU A 338 23.22 0.21 -3.08
CA LEU A 338 22.23 1.32 -3.05
C LEU A 338 20.83 0.78 -3.08
N VAL A 339 20.66 -0.39 -3.66
CA VAL A 339 19.37 -1.09 -3.80
C VAL A 339 19.61 -2.59 -3.63
N SER A 340 18.59 -3.30 -3.24
CA SER A 340 18.52 -4.77 -3.26
C SER A 340 18.04 -5.23 -4.64
N ARG A 341 18.20 -6.52 -4.90
CA ARG A 341 17.52 -7.11 -6.09
C ARG A 341 16.00 -7.00 -5.97
N SER A 342 15.43 -7.24 -4.79
CA SER A 342 13.96 -7.14 -4.59
C SER A 342 13.50 -5.70 -4.94
N ASP A 343 14.25 -4.65 -4.63
CA ASP A 343 13.88 -3.25 -4.97
C ASP A 343 13.69 -3.13 -6.49
N ILE A 344 14.58 -3.75 -7.26
CA ILE A 344 14.60 -3.64 -8.74
C ILE A 344 13.47 -4.49 -9.29
N GLU A 345 13.19 -5.63 -8.67
CA GLU A 345 12.12 -6.52 -9.12
C GLU A 345 10.75 -5.85 -8.93
N ARG A 346 10.56 -5.06 -7.85
CA ARG A 346 9.21 -4.55 -7.45
C ARG A 346 8.54 -3.88 -8.67
N GLY A 347 9.27 -3.06 -9.41
CA GLY A 347 8.68 -2.26 -10.52
C GLY A 347 8.34 -3.15 -11.70
N VAL A 348 9.20 -4.12 -12.02
CA VAL A 348 8.92 -5.03 -13.16
C VAL A 348 7.75 -5.96 -12.81
N ILE A 349 7.62 -6.40 -11.56
CA ILE A 349 6.44 -7.16 -11.13
C ILE A 349 5.16 -6.33 -11.31
N ARG A 350 5.17 -5.06 -10.93
CA ARG A 350 3.98 -4.19 -11.13
C ARG A 350 3.62 -4.08 -12.60
N LEU A 351 4.63 -3.82 -13.46
CA LEU A 351 4.34 -3.74 -14.92
C LEU A 351 3.68 -5.04 -15.39
N TYR A 352 4.29 -6.19 -15.08
CA TYR A 352 3.78 -7.48 -15.58
C TYR A 352 2.47 -7.88 -14.93
N SER A 353 2.15 -7.35 -13.73
CA SER A 353 0.82 -7.60 -13.13
C SER A 353 -0.24 -6.99 -14.06
N ASN A 354 0.03 -5.80 -14.59
CA ASN A 354 -0.92 -5.12 -15.51
C ASN A 354 -0.97 -5.85 -16.84
N LEU A 355 0.17 -6.29 -17.36
CA LEU A 355 0.18 -7.07 -18.61
C LEU A 355 -0.60 -8.37 -18.42
N VAL A 356 -0.44 -9.08 -17.32
CA VAL A 356 -1.29 -10.29 -17.03
C VAL A 356 -2.79 -9.92 -17.02
N GLN A 357 -3.15 -8.78 -16.44
CA GLN A 357 -4.59 -8.39 -16.33
C GLN A 357 -5.12 -7.95 -17.69
N ALA A 358 -4.24 -7.63 -18.64
CA ALA A 358 -4.63 -7.26 -20.00
C ALA A 358 -4.72 -8.52 -20.86
N GLY A 359 -4.53 -9.70 -20.28
CA GLY A 359 -4.60 -10.95 -21.06
C GLY A 359 -3.38 -11.26 -21.89
N TYR A 360 -2.24 -10.62 -21.62
CA TYR A 360 -1.00 -10.78 -22.40
C TYR A 360 -0.53 -12.25 -22.44
N PHE A 361 -0.79 -13.02 -21.38
CA PHE A 361 -0.34 -14.43 -21.25
C PHE A 361 -1.46 -15.42 -21.60
N ASP A 362 -2.64 -14.95 -21.98
CA ASP A 362 -3.87 -15.79 -21.98
C ASP A 362 -4.15 -16.32 -23.40
N GLY A 363 -3.35 -16.04 -24.42
CA GLY A 363 -3.53 -16.66 -25.76
C GLY A 363 -4.57 -15.98 -26.66
N GLU A 364 -4.72 -16.50 -27.89
CA GLU A 364 -5.34 -15.82 -29.04
C GLU A 364 -6.85 -15.68 -28.84
N ASP A 365 -7.45 -16.42 -27.91
CA ASP A 365 -8.91 -16.32 -27.63
C ASP A 365 -9.18 -15.37 -26.46
N ALA A 366 -8.16 -14.73 -25.89
CA ALA A 366 -8.38 -13.79 -24.78
C ALA A 366 -9.17 -12.58 -25.29
N PRO A 367 -9.81 -11.82 -24.39
CA PRO A 367 -10.52 -10.61 -24.80
C PRO A 367 -9.61 -9.65 -25.59
N TYR A 368 -10.17 -9.01 -26.60
CA TYR A 368 -9.59 -7.94 -27.43
C TYR A 368 -8.57 -8.47 -28.44
N ARG A 369 -8.34 -9.79 -28.51
CA ARG A 369 -7.35 -10.36 -29.48
C ARG A 369 -7.98 -10.53 -30.86
N ASP A 370 -9.30 -10.31 -30.96
CA ASP A 370 -10.04 -10.47 -32.22
C ASP A 370 -10.15 -9.14 -33.01
N ILE A 371 -9.55 -8.03 -32.53
CA ILE A 371 -9.66 -6.70 -33.14
C ILE A 371 -8.65 -6.59 -34.29
N THR A 372 -9.13 -6.22 -35.48
CA THR A 372 -8.37 -6.26 -36.74
C THR A 372 -8.33 -4.88 -37.40
N TRP A 373 -7.67 -4.81 -38.54
CA TRP A 373 -7.65 -3.60 -39.39
C TRP A 373 -9.10 -3.21 -39.74
N ASP A 374 -10.01 -4.18 -39.94
CA ASP A 374 -11.48 -4.00 -40.18
C ASP A 374 -12.04 -3.00 -39.12
N ASP A 375 -11.57 -3.09 -37.87
CA ASP A 375 -12.11 -2.29 -36.74
C ASP A 375 -11.56 -0.87 -36.77
N VAL A 376 -10.35 -0.66 -37.28
CA VAL A 376 -9.85 0.71 -37.57
C VAL A 376 -10.74 1.33 -38.65
N LEU A 377 -11.04 0.59 -39.71
CA LEU A 377 -11.82 1.17 -40.83
C LEU A 377 -13.24 1.51 -40.36
N SER A 378 -13.89 0.60 -39.66
CA SER A 378 -15.31 0.75 -39.23
C SER A 378 -15.45 1.86 -38.18
N THR A 379 -14.52 1.96 -37.22
CA THR A 379 -14.57 3.06 -36.22
C THR A 379 -14.22 4.39 -36.85
N ASP A 380 -13.26 4.44 -37.74
CA ASP A 380 -12.96 5.71 -38.45
C ASP A 380 -14.18 6.19 -39.24
N ALA A 381 -14.92 5.26 -39.82
CA ALA A 381 -16.05 5.56 -40.72
C ALA A 381 -17.22 6.14 -39.93
N TRP A 382 -17.22 6.04 -38.59
CA TRP A 382 -18.24 6.72 -37.76
C TRP A 382 -18.10 8.25 -37.85
N ASN A 383 -16.94 8.76 -38.24
CA ASN A 383 -16.81 10.21 -38.47
C ASN A 383 -16.85 10.98 -37.13
N ILE A 384 -16.42 10.35 -36.04
CA ILE A 384 -16.40 11.01 -34.72
C ILE A 384 -15.31 12.08 -34.73
N ALA A 385 -14.29 11.95 -35.56
CA ALA A 385 -13.24 13.00 -35.61
C ALA A 385 -13.86 14.30 -36.13
N TYR A 386 -14.69 14.20 -37.16
CA TYR A 386 -15.48 15.36 -37.68
C TYR A 386 -16.42 15.90 -36.57
N GLU A 387 -17.14 15.02 -35.91
CA GLU A 387 -18.15 15.45 -34.90
C GLU A 387 -17.44 16.20 -33.80
N ALA A 388 -16.27 15.72 -33.36
CA ALA A 388 -15.54 16.34 -32.24
C ALA A 388 -15.15 17.79 -32.63
N ALA A 389 -14.68 17.99 -33.87
CA ALA A 389 -14.28 19.33 -34.38
C ALA A 389 -15.52 20.22 -34.47
N VAL A 390 -16.63 19.70 -34.96
CA VAL A 390 -17.89 20.49 -35.02
C VAL A 390 -18.31 20.92 -33.61
N GLU A 391 -18.14 20.05 -32.62
CA GLU A 391 -18.63 20.37 -31.26
C GLU A 391 -17.65 21.26 -30.51
N GLY A 392 -16.36 21.25 -30.83
CA GLY A 392 -15.32 21.96 -30.03
C GLY A 392 -14.83 23.25 -30.65
N ILE A 393 -15.26 23.58 -31.87
CA ILE A 393 -15.03 24.94 -32.45
C ILE A 393 -15.76 25.98 -31.59
N VAL A 394 -15.14 27.13 -31.31
CA VAL A 394 -15.72 28.16 -30.42
C VAL A 394 -15.99 29.44 -31.21
N LEU A 395 -17.24 29.92 -31.21
CA LEU A 395 -17.57 31.26 -31.81
C LEU A 395 -17.35 32.33 -30.74
N LEU A 396 -16.40 33.25 -30.94
CA LEU A 396 -15.98 34.27 -29.96
C LEU A 396 -16.75 35.58 -30.22
N LYS A 397 -16.91 35.91 -31.48
CA LYS A 397 -17.51 37.20 -31.93
C LYS A 397 -18.43 36.92 -33.11
N ASN A 398 -19.57 37.61 -33.16
CA ASN A 398 -20.47 37.50 -34.33
C ASN A 398 -21.55 38.58 -34.25
N ASP A 399 -21.85 39.19 -35.38
CA ASP A 399 -22.95 40.21 -35.53
C ASP A 399 -24.04 39.70 -36.48
N GLU A 400 -24.34 38.41 -36.56
CA GLU A 400 -25.28 37.89 -37.60
C GLU A 400 -24.61 37.70 -38.97
N THR A 401 -23.34 38.06 -39.17
CA THR A 401 -22.63 37.69 -40.41
C THR A 401 -22.61 36.17 -40.56
N LEU A 402 -22.44 35.41 -39.46
CA LEU A 402 -22.45 33.94 -39.52
C LEU A 402 -23.77 33.48 -38.97
N PRO A 403 -24.38 32.42 -39.51
CA PRO A 403 -23.87 31.72 -40.66
C PRO A 403 -24.06 32.53 -41.96
N LEU A 404 -23.21 32.30 -42.94
CA LEU A 404 -23.20 33.12 -44.19
C LEU A 404 -24.61 33.19 -44.80
N SER A 405 -25.09 34.39 -45.13
CA SER A 405 -26.40 34.51 -45.83
C SER A 405 -26.27 33.89 -47.23
N LYS A 406 -27.40 33.40 -47.77
CA LYS A 406 -27.50 32.75 -49.11
C LYS A 406 -27.07 33.72 -50.22
N ASP A 407 -27.01 35.04 -49.99
CA ASP A 407 -26.58 36.05 -50.99
C ASP A 407 -25.06 35.96 -51.20
N ILE A 408 -24.31 35.27 -50.33
CA ILE A 408 -22.84 35.15 -50.50
C ILE A 408 -22.57 33.96 -51.42
N LYS A 409 -21.95 34.19 -52.58
CA LYS A 409 -21.68 33.12 -53.58
C LYS A 409 -20.17 32.83 -53.65
N SER A 410 -19.35 33.79 -53.25
CA SER A 410 -17.88 33.75 -53.40
C SER A 410 -17.22 34.11 -52.07
N VAL A 411 -16.14 33.39 -51.71
CA VAL A 411 -15.30 33.71 -50.51
C VAL A 411 -13.87 33.85 -50.99
N ALA A 412 -13.17 34.89 -50.50
CA ALA A 412 -11.69 35.00 -50.47
C ALA A 412 -11.20 34.20 -49.25
N VAL A 413 -10.42 33.15 -49.46
CA VAL A 413 -9.86 32.34 -48.34
C VAL A 413 -8.38 32.67 -48.27
N ILE A 414 -7.99 33.35 -47.20
CA ILE A 414 -6.67 33.98 -47.06
C ILE A 414 -6.07 33.47 -45.75
N GLY A 415 -4.73 33.38 -45.74
CA GLY A 415 -3.93 33.37 -44.51
C GLY A 415 -3.17 32.06 -44.34
N PRO A 416 -2.22 32.04 -43.40
CA PRO A 416 -1.27 30.94 -43.29
C PRO A 416 -1.94 29.60 -42.89
N TRP A 417 -3.08 29.65 -42.19
CA TRP A 417 -3.75 28.39 -41.73
C TRP A 417 -4.77 27.93 -42.77
N ALA A 418 -4.85 28.57 -43.93
CA ALA A 418 -5.82 28.11 -44.95
C ALA A 418 -5.36 26.80 -45.63
N ASN A 419 -4.14 26.80 -46.12
CA ASN A 419 -3.60 25.67 -46.91
C ASN A 419 -2.59 24.94 -46.03
N VAL A 420 -3.06 23.89 -45.36
CA VAL A 420 -2.31 23.18 -44.30
C VAL A 420 -2.51 21.67 -44.46
N THR A 421 -1.60 20.91 -43.83
CA THR A 421 -1.68 19.43 -43.73
C THR A 421 -1.59 19.07 -42.24
N GLU A 422 -0.40 18.71 -41.76
CA GLU A 422 -0.24 18.21 -40.37
C GLU A 422 -0.43 19.28 -39.29
N GLU A 423 -0.43 20.57 -39.62
CA GLU A 423 -0.84 21.64 -38.69
C GLU A 423 -2.17 21.29 -38.00
N LEU A 424 -3.11 20.69 -38.72
CA LEU A 424 -4.45 20.31 -38.19
C LEU A 424 -4.30 19.37 -36.96
N GLN A 425 -3.21 18.62 -36.87
CA GLN A 425 -3.05 17.49 -35.90
C GLN A 425 -2.34 17.90 -34.60
N GLY A 426 -1.86 19.12 -34.47
CA GLY A 426 -1.18 19.55 -33.24
C GLY A 426 0.09 18.78 -33.02
N ASN A 427 0.15 17.94 -31.96
CA ASN A 427 1.37 17.13 -31.71
C ASN A 427 0.96 15.71 -31.29
N TYR A 428 1.93 14.84 -31.04
CA TYR A 428 1.66 13.46 -30.56
C TYR A 428 0.64 12.81 -31.46
N PHE A 429 0.87 12.85 -32.78
CA PHE A 429 -0.09 12.27 -33.75
C PHE A 429 0.60 11.24 -34.61
N GLY A 430 -0.19 10.28 -35.07
CA GLY A 430 0.26 9.38 -36.12
C GLY A 430 -0.29 9.81 -37.49
N PRO A 431 0.05 9.06 -38.53
CA PRO A 431 -0.46 9.38 -39.87
C PRO A 431 -1.99 9.21 -39.89
N ALA A 432 -2.63 10.19 -40.53
CA ALA A 432 -4.09 10.31 -40.68
C ALA A 432 -4.48 9.66 -42.00
N PRO A 433 -5.75 9.18 -42.13
CA PRO A 433 -6.25 8.67 -43.39
C PRO A 433 -6.38 9.75 -44.49
N TYR A 434 -6.60 10.99 -44.08
CA TYR A 434 -6.71 12.22 -44.90
C TYR A 434 -6.55 13.43 -43.97
N LEU A 435 -6.27 14.60 -44.55
CA LEU A 435 -6.17 15.86 -43.81
C LEU A 435 -6.94 16.93 -44.59
N ILE A 436 -8.06 17.39 -44.09
CA ILE A 436 -8.90 18.43 -44.78
C ILE A 436 -8.53 19.82 -44.27
N SER A 437 -7.87 20.65 -45.07
CA SER A 437 -7.51 22.04 -44.71
C SER A 437 -8.77 22.91 -44.69
N PRO A 438 -8.75 24.10 -44.06
CA PRO A 438 -9.85 25.05 -44.23
C PRO A 438 -10.12 25.31 -45.72
N LEU A 439 -9.08 25.44 -46.52
CA LEU A 439 -9.21 25.76 -47.98
C LEU A 439 -10.02 24.66 -48.66
N THR A 440 -9.69 23.39 -48.43
CA THR A 440 -10.41 22.24 -49.03
C THR A 440 -11.85 22.20 -48.50
N GLY A 441 -12.08 22.46 -47.22
CA GLY A 441 -13.46 22.55 -46.69
C GLY A 441 -14.30 23.55 -47.48
N PHE A 442 -13.78 24.74 -47.74
CA PHE A 442 -14.53 25.75 -48.53
C PHE A 442 -14.63 25.32 -50.00
N ARG A 443 -13.58 24.77 -50.62
CA ARG A 443 -13.69 24.20 -52.00
C ARG A 443 -14.77 23.13 -52.06
N ASP A 444 -14.99 22.37 -50.98
CA ASP A 444 -16.01 21.29 -50.96
C ASP A 444 -17.42 21.86 -50.66
N SER A 445 -17.54 23.12 -50.23
CA SER A 445 -18.82 23.70 -49.74
C SER A 445 -19.71 24.11 -50.93
N GLY A 446 -19.18 24.16 -52.15
CA GLY A 446 -19.96 24.68 -53.30
C GLY A 446 -20.02 26.22 -53.35
N LEU A 447 -19.39 26.93 -52.41
CA LEU A 447 -19.00 28.35 -52.61
C LEU A 447 -17.87 28.40 -53.63
N ASP A 448 -17.81 29.50 -54.38
CA ASP A 448 -16.66 29.78 -55.29
C ASP A 448 -15.56 30.31 -54.39
N VAL A 449 -14.37 29.74 -54.50
CA VAL A 449 -13.23 30.05 -53.60
C VAL A 449 -12.14 30.77 -54.37
N HIS A 450 -11.71 31.92 -53.85
CA HIS A 450 -10.49 32.62 -54.34
C HIS A 450 -9.47 32.48 -53.21
N TYR A 451 -8.46 31.62 -53.40
CA TYR A 451 -7.39 31.41 -52.40
C TYR A 451 -6.24 32.39 -52.60
N ALA A 452 -5.76 33.00 -51.52
CA ALA A 452 -4.47 33.72 -51.49
C ALA A 452 -3.78 33.49 -50.14
N LEU A 453 -2.54 33.05 -50.17
CA LEU A 453 -1.77 32.90 -48.90
C LEU A 453 -1.81 34.19 -48.08
N GLY A 454 -1.50 35.33 -48.71
CA GLY A 454 -1.51 36.60 -47.97
C GLY A 454 -0.24 36.80 -47.18
N THR A 455 0.00 35.96 -46.16
CA THR A 455 1.25 36.01 -45.39
C THR A 455 1.46 34.60 -44.80
N ASN A 456 2.73 34.31 -44.53
CA ASN A 456 3.15 33.10 -43.78
C ASN A 456 2.90 33.35 -42.31
N LEU A 457 3.03 32.30 -41.49
CA LEU A 457 2.60 32.39 -40.08
C LEU A 457 3.43 33.43 -39.36
N THR A 458 4.75 33.36 -39.50
CA THR A 458 5.73 34.24 -38.85
C THR A 458 6.48 34.94 -39.99
N SER A 459 5.91 36.02 -40.45
CA SER A 459 6.46 36.75 -41.61
C SER A 459 6.66 38.23 -41.28
N HIS A 460 7.75 38.80 -41.77
N HIS A 460 7.74 38.80 -41.82
CA HIS A 460 7.99 40.28 -41.75
CA HIS A 460 8.06 40.25 -41.78
C HIS A 460 7.90 40.81 -43.18
C HIS A 460 7.79 40.87 -43.17
N SER A 461 7.24 40.08 -44.10
CA SER A 461 7.11 40.44 -45.54
C SER A 461 5.67 40.80 -45.90
N THR A 462 5.46 41.88 -46.66
CA THR A 462 4.13 42.26 -47.19
C THR A 462 3.99 41.80 -48.63
N SER A 463 4.88 40.94 -49.13
CA SER A 463 4.95 40.59 -50.58
C SER A 463 3.67 39.88 -51.05
N GLY A 464 2.93 39.22 -50.15
CA GLY A 464 1.69 38.53 -50.56
C GLY A 464 0.43 39.36 -50.29
N PHE A 465 0.53 40.55 -49.68
CA PHE A 465 -0.63 41.37 -49.25
C PHE A 465 -1.46 41.77 -50.47
N GLU A 466 -0.81 42.24 -51.56
CA GLU A 466 -1.55 42.82 -52.73
C GLU A 466 -2.46 41.74 -53.35
N GLU A 467 -1.96 40.52 -53.52
CA GLU A 467 -2.71 39.40 -54.12
C GLU A 467 -3.92 39.03 -53.23
N ALA A 468 -3.76 39.06 -51.91
CA ALA A 468 -4.87 38.78 -50.97
C ALA A 468 -5.89 39.93 -51.01
N LEU A 469 -5.44 41.20 -51.01
CA LEU A 469 -6.39 42.35 -51.07
C LEU A 469 -7.20 42.29 -52.37
N THR A 470 -6.61 41.79 -53.45
CA THR A 470 -7.25 41.64 -54.79
C THR A 470 -8.33 40.53 -54.73
N ALA A 471 -7.99 39.34 -54.24
CA ALA A 471 -8.94 38.22 -54.05
C ALA A 471 -10.10 38.69 -53.17
N ALA A 472 -9.85 39.51 -52.14
CA ALA A 472 -10.88 39.99 -51.19
C ALA A 472 -11.85 40.96 -51.91
N LYS A 473 -11.34 41.86 -52.76
CA LYS A 473 -12.17 42.85 -53.52
C LYS A 473 -13.11 42.13 -54.49
N GLN A 474 -12.65 41.02 -55.09
CA GLN A 474 -13.35 40.17 -56.10
C GLN A 474 -14.45 39.31 -55.47
N ALA A 475 -14.43 39.05 -54.15
CA ALA A 475 -15.37 38.09 -53.51
C ALA A 475 -16.47 38.81 -52.71
N ASP A 476 -17.51 38.08 -52.33
CA ASP A 476 -18.65 38.53 -51.49
C ASP A 476 -18.25 38.57 -50.00
N ALA A 477 -17.30 37.74 -49.57
CA ALA A 477 -16.97 37.57 -48.14
C ALA A 477 -15.52 37.11 -48.01
N ILE A 478 -14.89 37.44 -46.88
CA ILE A 478 -13.45 37.19 -46.66
C ILE A 478 -13.36 36.25 -45.43
N ILE A 479 -12.75 35.07 -45.61
N ILE A 479 -12.69 35.12 -45.57
CA ILE A 479 -12.31 34.14 -44.53
CA ILE A 479 -12.36 34.21 -44.42
C ILE A 479 -10.80 34.27 -44.34
C ILE A 479 -10.84 34.16 -44.28
N PHE A 480 -10.35 34.80 -43.21
CA PHE A 480 -8.93 34.82 -42.86
C PHE A 480 -8.64 33.67 -41.88
N ALA A 481 -7.72 32.76 -42.23
CA ALA A 481 -7.28 31.63 -41.37
C ALA A 481 -5.87 31.86 -40.86
N GLY A 482 -5.73 32.08 -39.57
CA GLY A 482 -4.43 32.40 -38.96
C GLY A 482 -4.34 31.88 -37.55
N GLY A 483 -3.34 32.36 -36.84
CA GLY A 483 -3.11 32.10 -35.42
C GLY A 483 -1.72 31.55 -35.20
N ILE A 484 -1.65 30.46 -34.43
CA ILE A 484 -0.36 29.81 -34.08
C ILE A 484 -0.45 28.33 -34.42
N ASP A 485 0.71 27.68 -34.41
CA ASP A 485 0.82 26.23 -34.68
C ASP A 485 2.05 25.71 -33.96
N ASN A 486 2.51 24.51 -34.30
CA ASN A 486 3.61 23.90 -33.53
C ASN A 486 4.96 24.50 -33.95
N THR A 487 5.02 25.38 -34.95
CA THR A 487 6.24 26.22 -35.14
C THR A 487 6.33 27.31 -34.09
N ILE A 488 5.29 27.59 -33.29
CA ILE A 488 5.25 28.63 -32.21
C ILE A 488 5.20 27.95 -30.82
N GLU A 489 4.37 26.92 -30.68
CA GLU A 489 4.11 26.29 -29.37
C GLU A 489 4.37 24.80 -29.54
N ALA A 490 5.28 24.24 -28.78
CA ALA A 490 5.55 22.80 -28.88
C ALA A 490 6.20 22.30 -27.60
N GLU A 491 6.34 20.98 -27.49
CA GLU A 491 7.20 20.38 -26.45
C GLU A 491 8.57 21.01 -26.59
N ALA A 492 9.19 21.33 -25.47
CA ALA A 492 10.52 21.98 -25.38
C ALA A 492 10.52 23.37 -26.01
N MET A 493 9.35 23.96 -26.25
CA MET A 493 9.26 25.33 -26.84
C MET A 493 8.00 26.07 -26.37
N ASP A 494 8.10 26.70 -25.21
CA ASP A 494 7.11 27.69 -24.74
C ASP A 494 7.13 28.92 -25.66
N ARG A 495 6.03 29.65 -25.69
CA ARG A 495 5.96 30.98 -26.30
C ARG A 495 6.68 31.97 -25.40
N GLU A 496 7.22 33.04 -26.01
CA GLU A 496 7.83 34.15 -25.25
C GLU A 496 6.87 35.35 -25.21
N ASN A 497 5.73 35.23 -25.85
CA ASN A 497 4.63 36.25 -25.77
C ASN A 497 3.31 35.54 -26.11
N ILE A 498 2.18 36.22 -25.98
CA ILE A 498 0.85 35.61 -26.29
C ILE A 498 0.12 36.47 -27.30
N THR A 499 0.88 37.03 -28.24
CA THR A 499 0.35 37.86 -29.35
C THR A 499 0.32 37.04 -30.63
N TRP A 500 -0.50 37.48 -31.58
CA TRP A 500 -0.54 36.94 -32.95
C TRP A 500 0.85 37.04 -33.56
N PRO A 501 1.32 36.03 -34.26
CA PRO A 501 2.65 36.06 -34.86
C PRO A 501 2.74 36.92 -36.13
N GLY A 502 3.96 37.39 -36.37
CA GLY A 502 4.34 38.13 -37.59
C GLY A 502 3.43 39.33 -37.82
N ASN A 503 2.96 39.45 -39.04
CA ASN A 503 2.18 40.64 -39.50
C ASN A 503 0.77 40.20 -39.87
N GLN A 504 0.33 39.03 -39.37
CA GLN A 504 -1.05 38.54 -39.59
C GLN A 504 -2.06 39.64 -39.18
N LEU A 505 -1.91 40.32 -38.01
CA LEU A 505 -2.93 41.32 -37.56
C LEU A 505 -2.93 42.53 -38.52
N ASP A 506 -1.75 42.88 -39.04
CA ASP A 506 -1.62 43.98 -40.04
C ASP A 506 -2.46 43.62 -41.27
N LEU A 507 -2.39 42.38 -41.78
CA LEU A 507 -3.13 42.01 -43.00
C LEU A 507 -4.61 41.94 -42.67
N ILE A 508 -4.99 41.40 -41.51
CA ILE A 508 -6.44 41.42 -41.17
C ILE A 508 -6.95 42.87 -41.17
N SER A 509 -6.23 43.77 -40.52
CA SER A 509 -6.54 45.23 -40.41
C SER A 509 -6.86 45.78 -41.80
N LYS A 510 -5.95 45.58 -42.75
CA LYS A 510 -6.12 46.03 -44.16
C LYS A 510 -7.37 45.35 -44.75
N LEU A 511 -7.57 44.04 -44.54
CA LEU A 511 -8.75 43.33 -45.12
C LEU A 511 -10.08 43.88 -44.54
N SER A 512 -10.07 44.45 -43.33
CA SER A 512 -11.26 44.99 -42.60
C SER A 512 -11.69 46.35 -43.19
N GLU A 513 -10.93 46.91 -44.13
CA GLU A 513 -11.15 48.28 -44.69
C GLU A 513 -11.83 48.17 -46.06
N LEU A 514 -12.27 46.99 -46.48
CA LEU A 514 -12.70 46.75 -47.88
C LEU A 514 -14.22 46.71 -48.00
N GLY A 515 -14.96 46.99 -46.92
CA GLY A 515 -16.43 46.96 -46.89
C GLY A 515 -17.01 45.60 -47.29
N LYS A 516 -16.34 44.49 -46.96
CA LYS A 516 -16.86 43.11 -47.15
C LYS A 516 -17.01 42.43 -45.78
N PRO A 517 -17.97 41.49 -45.64
CA PRO A 517 -18.10 40.61 -44.46
C PRO A 517 -16.78 39.88 -44.22
N LEU A 518 -16.26 39.97 -42.99
CA LEU A 518 -14.91 39.44 -42.66
C LEU A 518 -15.05 38.51 -41.44
N VAL A 519 -14.66 37.25 -41.66
CA VAL A 519 -14.62 36.15 -40.64
C VAL A 519 -13.15 35.78 -40.38
N VAL A 520 -12.67 35.87 -39.13
CA VAL A 520 -11.27 35.50 -38.74
C VAL A 520 -11.32 34.17 -37.97
N LEU A 521 -10.50 33.22 -38.38
CA LEU A 521 -10.23 31.94 -37.64
C LEU A 521 -8.90 32.07 -36.91
N GLN A 522 -8.96 31.95 -35.59
CA GLN A 522 -7.82 32.04 -34.65
C GLN A 522 -7.53 30.58 -34.30
N MET A 523 -6.52 30.02 -34.94
CA MET A 523 -6.20 28.57 -34.84
C MET A 523 -5.04 28.39 -33.84
N GLY A 524 -4.92 27.17 -33.34
CA GLY A 524 -3.86 26.77 -32.42
C GLY A 524 -4.38 26.55 -31.02
N GLY A 525 -3.50 26.15 -30.08
CA GLY A 525 -3.95 25.64 -28.78
C GLY A 525 -3.99 26.73 -27.76
N GLY A 526 -2.84 27.35 -27.51
CA GLY A 526 -2.81 28.58 -26.74
C GLY A 526 -3.64 29.68 -27.43
N GLN A 527 -4.13 30.59 -26.62
CA GLN A 527 -4.85 31.83 -27.04
C GLN A 527 -3.81 32.89 -27.45
N VAL A 528 -4.21 33.72 -28.41
CA VAL A 528 -3.45 34.95 -28.78
C VAL A 528 -4.36 36.14 -28.51
N ASP A 529 -3.75 37.31 -28.25
CA ASP A 529 -4.51 38.54 -27.84
C ASP A 529 -5.24 39.09 -29.07
N SER A 530 -6.53 38.85 -29.18
CA SER A 530 -7.37 39.28 -30.32
C SER A 530 -8.12 40.57 -29.96
N SER A 531 -7.58 41.40 -29.04
CA SER A 531 -8.27 42.64 -28.57
C SER A 531 -8.51 43.55 -29.79
N SER A 532 -7.56 43.58 -30.73
CA SER A 532 -7.66 44.49 -31.90
C SER A 532 -8.82 44.07 -32.77
N LEU A 533 -9.15 42.77 -32.78
CA LEU A 533 -10.23 42.17 -33.57
C LEU A 533 -11.55 42.36 -32.84
N LYS A 534 -11.56 42.17 -31.52
CA LYS A 534 -12.75 42.39 -30.65
C LYS A 534 -13.22 43.84 -30.87
N ASP A 535 -12.28 44.79 -30.97
CA ASP A 535 -12.56 46.25 -30.96
C ASP A 535 -12.88 46.75 -32.36
N ASN A 536 -12.53 46.01 -33.40
CA ASN A 536 -12.71 46.44 -34.82
C ASN A 536 -14.12 46.03 -35.27
N ASP A 537 -15.07 46.98 -35.37
CA ASP A 537 -16.45 46.69 -35.83
C ASP A 537 -16.46 46.08 -37.22
N ASN A 538 -15.42 46.27 -38.03
CA ASN A 538 -15.39 45.64 -39.37
C ASN A 538 -14.80 44.22 -39.36
N VAL A 539 -14.35 43.71 -38.19
CA VAL A 539 -14.16 42.23 -38.04
C VAL A 539 -15.51 41.70 -37.57
N ASN A 540 -16.24 41.06 -38.47
CA ASN A 540 -17.67 40.71 -38.20
C ASN A 540 -17.74 39.46 -37.30
N ALA A 541 -16.84 38.51 -37.51
CA ALA A 541 -16.91 37.24 -36.76
C ALA A 541 -15.49 36.75 -36.48
N LEU A 542 -15.33 36.11 -35.31
CA LEU A 542 -14.05 35.52 -34.87
C LEU A 542 -14.39 34.13 -34.27
N ILE A 543 -13.67 33.13 -34.75
CA ILE A 543 -13.78 31.72 -34.33
C ILE A 543 -12.42 31.27 -33.77
N TRP A 544 -12.45 30.58 -32.63
CA TRP A 544 -11.27 29.83 -32.15
C TRP A 544 -11.44 28.38 -32.60
N GLY A 545 -10.58 27.91 -33.50
CA GLY A 545 -10.67 26.56 -34.12
C GLY A 545 -9.67 25.57 -33.57
N GLY A 546 -8.83 25.95 -32.61
CA GLY A 546 -7.95 24.99 -31.94
C GLY A 546 -7.12 24.21 -32.94
N TYR A 547 -7.01 22.91 -32.73
CA TYR A 547 -6.38 21.93 -33.62
C TYR A 547 -7.47 20.93 -33.90
N PRO A 548 -8.16 21.11 -35.03
CA PRO A 548 -9.42 20.37 -35.25
C PRO A 548 -9.32 19.01 -35.97
N GLY A 549 -8.11 18.49 -36.18
CA GLY A 549 -7.92 17.10 -36.58
C GLY A 549 -8.22 16.82 -38.04
N GLN A 550 -8.38 15.54 -38.38
CA GLN A 550 -8.33 15.06 -39.79
C GLN A 550 -9.47 15.71 -40.61
N SER A 551 -10.62 15.96 -40.02
CA SER A 551 -11.80 16.49 -40.77
C SER A 551 -11.99 17.99 -40.49
N GLY A 552 -10.98 18.66 -39.97
CA GLY A 552 -11.10 20.01 -39.42
C GLY A 552 -11.66 21.02 -40.42
N GLY A 553 -11.19 21.01 -41.66
CA GLY A 553 -11.65 21.97 -42.68
C GLY A 553 -13.14 21.80 -43.00
N HIS A 554 -13.66 20.58 -42.99
CA HIS A 554 -15.08 20.30 -43.23
C HIS A 554 -15.88 20.81 -42.03
N ALA A 555 -15.37 20.62 -40.81
CA ALA A 555 -16.09 21.09 -39.63
C ALA A 555 -16.17 22.63 -39.66
N LEU A 556 -15.06 23.31 -39.99
CA LEU A 556 -15.03 24.78 -40.02
C LEU A 556 -16.00 25.33 -41.08
N ALA A 557 -15.96 24.76 -42.29
CA ALA A 557 -16.81 25.19 -43.42
C ALA A 557 -18.26 24.92 -43.07
N ASP A 558 -18.59 23.77 -42.48
CA ASP A 558 -19.98 23.43 -42.11
C ASP A 558 -20.51 24.37 -41.02
N ILE A 559 -19.70 24.74 -40.02
CA ILE A 559 -20.09 25.79 -39.05
C ILE A 559 -20.35 27.10 -39.79
N ILE A 560 -19.43 27.54 -40.63
CA ILE A 560 -19.43 28.90 -41.23
C ILE A 560 -20.64 29.01 -42.16
N THR A 561 -21.00 27.95 -42.89
CA THR A 561 -22.16 27.95 -43.82
C THR A 561 -23.45 27.68 -43.06
N GLY A 562 -23.40 27.28 -41.79
CA GLY A 562 -24.62 26.99 -41.02
C GLY A 562 -25.21 25.63 -41.27
N LYS A 563 -24.49 24.72 -41.96
CA LYS A 563 -24.85 23.28 -42.03
C LYS A 563 -24.85 22.70 -40.60
N ARG A 564 -23.95 23.21 -39.76
CA ARG A 564 -23.91 22.93 -38.31
C ARG A 564 -23.79 24.25 -37.55
N ALA A 565 -24.11 24.23 -36.26
CA ALA A 565 -24.15 25.42 -35.40
C ALA A 565 -23.17 25.21 -34.24
N PRO A 566 -22.40 26.25 -33.91
CA PRO A 566 -21.33 26.14 -32.90
C PRO A 566 -21.93 26.19 -31.50
N ALA A 567 -21.31 25.48 -30.55
CA ALA A 567 -21.72 25.54 -29.14
C ALA A 567 -20.51 25.36 -28.21
N GLY A 568 -19.32 25.30 -28.77
CA GLY A 568 -18.13 25.15 -27.91
C GLY A 568 -17.86 26.37 -27.08
N ARG A 569 -17.08 26.23 -26.01
CA ARG A 569 -16.64 27.40 -25.22
C ARG A 569 -15.15 27.29 -24.93
N LEU A 570 -14.50 28.42 -24.73
CA LEU A 570 -13.06 28.46 -24.35
C LEU A 570 -12.83 27.68 -23.04
N VAL A 571 -11.74 26.89 -22.98
CA VAL A 571 -11.38 26.12 -21.76
C VAL A 571 -10.07 26.67 -21.21
N THR A 572 -9.59 27.80 -21.78
CA THR A 572 -8.56 28.67 -21.16
C THR A 572 -8.96 30.14 -21.33
N THR A 573 -8.36 30.99 -20.51
CA THR A 573 -8.51 32.45 -20.61
C THR A 573 -7.68 33.00 -21.79
N GLN A 574 -8.27 33.87 -22.62
CA GLN A 574 -7.47 34.64 -23.60
C GLN A 574 -7.05 35.92 -22.89
N TYR A 575 -5.80 35.98 -22.43
CA TYR A 575 -5.28 37.09 -21.62
C TYR A 575 -4.83 38.19 -22.55
N PRO A 576 -4.85 39.45 -22.08
CA PRO A 576 -4.17 40.51 -22.81
C PRO A 576 -2.67 40.21 -22.87
N ALA A 577 -1.98 40.73 -23.90
CA ALA A 577 -0.51 40.47 -24.12
C ALA A 577 0.29 40.79 -22.87
N GLU A 578 0.02 41.90 -22.16
CA GLU A 578 0.92 42.30 -21.06
C GLU A 578 0.92 41.28 -19.91
N TYR A 579 -0.07 40.39 -19.79
CA TYR A 579 -0.09 39.32 -18.76
C TYR A 579 1.22 38.50 -18.83
N ALA A 580 1.72 38.25 -20.05
CA ALA A 580 2.93 37.42 -20.30
C ALA A 580 4.23 38.23 -20.09
N GLU A 581 4.12 39.52 -19.73
CA GLU A 581 5.27 40.43 -19.52
C GLU A 581 5.41 40.88 -18.07
N VAL A 582 4.35 40.84 -17.25
CA VAL A 582 4.32 41.51 -15.90
C VAL A 582 4.76 40.60 -14.75
N PHE A 583 4.86 39.28 -14.92
CA PHE A 583 5.34 38.38 -13.85
C PHE A 583 5.91 37.13 -14.51
N PRO A 584 6.79 36.41 -13.81
CA PRO A 584 7.46 35.26 -14.43
C PRO A 584 6.50 34.10 -14.61
N ALA A 585 6.58 33.44 -15.76
CA ALA A 585 5.70 32.29 -16.06
C ALA A 585 6.02 31.12 -15.12
N ILE A 586 7.19 31.09 -14.51
CA ILE A 586 7.63 30.04 -13.54
C ILE A 586 7.12 30.32 -12.13
N ASP A 587 6.41 31.44 -11.88
CA ASP A 587 5.71 31.64 -10.59
C ASP A 587 4.45 30.75 -10.59
N MET A 588 4.42 29.75 -9.72
CA MET A 588 3.31 28.75 -9.66
C MET A 588 2.16 29.28 -8.80
N ASN A 589 2.33 30.40 -8.09
CA ASN A 589 1.32 30.92 -7.14
C ASN A 589 0.10 31.38 -7.91
N LEU A 590 -1.05 30.79 -7.61
CA LEU A 590 -2.30 31.11 -8.32
C LEU A 590 -2.95 32.40 -7.78
N ARG A 591 -2.87 32.60 -6.46
CA ARG A 591 -3.52 33.73 -5.76
C ARG A 591 -2.79 35.02 -6.15
N PRO A 592 -3.50 36.13 -6.41
CA PRO A 592 -2.82 37.38 -6.74
C PRO A 592 -1.86 37.81 -5.64
N ASN A 593 -0.75 38.43 -6.04
CA ASN A 593 0.28 38.96 -5.12
C ASN A 593 0.71 40.31 -5.66
N GLU A 594 0.22 41.41 -5.09
CA GLU A 594 0.49 42.77 -5.62
C GLU A 594 2.01 43.06 -5.52
N THR A 595 2.67 42.58 -4.47
CA THR A 595 4.11 42.82 -4.25
C THR A 595 4.89 42.24 -5.42
N SER A 596 4.57 41.03 -5.89
CA SER A 596 5.42 40.30 -6.86
C SER A 596 4.92 40.61 -8.28
N GLY A 597 3.84 41.38 -8.45
CA GLY A 597 3.32 41.76 -9.77
C GLY A 597 2.51 40.62 -10.41
N ASN A 598 2.15 39.63 -9.60
CA ASN A 598 1.32 38.46 -10.01
C ASN A 598 -0.17 38.85 -9.90
N PRO A 599 -0.91 38.99 -11.01
CA PRO A 599 -2.29 39.49 -11.00
C PRO A 599 -3.35 38.45 -10.63
N GLY A 600 -2.89 37.24 -10.30
CA GLY A 600 -3.73 36.06 -10.10
C GLY A 600 -3.78 35.29 -11.42
N GLN A 601 -3.73 33.96 -11.33
CA GLN A 601 -3.67 33.10 -12.52
C GLN A 601 -4.94 32.25 -12.65
N THR A 602 -5.38 32.07 -13.90
CA THR A 602 -6.60 31.34 -14.34
C THR A 602 -7.83 32.22 -14.02
N TYR A 603 -8.94 31.87 -14.61
CA TYR A 603 -10.26 32.54 -14.41
C TYR A 603 -10.61 32.57 -12.91
N MET A 604 -10.10 31.65 -12.09
CA MET A 604 -10.49 31.57 -10.66
C MET A 604 -9.87 32.74 -9.89
N TRP A 605 -8.75 33.31 -10.33
CA TRP A 605 -7.93 34.22 -9.50
C TRP A 605 -7.58 35.51 -10.23
N TYR A 606 -7.66 35.55 -11.54
CA TYR A 606 -7.13 36.68 -12.33
C TYR A 606 -7.93 37.96 -12.05
N THR A 607 -7.21 39.02 -11.65
CA THR A 607 -7.81 40.32 -11.21
C THR A 607 -7.80 41.31 -12.39
N GLY A 608 -7.31 40.91 -13.55
CA GLY A 608 -7.27 41.73 -14.75
C GLY A 608 -8.49 41.50 -15.61
N THR A 609 -8.45 41.94 -16.87
CA THR A 609 -9.61 41.86 -17.77
C THR A 609 -9.20 41.01 -18.95
N PRO A 610 -9.71 39.75 -19.03
CA PRO A 610 -9.48 38.96 -20.22
C PRO A 610 -10.05 39.62 -21.48
N VAL A 611 -9.40 39.37 -22.61
CA VAL A 611 -9.95 39.67 -23.95
C VAL A 611 -11.20 38.84 -24.18
N TYR A 612 -11.08 37.51 -24.07
CA TYR A 612 -12.25 36.60 -24.01
C TYR A 612 -12.06 35.68 -22.80
N GLU A 613 -13.10 35.49 -22.01
CA GLU A 613 -13.01 34.74 -20.73
C GLU A 613 -13.02 33.24 -20.98
N PHE A 614 -12.40 32.51 -20.08
CA PHE A 614 -12.72 31.09 -19.86
C PHE A 614 -14.26 30.93 -19.94
N GLY A 615 -14.76 29.91 -20.63
CA GLY A 615 -16.18 29.55 -20.68
C GLY A 615 -16.97 30.42 -21.65
N HIS A 616 -16.33 31.33 -22.39
CA HIS A 616 -17.02 32.17 -23.40
C HIS A 616 -17.26 31.39 -24.69
N GLY A 617 -18.48 31.44 -25.20
CA GLY A 617 -18.81 30.94 -26.52
C GLY A 617 -20.18 31.43 -26.94
N LEU A 618 -20.36 31.68 -28.22
CA LEU A 618 -21.64 32.19 -28.79
C LEU A 618 -22.32 31.13 -29.62
N PHE A 619 -23.62 31.40 -29.86
CA PHE A 619 -24.53 30.49 -30.58
C PHE A 619 -25.15 31.22 -31.77
N TYR A 620 -25.72 30.41 -32.65
CA TYR A 620 -26.51 30.85 -33.85
C TYR A 620 -27.99 30.99 -33.48
N THR A 621 -28.32 31.02 -32.20
CA THR A 621 -29.67 31.29 -31.72
C THR A 621 -29.59 31.99 -30.38
N THR A 622 -30.75 32.34 -29.84
CA THR A 622 -30.89 32.97 -28.52
C THR A 622 -31.53 31.92 -27.60
N PHE A 623 -31.13 31.95 -26.34
CA PHE A 623 -31.69 31.07 -25.29
C PHE A 623 -32.18 31.94 -24.16
N GLU A 624 -33.25 31.46 -23.53
CA GLU A 624 -33.84 32.02 -22.32
C GLU A 624 -33.66 30.96 -21.23
N GLU A 625 -33.08 31.33 -20.11
CA GLU A 625 -32.76 30.39 -19.01
C GLU A 625 -33.44 30.90 -17.73
N SER A 626 -34.03 29.99 -16.97
CA SER A 626 -34.67 30.36 -15.70
C SER A 626 -34.74 29.13 -14.80
N THR A 627 -34.94 29.33 -13.51
CA THR A 627 -35.19 28.21 -12.59
C THR A 627 -36.38 28.53 -11.68
N GLU A 628 -37.03 27.49 -11.18
CA GLU A 628 -38.18 27.62 -10.25
C GLU A 628 -37.69 28.10 -8.88
N THR A 629 -36.57 27.59 -8.37
CA THR A 629 -36.08 27.87 -6.99
C THR A 629 -34.70 28.51 -7.04
N THR A 630 -34.64 29.81 -6.78
CA THR A 630 -33.38 30.60 -6.83
C THR A 630 -32.68 30.51 -5.47
N ASP A 631 -33.37 30.03 -4.43
CA ASP A 631 -32.76 29.87 -3.07
C ASP A 631 -32.99 28.41 -2.65
N ALA A 632 -31.92 27.60 -2.72
CA ALA A 632 -32.00 26.16 -2.48
C ALA A 632 -31.97 25.92 -0.98
N GLY A 633 -31.78 26.99 -0.17
CA GLY A 633 -31.88 26.97 1.29
C GLY A 633 -30.56 26.54 1.96
N SER A 634 -30.64 25.95 3.15
CA SER A 634 -29.46 25.55 3.95
C SER A 634 -29.30 24.03 3.97
N PHE A 635 -28.04 23.61 4.07
CA PHE A 635 -27.60 22.22 4.33
C PHE A 635 -26.64 22.25 5.52
N ASN A 636 -26.77 21.28 6.42
CA ASN A 636 -25.88 21.19 7.57
C ASN A 636 -24.71 20.25 7.18
N ILE A 637 -23.48 20.70 7.35
CA ILE A 637 -22.25 19.95 6.90
C ILE A 637 -22.20 18.61 7.63
N GLN A 638 -22.47 18.60 8.94
CA GLN A 638 -22.47 17.33 9.71
C GLN A 638 -23.60 16.44 9.20
N THR A 639 -24.78 16.96 8.98
CA THR A 639 -25.89 16.10 8.55
C THR A 639 -25.53 15.42 7.22
N VAL A 640 -25.05 16.22 6.28
CA VAL A 640 -24.78 15.74 4.91
C VAL A 640 -23.71 14.64 4.98
N LEU A 641 -22.70 14.85 5.81
CA LEU A 641 -21.58 13.86 5.90
C LEU A 641 -21.91 12.68 6.80
N THR A 642 -23.03 12.67 7.53
CA THR A 642 -23.25 11.61 8.55
C THR A 642 -24.38 10.66 8.19
N THR A 643 -25.14 10.99 7.15
CA THR A 643 -26.14 10.06 6.61
C THR A 643 -25.37 8.98 5.88
N PRO A 644 -26.02 7.89 5.43
CA PRO A 644 -25.37 6.88 4.64
C PRO A 644 -24.94 7.46 3.29
N HIS A 645 -24.11 6.70 2.58
CA HIS A 645 -23.65 7.11 1.23
C HIS A 645 -23.65 5.89 0.32
N SER A 646 -24.79 5.19 0.27
CA SER A 646 -24.97 4.02 -0.61
C SER A 646 -24.62 4.39 -2.06
N GLY A 647 -23.84 3.54 -2.72
CA GLY A 647 -23.44 3.72 -4.15
C GLY A 647 -22.20 4.60 -4.33
N TYR A 648 -21.59 5.07 -3.24
CA TYR A 648 -20.38 5.91 -3.23
C TYR A 648 -19.35 5.31 -2.26
N GLU A 649 -18.08 5.33 -2.66
CA GLU A 649 -16.99 4.85 -1.78
C GLU A 649 -16.79 5.86 -0.67
N HIS A 650 -17.04 7.13 -0.96
CA HIS A 650 -16.80 8.21 0.02
C HIS A 650 -18.05 9.08 0.19
N ALA A 651 -18.34 9.53 1.41
CA ALA A 651 -19.50 10.38 1.67
C ALA A 651 -19.50 11.59 0.72
N GLN A 652 -18.35 12.24 0.56
CA GLN A 652 -18.23 13.53 -0.17
C GLN A 652 -18.50 13.37 -1.67
N GLN A 653 -18.65 12.15 -2.15
CA GLN A 653 -18.99 11.90 -3.58
C GLN A 653 -20.49 12.09 -3.81
N LYS A 654 -21.26 12.15 -2.74
CA LYS A 654 -22.74 12.33 -2.87
C LYS A 654 -23.07 13.66 -3.51
N THR A 655 -24.20 13.72 -4.19
CA THR A 655 -24.76 15.02 -4.68
C THR A 655 -25.25 15.83 -3.47
N LEU A 656 -24.80 17.06 -3.31
CA LEU A 656 -25.35 18.01 -2.32
C LEU A 656 -26.69 18.57 -2.79
N LEU A 657 -26.73 19.06 -4.00
CA LEU A 657 -27.97 19.51 -4.66
C LEU A 657 -27.77 19.48 -6.15
N ASN A 658 -28.88 19.44 -6.87
CA ASN A 658 -28.88 19.57 -8.33
C ASN A 658 -29.08 21.05 -8.70
N PHE A 659 -28.26 21.56 -9.59
CA PHE A 659 -28.49 22.86 -10.24
C PHE A 659 -29.39 22.53 -11.42
N THR A 660 -30.62 23.08 -11.45
N THR A 660 -30.59 23.14 -11.42
CA THR A 660 -31.50 22.78 -12.61
CA THR A 660 -31.63 22.89 -12.47
C THR A 660 -32.12 24.09 -13.12
C THR A 660 -31.97 24.21 -13.17
N ALA A 661 -32.31 24.13 -14.44
CA ALA A 661 -32.82 25.31 -15.16
C ALA A 661 -33.60 24.82 -16.36
N THR A 662 -34.59 25.61 -16.72
CA THR A 662 -35.28 25.47 -18.01
C THR A 662 -34.51 26.34 -19.04
N VAL A 663 -34.15 25.73 -20.16
CA VAL A 663 -33.41 26.41 -21.26
C VAL A 663 -34.31 26.30 -22.49
N LYS A 664 -34.75 27.47 -22.99
CA LYS A 664 -35.61 27.57 -24.17
C LYS A 664 -34.87 28.27 -25.33
N ASN A 665 -34.92 27.66 -26.49
CA ASN A 665 -34.45 28.23 -27.77
C ASN A 665 -35.48 29.27 -28.21
N THR A 666 -35.14 30.54 -28.05
CA THR A 666 -36.05 31.68 -28.38
C THR A 666 -35.74 32.24 -29.77
N GLY A 667 -34.89 31.57 -30.55
CA GLY A 667 -34.36 32.12 -31.81
C GLY A 667 -34.84 31.31 -32.97
N GLU A 668 -34.15 31.40 -34.11
CA GLU A 668 -34.66 30.92 -35.40
C GLU A 668 -33.83 29.76 -35.94
N ARG A 669 -32.83 29.25 -35.20
CA ARG A 669 -32.06 28.06 -35.68
C ARG A 669 -31.97 27.02 -34.55
N GLU A 670 -32.09 25.75 -34.91
CA GLU A 670 -31.76 24.56 -34.06
C GLU A 670 -30.31 24.73 -33.57
N SER A 671 -30.06 24.39 -32.32
CA SER A 671 -28.70 24.54 -31.71
C SER A 671 -28.58 23.55 -30.57
N ASP A 672 -27.32 23.13 -30.33
CA ASP A 672 -26.97 22.54 -29.02
C ASP A 672 -26.81 23.68 -28.03
N TYR A 673 -26.78 23.34 -26.76
CA TYR A 673 -26.58 24.34 -25.70
C TYR A 673 -25.48 23.80 -24.77
N THR A 674 -24.51 24.61 -24.42
CA THR A 674 -23.49 24.23 -23.43
C THR A 674 -23.59 25.11 -22.21
N ALA A 675 -23.33 24.52 -21.04
CA ALA A 675 -23.45 25.16 -19.71
C ALA A 675 -22.20 24.86 -18.91
N LEU A 676 -21.61 25.89 -18.32
CA LEU A 676 -20.71 25.77 -17.15
C LEU A 676 -21.48 26.25 -15.94
N VAL A 677 -21.44 25.51 -14.85
CA VAL A 677 -22.01 25.92 -13.55
C VAL A 677 -20.84 26.25 -12.64
N TYR A 678 -20.79 27.49 -12.19
CA TYR A 678 -19.74 27.97 -11.31
C TYR A 678 -20.29 28.17 -9.90
N VAL A 679 -19.44 27.96 -8.90
CA VAL A 679 -19.74 28.31 -7.50
C VAL A 679 -18.84 29.47 -7.10
N ASN A 680 -19.32 30.29 -6.17
CA ASN A 680 -18.48 31.27 -5.49
C ASN A 680 -18.98 31.45 -4.07
N THR A 681 -18.07 31.84 -3.19
CA THR A 681 -18.37 31.86 -1.75
C THR A 681 -17.51 32.88 -1.04
N THR A 682 -18.02 33.32 0.12
CA THR A 682 -17.22 33.96 1.16
C THR A 682 -16.85 32.99 2.29
N ALA A 683 -17.17 31.71 2.19
CA ALA A 683 -16.78 30.70 3.19
C ALA A 683 -15.31 30.35 3.04
N GLY A 684 -14.71 29.93 4.15
CA GLY A 684 -13.31 29.47 4.17
C GLY A 684 -12.36 30.63 4.21
N PRO A 685 -11.05 30.36 4.07
CA PRO A 685 -10.04 31.41 4.26
C PRO A 685 -9.96 32.38 3.07
N ALA A 686 -9.72 33.65 3.35
CA ALA A 686 -9.31 34.65 2.33
C ALA A 686 -7.89 34.31 1.90
N PRO A 687 -7.49 34.64 0.66
CA PRO A 687 -8.35 35.26 -0.35
C PRO A 687 -9.36 34.33 -1.00
N TYR A 688 -10.45 34.92 -1.51
CA TYR A 688 -11.59 34.14 -2.04
C TYR A 688 -11.41 34.03 -3.55
N PRO A 689 -11.59 32.84 -4.14
CA PRO A 689 -11.66 32.74 -5.58
C PRO A 689 -12.85 33.54 -6.16
N LYS A 690 -12.65 34.04 -7.36
CA LYS A 690 -13.71 34.71 -8.12
C LYS A 690 -14.88 33.73 -8.27
N LYS A 691 -14.55 32.51 -8.67
CA LYS A 691 -15.52 31.42 -8.84
C LYS A 691 -14.71 30.17 -9.22
N TRP A 692 -15.36 29.02 -9.21
CA TRP A 692 -14.75 27.81 -9.82
C TRP A 692 -15.84 26.89 -10.35
N VAL A 693 -15.48 26.17 -11.38
CA VAL A 693 -16.40 25.23 -12.06
C VAL A 693 -16.75 24.06 -11.12
N VAL A 694 -18.03 23.71 -11.04
CA VAL A 694 -18.54 22.57 -10.24
C VAL A 694 -19.32 21.63 -11.14
N GLY A 695 -19.49 21.97 -12.39
CA GLY A 695 -20.27 21.10 -13.28
C GLY A 695 -20.40 21.66 -14.67
N PHE A 696 -20.78 20.85 -15.64
CA PHE A 696 -21.00 21.27 -17.03
C PHE A 696 -21.92 20.25 -17.71
N ASP A 697 -22.50 20.68 -18.83
CA ASP A 697 -23.25 19.73 -19.66
C ASP A 697 -23.43 20.33 -21.03
N ARG A 698 -23.86 19.48 -21.94
CA ARG A 698 -24.20 19.84 -23.32
C ARG A 698 -25.56 19.23 -23.63
N LEU A 699 -26.55 20.08 -23.87
CA LEU A 699 -27.87 19.62 -24.37
C LEU A 699 -27.86 19.61 -25.91
N GLY A 700 -28.53 18.62 -26.51
CA GLY A 700 -28.49 18.39 -27.96
C GLY A 700 -29.80 18.78 -28.66
N GLY A 701 -29.72 19.50 -29.78
CA GLY A 701 -30.80 19.64 -30.75
C GLY A 701 -32.05 20.29 -30.20
N LEU A 702 -31.90 21.44 -29.55
CA LEU A 702 -33.02 22.37 -29.24
C LEU A 702 -33.44 23.06 -30.55
N GLU A 703 -34.57 22.64 -31.11
CA GLU A 703 -35.20 23.36 -32.25
C GLU A 703 -35.79 24.69 -31.78
N PRO A 704 -36.02 25.69 -32.67
CA PRO A 704 -36.68 26.92 -32.24
C PRO A 704 -38.01 26.65 -31.51
N GLY A 705 -38.22 27.32 -30.38
CA GLY A 705 -39.41 27.14 -29.52
C GLY A 705 -39.30 25.97 -28.55
N ASP A 706 -38.30 25.08 -28.69
CA ASP A 706 -38.08 23.86 -27.84
C ASP A 706 -37.50 24.31 -26.49
N SER A 707 -37.92 23.64 -25.43
CA SER A 707 -37.39 23.82 -24.07
C SER A 707 -36.78 22.49 -23.63
N GLN A 708 -35.68 22.54 -22.91
CA GLN A 708 -35.11 21.34 -22.25
C GLN A 708 -34.75 21.70 -20.81
N THR A 709 -34.70 20.70 -19.93
CA THR A 709 -34.26 20.85 -18.53
C THR A 709 -32.76 20.54 -18.44
N LEU A 710 -31.97 21.52 -17.98
CA LEU A 710 -30.56 21.31 -17.60
C LEU A 710 -30.55 20.82 -16.15
N THR A 711 -29.86 19.71 -15.89
CA THR A 711 -29.76 19.13 -14.51
C THR A 711 -28.29 18.79 -14.30
N VAL A 712 -27.59 19.57 -13.46
CA VAL A 712 -26.15 19.39 -13.19
C VAL A 712 -26.01 19.08 -11.69
N PRO A 713 -25.68 17.83 -11.33
CA PRO A 713 -25.37 17.49 -9.94
C PRO A 713 -24.14 18.25 -9.42
N VAL A 714 -24.30 18.86 -8.25
CA VAL A 714 -23.22 19.58 -7.53
C VAL A 714 -22.87 18.69 -6.34
N THR A 715 -21.70 18.04 -6.40
CA THR A 715 -21.34 17.09 -5.34
C THR A 715 -20.82 17.87 -4.16
N VAL A 716 -20.84 17.20 -3.03
CA VAL A 716 -20.26 17.75 -1.80
C VAL A 716 -18.80 18.09 -2.03
N GLU A 717 -18.02 17.18 -2.61
CA GLU A 717 -16.56 17.45 -2.80
C GLU A 717 -16.32 18.66 -3.73
N SER A 718 -17.22 18.95 -4.67
CA SER A 718 -17.05 19.97 -5.72
C SER A 718 -17.03 21.35 -5.06
N VAL A 719 -17.64 21.55 -3.89
CA VAL A 719 -17.76 22.90 -3.27
C VAL A 719 -16.83 23.01 -2.07
N ALA A 720 -16.07 21.96 -1.78
CA ALA A 720 -15.06 22.01 -0.70
C ALA A 720 -13.90 22.94 -1.09
N ARG A 721 -13.39 23.73 -0.15
CA ARG A 721 -12.14 24.50 -0.40
C ARG A 721 -10.96 23.74 0.24
N THR A 722 -9.83 24.40 0.38
CA THR A 722 -8.58 23.75 0.85
C THR A 722 -7.93 24.64 1.90
N ASP A 723 -7.57 24.09 3.04
CA ASP A 723 -6.95 24.91 4.11
C ASP A 723 -5.44 25.11 3.80
N GLU A 724 -4.75 25.84 4.67
CA GLU A 724 -3.33 26.19 4.52
C GLU A 724 -2.42 24.94 4.58
N GLN A 725 -2.86 23.83 5.15
CA GLN A 725 -2.10 22.56 5.28
C GLN A 725 -2.40 21.66 4.07
N GLY A 726 -3.35 22.01 3.20
CA GLY A 726 -3.72 21.12 2.08
C GLY A 726 -4.92 20.24 2.35
N ASN A 727 -5.55 20.28 3.53
CA ASN A 727 -6.74 19.44 3.76
C ASN A 727 -7.85 19.98 2.86
N ARG A 728 -8.65 19.08 2.29
CA ARG A 728 -9.90 19.45 1.61
C ARG A 728 -10.98 19.55 2.67
N VAL A 729 -11.60 20.72 2.78
CA VAL A 729 -12.48 21.08 3.94
C VAL A 729 -13.78 21.66 3.38
N LEU A 730 -14.92 21.27 3.95
CA LEU A 730 -16.22 21.91 3.70
C LEU A 730 -16.41 23.00 4.74
N TYR A 731 -16.58 24.24 4.30
CA TYR A 731 -16.70 25.39 5.20
C TYR A 731 -18.13 25.89 5.32
N PRO A 732 -18.57 26.29 6.52
CA PRO A 732 -19.87 26.95 6.62
C PRO A 732 -19.86 28.37 6.06
N GLY A 733 -20.97 28.73 5.40
CA GLY A 733 -21.16 30.07 4.88
C GLY A 733 -22.08 30.11 3.68
N SER A 734 -22.03 31.21 2.94
CA SER A 734 -22.93 31.57 1.84
C SER A 734 -22.29 31.18 0.50
N TYR A 735 -23.04 30.47 -0.33
CA TYR A 735 -22.54 30.04 -1.66
C TYR A 735 -23.53 30.50 -2.72
N GLU A 736 -23.06 30.73 -3.93
CA GLU A 736 -23.92 30.95 -5.09
C GLU A 736 -23.48 30.05 -6.23
N LEU A 737 -24.45 29.43 -6.87
CA LEU A 737 -24.22 28.71 -8.12
C LEU A 737 -24.71 29.56 -9.27
N ALA A 738 -23.93 29.65 -10.35
CA ALA A 738 -24.23 30.56 -11.48
C ALA A 738 -24.07 29.83 -12.80
N LEU A 739 -25.10 29.95 -13.66
CA LEU A 739 -25.03 29.43 -15.04
C LEU A 739 -24.27 30.38 -15.98
N ASN A 740 -23.07 29.96 -16.39
CA ASN A 740 -22.25 30.66 -17.42
C ASN A 740 -21.71 31.98 -16.89
N ASN A 741 -20.93 32.63 -17.72
CA ASN A 741 -20.16 33.83 -17.31
C ASN A 741 -21.14 34.96 -17.01
N GLU A 742 -22.26 35.00 -17.72
CA GLU A 742 -23.28 36.06 -17.50
C GLU A 742 -24.18 35.76 -16.31
N ARG A 743 -24.03 34.60 -15.62
CA ARG A 743 -24.82 34.31 -14.41
C ARG A 743 -26.32 34.50 -14.75
N SER A 744 -26.77 33.82 -15.79
CA SER A 744 -28.16 33.91 -16.32
C SER A 744 -29.18 33.32 -15.34
N VAL A 745 -28.74 32.38 -14.51
CA VAL A 745 -29.51 31.74 -13.41
C VAL A 745 -28.59 31.69 -12.23
N VAL A 746 -29.06 32.13 -11.09
CA VAL A 746 -28.27 32.08 -9.84
C VAL A 746 -29.09 31.34 -8.79
N VAL A 747 -28.48 30.32 -8.18
CA VAL A 747 -29.11 29.54 -7.10
C VAL A 747 -28.25 29.75 -5.86
N LYS A 748 -28.83 30.28 -4.81
CA LYS A 748 -28.11 30.50 -3.53
C LYS A 748 -28.24 29.24 -2.67
N PHE A 749 -27.22 28.94 -1.85
CA PHE A 749 -27.34 27.96 -0.74
C PHE A 749 -26.41 28.36 0.39
N GLU A 750 -26.72 27.89 1.58
CA GLU A 750 -25.94 28.16 2.79
C GLU A 750 -25.52 26.79 3.33
N LEU A 751 -24.28 26.64 3.75
CA LEU A 751 -23.86 25.50 4.59
C LEU A 751 -23.80 25.99 6.03
N LYS A 752 -24.35 25.22 6.91
CA LYS A 752 -24.32 25.47 8.36
C LYS A 752 -23.57 24.36 9.05
N GLY A 753 -23.24 24.60 10.30
CA GLY A 753 -22.52 23.64 11.14
C GLY A 753 -21.06 24.03 11.24
N GLU A 754 -20.23 23.04 11.49
CA GLU A 754 -18.78 23.16 11.76
C GLU A 754 -18.04 22.82 10.46
N GLU A 755 -16.86 23.39 10.30
CA GLU A 755 -15.94 22.89 9.21
C GLU A 755 -15.84 21.37 9.30
N ALA A 756 -15.69 20.66 8.18
CA ALA A 756 -15.33 19.23 8.21
C ALA A 756 -14.23 18.95 7.18
N VAL A 757 -13.26 18.13 7.61
CA VAL A 757 -12.24 17.64 6.66
C VAL A 757 -12.87 16.49 5.86
N ILE A 758 -12.77 16.55 4.54
CA ILE A 758 -13.21 15.40 3.71
C ILE A 758 -11.99 14.67 3.12
N LEU A 759 -10.84 15.30 3.01
CA LEU A 759 -9.58 14.60 2.62
C LEU A 759 -8.45 15.14 3.46
N SER A 760 -7.88 14.27 4.27
CA SER A 760 -6.74 14.59 5.17
C SER A 760 -5.45 14.64 4.33
N TRP A 761 -4.77 15.77 4.32
CA TRP A 761 -3.55 15.90 3.47
C TRP A 761 -2.34 15.58 4.34
N PRO A 762 -1.54 14.56 3.97
CA PRO A 762 -0.44 14.15 4.84
C PRO A 762 0.70 15.16 4.83
N GLU A 763 1.40 15.25 5.96
CA GLU A 763 2.59 16.11 6.04
C GLU A 763 3.72 15.54 5.16
N ASP A 764 4.43 16.43 4.50
CA ASP A 764 5.62 16.05 3.69
C ASP A 764 6.83 16.03 4.60
N THR A 765 7.20 14.89 5.14
CA THR A 765 8.34 14.82 6.10
C THR A 765 9.60 14.39 5.36
N THR A 766 9.47 14.02 4.07
CA THR A 766 10.59 13.43 3.28
C THR A 766 11.33 14.49 2.43
N SER A 767 10.67 15.46 1.86
CA SER A 767 11.28 16.39 0.85
C SER A 767 12.46 17.13 1.47
N ASP A 768 12.41 17.48 2.75
CA ASP A 768 13.52 18.27 3.35
C ASP A 768 14.35 17.40 4.28
N PHE A 769 14.10 16.11 4.41
CA PHE A 769 14.76 15.32 5.47
C PHE A 769 16.30 15.38 5.34
N PCA B 1 -8.43 4.24 32.29
CA PCA B 1 -9.53 5.09 31.85
CB PCA B 1 -9.87 4.53 30.44
CG PCA B 1 -8.75 3.59 30.08
CD PCA B 1 -7.94 3.41 31.35
OE PCA B 1 -7.00 2.64 31.48
C PCA B 1 -10.77 5.04 32.75
O PCA B 1 -11.39 6.06 32.99
N ALA B 2 -11.11 3.82 33.22
CA ALA B 2 -12.27 3.59 34.08
C ALA B 2 -11.86 3.53 35.56
N ASN B 3 -10.73 4.11 35.91
CA ASN B 3 -10.24 4.13 37.31
C ASN B 3 -11.18 4.97 38.18
N THR B 4 -11.28 4.56 39.44
CA THR B 4 -12.22 5.22 40.40
C THR B 4 -11.50 6.22 41.27
N SER B 5 -10.17 6.25 41.30
CA SER B 5 -9.33 7.32 41.89
C SER B 5 -8.13 7.56 40.98
N TYR B 6 -7.32 8.53 41.34
CA TYR B 6 -6.07 8.91 40.61
C TYR B 6 -5.20 7.66 40.44
N THR B 7 -4.84 7.39 39.19
CA THR B 7 -4.02 6.19 38.89
C THR B 7 -2.86 6.66 38.01
N ASP B 8 -1.63 6.43 38.45
CA ASP B 8 -0.44 6.83 37.67
C ASP B 8 -0.06 5.67 36.74
N TYR B 9 -0.46 5.74 35.47
CA TYR B 9 -0.19 4.65 34.51
C TYR B 9 1.28 4.63 34.05
N ASN B 10 2.10 5.56 34.49
CA ASN B 10 3.57 5.39 34.34
C ASN B 10 4.12 4.28 35.27
N VAL B 11 3.38 3.85 36.29
CA VAL B 11 3.75 2.82 37.31
C VAL B 11 2.76 1.66 37.28
N GLU B 12 1.47 1.97 37.34
CA GLU B 12 0.45 0.93 37.18
C GLU B 12 0.51 0.36 35.75
N ALA B 13 0.58 -0.96 35.62
CA ALA B 13 0.72 -1.60 34.29
C ALA B 13 -0.59 -2.25 33.82
N ASN B 14 -1.63 -2.24 34.64
CA ASN B 14 -2.97 -2.74 34.22
C ASN B 14 -3.84 -1.55 33.85
N PRO B 15 -4.28 -1.43 32.59
CA PRO B 15 -5.27 -0.43 32.23
C PRO B 15 -6.62 -0.75 32.89
N ASP B 16 -7.43 0.28 33.06
CA ASP B 16 -8.81 0.17 33.61
C ASP B 16 -9.77 0.39 32.44
N LEU B 17 -10.12 -0.72 31.81
CA LEU B 17 -10.97 -0.65 30.61
C LEU B 17 -12.45 -0.53 31.02
N PHE B 18 -13.20 0.17 30.18
CA PHE B 18 -14.67 0.32 30.39
C PHE B 18 -15.35 -0.98 30.09
N PRO B 19 -16.53 -1.20 30.72
CA PRO B 19 -17.25 -2.45 30.51
C PRO B 19 -17.64 -2.71 29.06
N LEU B 20 -17.89 -1.70 28.24
CA LEU B 20 -18.20 -1.99 26.81
C LEU B 20 -17.03 -2.74 26.16
N CYS B 21 -15.80 -2.31 26.41
CA CYS B 21 -14.59 -2.94 25.84
C CYS B 21 -14.49 -4.40 26.31
N LEU B 22 -14.87 -4.69 27.57
CA LEU B 22 -14.71 -6.01 28.22
C LEU B 22 -15.89 -6.94 27.97
N GLN B 23 -16.99 -6.42 27.39
CA GLN B 23 -18.25 -7.17 27.20
C GLN B 23 -18.06 -8.25 26.15
N HIS B 24 -18.38 -9.50 26.50
CA HIS B 24 -18.55 -10.59 25.53
C HIS B 24 -19.86 -10.38 24.76
N LEU B 25 -19.88 -10.83 23.53
CA LEU B 25 -21.08 -10.67 22.67
C LEU B 25 -21.55 -12.05 22.23
N ASN B 26 -22.86 -12.12 22.06
CA ASN B 26 -23.46 -13.29 21.42
C ASN B 26 -23.27 -13.18 19.92
N ALA B 27 -22.57 -14.15 19.36
CA ALA B 27 -22.16 -14.08 17.95
C ALA B 27 -23.29 -14.62 17.09
N SER B 28 -23.40 -14.10 15.90
CA SER B 28 -24.31 -14.64 14.87
C SER B 28 -23.84 -14.15 13.49
N PHE B 29 -24.47 -14.65 12.44
CA PHE B 29 -24.05 -14.36 11.08
C PHE B 29 -25.12 -13.57 10.37
N PRO B 30 -24.71 -12.66 9.47
CA PRO B 30 -25.65 -11.94 8.62
C PRO B 30 -26.40 -12.92 7.72
N ASP B 31 -27.64 -12.57 7.41
CA ASP B 31 -28.51 -13.40 6.54
C ASP B 31 -28.46 -12.82 5.11
N CYS B 32 -27.64 -13.37 4.21
CA CYS B 32 -27.47 -12.90 2.82
C CYS B 32 -28.52 -13.57 1.89
N ALA B 33 -29.33 -14.48 2.41
CA ALA B 33 -30.45 -15.08 1.64
C ALA B 33 -31.68 -14.16 1.70
N SER B 34 -32.07 -13.70 2.90
CA SER B 34 -33.34 -12.94 3.07
C SER B 34 -33.22 -11.69 3.92
N GLY B 35 -32.06 -11.38 4.52
CA GLY B 35 -31.97 -10.17 5.35
C GLY B 35 -31.86 -8.89 4.53
N PRO B 36 -31.81 -7.72 5.21
CA PRO B 36 -31.71 -6.42 4.53
C PRO B 36 -30.48 -6.25 3.63
N LEU B 37 -29.42 -7.04 3.85
CA LEU B 37 -28.22 -6.94 2.99
C LEU B 37 -28.31 -7.89 1.77
N SER B 38 -29.33 -8.76 1.68
CA SER B 38 -29.34 -9.91 0.74
C SER B 38 -29.27 -9.46 -0.73
N LEU B 39 -29.87 -8.33 -1.09
CA LEU B 39 -29.81 -7.86 -2.51
C LEU B 39 -28.79 -6.72 -2.66
N THR B 40 -27.82 -6.60 -1.76
CA THR B 40 -26.79 -5.53 -1.79
C THR B 40 -25.42 -6.16 -2.09
N PRO B 41 -24.44 -5.34 -2.53
CA PRO B 41 -23.15 -5.88 -2.96
C PRO B 41 -22.36 -6.68 -1.91
N VAL B 42 -22.52 -6.39 -0.61
CA VAL B 42 -21.75 -7.20 0.40
C VAL B 42 -22.17 -8.67 0.27
N CYS B 43 -23.40 -8.93 -0.19
CA CYS B 43 -23.90 -10.31 -0.33
C CYS B 43 -23.67 -10.86 -1.75
N ASP B 44 -22.96 -10.13 -2.60
CA ASP B 44 -22.63 -10.59 -4.00
C ASP B 44 -21.26 -11.30 -3.99
N ARG B 45 -21.25 -12.63 -4.02
CA ARG B 45 -20.01 -13.45 -3.88
C ARG B 45 -19.13 -13.31 -5.13
N SER B 46 -19.56 -12.63 -6.18
CA SER B 46 -18.73 -12.39 -7.39
C SER B 46 -17.73 -11.24 -7.18
N LEU B 47 -17.89 -10.43 -6.15
CA LEU B 47 -17.06 -9.23 -5.92
C LEU B 47 -15.92 -9.60 -4.96
N SER B 48 -14.89 -8.77 -4.95
CA SER B 48 -13.74 -8.91 -4.04
C SER B 48 -14.20 -8.68 -2.61
N PRO B 49 -13.44 -9.21 -1.63
CA PRO B 49 -13.72 -8.87 -0.23
C PRO B 49 -13.70 -7.37 0.07
N LYS B 50 -12.73 -6.65 -0.49
CA LYS B 50 -12.57 -5.19 -0.29
C LYS B 50 -13.80 -4.47 -0.87
N ASP B 51 -14.27 -4.87 -2.05
CA ASP B 51 -15.43 -4.17 -2.68
C ASP B 51 -16.70 -4.45 -1.87
N ARG B 52 -16.84 -5.67 -1.32
CA ARG B 52 -18.03 -6.07 -0.52
C ARG B 52 -18.02 -5.27 0.78
N ALA B 53 -16.87 -5.20 1.46
CA ALA B 53 -16.77 -4.48 2.73
C ALA B 53 -16.98 -2.98 2.52
N THR B 54 -16.44 -2.43 1.42
CA THR B 54 -16.62 -0.99 1.16
C THR B 54 -18.12 -0.71 0.96
N ALA B 55 -18.81 -1.54 0.18
CA ALA B 55 -20.27 -1.44 -0.04
C ALA B 55 -21.02 -1.53 1.28
N LEU B 56 -20.70 -2.50 2.16
CA LEU B 56 -21.38 -2.57 3.47
C LEU B 56 -21.20 -1.26 4.22
N VAL B 57 -19.96 -0.81 4.39
CA VAL B 57 -19.73 0.38 5.23
C VAL B 57 -20.41 1.62 4.63
N SER B 58 -20.61 1.70 3.31
CA SER B 58 -21.27 2.88 2.68
C SER B 58 -22.74 2.99 3.14
N LEU B 59 -23.29 1.89 3.64
CA LEU B 59 -24.72 1.86 4.03
C LEU B 59 -24.93 2.42 5.42
N PHE B 60 -23.85 2.58 6.22
CA PHE B 60 -24.01 2.98 7.63
C PHE B 60 -24.29 4.47 7.74
N THR B 61 -24.91 4.89 8.85
CA THR B 61 -24.82 6.26 9.33
C THR B 61 -23.46 6.39 9.99
N PHE B 62 -23.04 7.63 10.24
CA PHE B 62 -21.79 7.92 10.97
C PHE B 62 -21.89 7.34 12.39
N ASP B 63 -23.04 7.49 13.05
CA ASP B 63 -23.19 6.99 14.43
C ASP B 63 -23.03 5.46 14.45
N GLU B 64 -23.58 4.78 13.46
CA GLU B 64 -23.50 3.31 13.28
C GLU B 64 -22.04 2.88 13.03
N LEU B 65 -21.37 3.59 12.13
CA LEU B 65 -19.92 3.37 11.85
C LEU B 65 -19.13 3.45 13.17
N VAL B 66 -19.28 4.53 13.90
CA VAL B 66 -18.43 4.83 15.07
C VAL B 66 -18.64 3.72 16.10
N ASN B 67 -19.84 3.18 16.21
CA ASN B 67 -20.15 2.11 17.18
C ASN B 67 -19.43 0.79 16.78
N ASN B 68 -18.88 0.72 15.56
CA ASN B 68 -18.17 -0.50 15.10
C ASN B 68 -16.67 -0.27 14.88
N THR B 69 -16.09 0.76 15.49
CA THR B 69 -14.66 1.11 15.40
C THR B 69 -13.85 0.53 16.58
N GLY B 70 -14.53 -0.01 17.60
CA GLY B 70 -13.86 -0.67 18.73
C GLY B 70 -13.99 -2.16 18.65
N ASN B 71 -13.28 -2.87 19.51
CA ASN B 71 -13.33 -4.36 19.51
C ASN B 71 -14.76 -4.82 19.74
N THR B 72 -15.51 -4.19 20.65
CA THR B 72 -16.92 -4.63 20.91
C THR B 72 -17.80 -3.88 19.88
N GLY B 73 -17.88 -4.40 18.69
CA GLY B 73 -18.63 -3.81 17.58
C GLY B 73 -20.12 -4.05 17.81
N LEU B 74 -20.89 -2.98 17.91
CA LEU B 74 -22.28 -3.11 18.41
C LEU B 74 -23.18 -3.57 17.28
N GLY B 75 -22.66 -3.65 16.07
CA GLY B 75 -23.47 -4.06 14.93
C GLY B 75 -24.26 -2.91 14.35
N VAL B 76 -25.13 -3.26 13.40
CA VAL B 76 -26.08 -2.31 12.82
C VAL B 76 -27.47 -2.99 12.67
N SER B 77 -28.37 -2.81 13.63
CA SER B 77 -29.64 -3.59 13.71
C SER B 77 -30.46 -3.34 12.44
N ARG B 78 -30.47 -2.10 11.95
CA ARG B 78 -31.25 -1.64 10.77
C ARG B 78 -30.92 -2.54 9.56
N LEU B 79 -29.66 -2.94 9.41
CA LEU B 79 -29.18 -3.71 8.25
C LEU B 79 -29.11 -5.21 8.55
N GLY B 80 -29.47 -5.65 9.76
CA GLY B 80 -29.28 -7.05 10.12
C GLY B 80 -27.83 -7.42 10.23
N LEU B 81 -26.96 -6.45 10.56
CA LEU B 81 -25.52 -6.75 10.77
C LEU B 81 -25.30 -7.00 12.26
N PRO B 82 -24.93 -8.23 12.64
CA PRO B 82 -24.77 -8.58 14.05
C PRO B 82 -23.68 -7.76 14.73
N ASN B 83 -23.80 -7.62 16.04
CA ASN B 83 -22.64 -7.26 16.86
C ASN B 83 -21.51 -8.27 16.57
N TYR B 84 -20.25 -7.79 16.66
CA TYR B 84 -19.09 -8.64 16.38
C TYR B 84 -17.94 -8.30 17.33
N GLN B 85 -17.45 -9.31 18.03
CA GLN B 85 -16.38 -9.14 19.06
C GLN B 85 -15.03 -9.47 18.41
N VAL B 86 -14.19 -8.45 18.24
CA VAL B 86 -12.81 -8.64 17.70
C VAL B 86 -11.89 -9.27 18.76
N TRP B 87 -12.18 -9.07 20.04
CA TRP B 87 -11.27 -9.49 21.13
C TRP B 87 -11.56 -10.97 21.44
N GLY B 88 -10.89 -11.83 20.68
CA GLY B 88 -10.75 -13.26 20.94
C GLY B 88 -9.30 -13.57 21.29
N GLU B 89 -9.06 -14.71 21.89
CA GLU B 89 -7.71 -15.13 22.31
C GLU B 89 -7.52 -16.58 21.99
N ALA B 90 -6.30 -16.96 21.58
CA ALA B 90 -5.97 -18.39 21.41
C ALA B 90 -4.50 -18.63 21.58
N LEU B 91 -3.95 -18.21 22.69
CA LEU B 91 -2.48 -18.29 22.86
C LEU B 91 -1.99 -19.74 22.79
N HIS B 92 -2.71 -20.68 23.43
CA HIS B 92 -2.31 -22.09 23.52
C HIS B 92 -3.58 -22.90 23.76
N GLY B 93 -4.62 -22.56 23.00
CA GLY B 93 -5.97 -23.12 23.24
C GLY B 93 -7.01 -22.00 23.12
N VAL B 94 -8.28 -22.31 22.91
CA VAL B 94 -9.34 -21.29 22.93
C VAL B 94 -9.30 -20.58 24.29
N GLY B 95 -9.19 -19.26 24.31
CA GLY B 95 -8.98 -18.52 25.57
C GLY B 95 -10.08 -17.54 25.95
N ARG B 96 -10.92 -17.06 25.01
CA ARG B 96 -11.83 -15.94 25.35
C ARG B 96 -13.15 -16.09 24.61
N ALA B 97 -13.55 -17.33 24.43
CA ALA B 97 -14.90 -17.64 23.95
C ALA B 97 -15.89 -17.53 25.11
N ASN B 98 -17.17 -17.59 24.79
CA ASN B 98 -18.26 -17.46 25.78
C ASN B 98 -18.52 -18.79 26.46
N PHE B 99 -17.56 -19.32 27.23
CA PHE B 99 -17.65 -20.68 27.82
C PHE B 99 -18.92 -20.80 28.67
N VAL B 100 -19.63 -21.90 28.51
CA VAL B 100 -20.80 -22.20 29.40
C VAL B 100 -20.31 -22.96 30.64
N GLU B 101 -21.17 -22.98 31.70
CA GLU B 101 -20.80 -23.54 33.01
C GLU B 101 -20.50 -25.04 32.89
N SER B 102 -21.32 -25.79 32.15
CA SER B 102 -21.23 -27.25 32.06
C SER B 102 -21.75 -27.68 30.71
N GLY B 103 -21.43 -28.90 30.35
CA GLY B 103 -21.92 -29.59 29.14
C GLY B 103 -21.20 -29.02 27.93
N ASN B 104 -21.81 -29.08 26.78
CA ASN B 104 -21.13 -28.72 25.52
C ASN B 104 -20.59 -27.28 25.68
N PHE B 105 -19.39 -27.05 25.15
CA PHE B 105 -18.73 -25.71 25.08
C PHE B 105 -18.39 -25.18 26.47
N SER B 106 -18.20 -26.06 27.45
CA SER B 106 -17.80 -25.67 28.81
C SER B 106 -16.28 -25.75 28.99
N TRP B 107 -15.56 -26.21 27.98
CA TRP B 107 -14.08 -26.30 28.04
C TRP B 107 -13.51 -26.38 26.63
N ALA B 108 -12.20 -26.22 26.54
CA ALA B 108 -11.44 -26.45 25.32
C ALA B 108 -10.05 -26.97 25.71
N THR B 109 -9.36 -27.54 24.73
CA THR B 109 -8.05 -28.17 24.97
C THR B 109 -7.07 -27.08 25.43
N SER B 110 -6.38 -27.34 26.52
CA SER B 110 -5.35 -26.43 27.08
C SER B 110 -3.97 -27.08 26.83
N PHE B 111 -3.31 -26.63 25.75
CA PHE B 111 -1.94 -27.04 25.39
C PHE B 111 -0.96 -26.45 26.38
N PRO B 112 0.31 -26.89 26.35
CA PRO B 112 1.35 -26.21 27.12
C PRO B 112 1.45 -24.74 26.67
N MET B 113 2.03 -23.90 27.52
CA MET B 113 2.29 -22.53 27.08
C MET B 113 3.26 -22.58 25.90
N PRO B 114 3.27 -21.50 25.09
CA PRO B 114 4.20 -21.46 23.93
C PRO B 114 5.67 -21.69 24.28
N ILE B 115 6.13 -21.28 25.45
CA ILE B 115 7.56 -21.42 25.82
C ILE B 115 7.91 -22.93 25.88
N THR B 116 6.97 -23.75 26.36
CA THR B 116 7.14 -25.22 26.41
C THR B 116 6.93 -25.78 25.00
N MET B 117 5.92 -25.33 24.26
CA MET B 117 5.70 -25.86 22.90
C MET B 117 6.97 -25.68 22.06
N MET B 118 7.63 -24.54 22.16
CA MET B 118 8.80 -24.21 21.32
C MET B 118 9.99 -25.07 21.73
N ALA B 119 10.15 -25.36 23.02
CA ALA B 119 11.28 -26.17 23.53
C ALA B 119 11.31 -27.57 22.86
N ALA B 120 10.19 -28.05 22.30
CA ALA B 120 10.19 -29.33 21.56
C ALA B 120 11.04 -29.26 20.30
N LEU B 121 11.27 -28.05 19.73
CA LEU B 121 12.03 -27.84 18.48
C LEU B 121 11.38 -28.65 17.36
N ASN B 122 10.06 -28.72 17.40
CA ASN B 122 9.26 -29.48 16.39
C ASN B 122 8.29 -28.50 15.70
N LYS B 123 8.68 -28.00 14.53
CA LYS B 123 7.83 -26.97 13.85
C LYS B 123 6.49 -27.61 13.46
N THR B 124 6.45 -28.92 13.13
CA THR B 124 5.20 -29.61 12.78
C THR B 124 4.23 -29.60 13.96
N LEU B 125 4.71 -29.76 15.19
CA LEU B 125 3.89 -29.75 16.42
C LEU B 125 3.20 -28.39 16.53
N ILE B 126 3.93 -27.28 16.37
CA ILE B 126 3.32 -25.93 16.51
C ILE B 126 2.18 -25.83 15.47
N HIS B 127 2.45 -26.27 14.25
CA HIS B 127 1.43 -26.24 13.18
C HIS B 127 0.23 -27.11 13.58
N GLN B 128 0.44 -28.35 14.05
CA GLN B 128 -0.72 -29.21 14.36
C GLN B 128 -1.53 -28.62 15.52
N ILE B 129 -0.86 -28.06 16.53
CA ILE B 129 -1.59 -27.42 17.68
C ILE B 129 -2.44 -26.26 17.11
N GLY B 130 -1.88 -25.41 16.25
CA GLY B 130 -2.64 -24.32 15.60
C GLY B 130 -3.84 -24.83 14.85
N THR B 131 -3.72 -25.97 14.17
CA THR B 131 -4.90 -26.53 13.41
C THR B 131 -6.00 -27.00 14.36
N ILE B 132 -5.66 -27.58 15.51
CA ILE B 132 -6.68 -27.99 16.49
C ILE B 132 -7.29 -26.75 17.11
N VAL B 133 -6.45 -25.80 17.54
CA VAL B 133 -6.98 -24.55 18.14
C VAL B 133 -7.95 -23.89 17.15
N SER B 134 -7.58 -23.85 15.88
N SER B 134 -7.63 -23.80 15.85
CA SER B 134 -8.38 -23.23 14.79
CA SER B 134 -8.54 -23.11 14.89
C SER B 134 -9.74 -23.93 14.66
C SER B 134 -9.81 -23.93 14.69
N THR B 135 -9.71 -25.26 14.64
CA THR B 135 -10.94 -26.09 14.61
C THR B 135 -11.79 -25.75 15.84
N GLN B 136 -11.21 -25.80 17.05
CA GLN B 136 -11.99 -25.56 18.29
C GLN B 136 -12.57 -24.15 18.27
N LEU B 137 -11.81 -23.16 17.79
CA LEU B 137 -12.34 -21.78 17.71
C LEU B 137 -13.58 -21.76 16.80
N ARG B 138 -13.50 -22.41 15.66
CA ARG B 138 -14.64 -22.45 14.72
C ARG B 138 -15.83 -23.20 15.35
N ALA B 139 -15.60 -24.23 16.17
CA ALA B 139 -16.72 -24.88 16.88
C ALA B 139 -17.45 -23.84 17.73
N PHE B 140 -16.71 -23.05 18.53
CA PHE B 140 -17.32 -22.04 19.42
C PHE B 140 -18.05 -21.00 18.56
N SER B 141 -17.45 -20.57 17.43
CA SER B 141 -18.08 -19.57 16.54
C SER B 141 -19.43 -20.11 16.01
N ASN B 142 -19.44 -21.33 15.57
CA ASN B 142 -20.68 -21.93 14.99
C ASN B 142 -21.75 -22.10 16.08
N ALA B 143 -21.38 -22.19 17.34
CA ALA B 143 -22.33 -22.29 18.48
C ALA B 143 -22.80 -20.90 18.94
N GLY B 144 -22.28 -19.80 18.34
CA GLY B 144 -22.68 -18.43 18.73
C GLY B 144 -21.87 -17.90 19.90
N LEU B 145 -20.71 -18.51 20.17
CA LEU B 145 -19.99 -18.29 21.45
C LEU B 145 -18.64 -17.62 21.22
N GLY B 146 -18.40 -17.14 20.03
CA GLY B 146 -17.14 -16.44 19.74
C GLY B 146 -17.13 -15.90 18.33
N GLY B 147 -16.12 -15.11 18.05
CA GLY B 147 -15.81 -14.60 16.71
C GLY B 147 -14.86 -15.48 15.93
N VAL B 148 -14.31 -14.93 14.87
CA VAL B 148 -13.44 -15.69 13.93
C VAL B 148 -12.09 -14.98 13.78
N ASP B 149 -11.69 -14.17 14.78
CA ASP B 149 -10.32 -13.60 14.82
C ASP B 149 -9.84 -13.72 16.25
N VAL B 150 -8.55 -13.92 16.42
CA VAL B 150 -7.95 -13.98 17.78
C VAL B 150 -6.71 -13.09 17.81
N TYR B 151 -6.45 -12.56 18.98
CA TYR B 151 -5.22 -11.79 19.29
C TYR B 151 -4.07 -12.74 19.65
N SER B 152 -3.71 -13.63 18.73
CA SER B 152 -2.62 -14.62 18.87
C SER B 152 -2.02 -14.88 17.52
N PRO B 153 -0.73 -15.26 17.39
CA PRO B 153 0.21 -15.46 18.50
C PRO B 153 1.04 -14.28 19.01
N ASN B 154 1.54 -14.44 20.25
CA ASN B 154 2.57 -13.55 20.85
C ASN B 154 3.88 -13.94 20.21
N ILE B 155 4.46 -13.06 19.38
CA ILE B 155 5.77 -13.32 18.74
C ILE B 155 6.77 -12.23 19.08
N ASN B 156 6.56 -11.60 20.22
CA ASN B 156 7.71 -10.94 20.89
C ASN B 156 8.69 -12.03 21.34
N THR B 157 9.96 -11.66 21.51
CA THR B 157 10.96 -12.54 22.09
C THR B 157 11.13 -12.23 23.57
N PHE B 158 11.52 -13.27 24.28
CA PHE B 158 11.82 -13.21 25.74
C PHE B 158 13.22 -12.63 25.92
N ARG B 159 13.36 -11.38 25.61
CA ARG B 159 14.68 -10.72 25.52
C ARG B 159 15.33 -10.62 26.91
N HIS B 160 14.59 -10.13 27.89
CA HIS B 160 15.10 -9.99 29.27
C HIS B 160 14.42 -11.02 30.16
N PRO B 161 15.19 -11.75 31.00
CA PRO B 161 14.64 -12.86 31.81
C PRO B 161 13.57 -12.49 32.89
N VAL B 162 13.41 -11.23 33.24
CA VAL B 162 12.40 -10.88 34.29
C VAL B 162 10.99 -10.80 33.69
N TRP B 163 10.85 -10.78 32.35
CA TRP B 163 9.54 -10.38 31.78
C TRP B 163 8.42 -11.30 32.22
N GLY B 164 7.38 -10.69 32.79
CA GLY B 164 6.20 -11.42 33.25
C GLY B 164 5.39 -12.10 32.15
N ARG B 165 5.66 -11.79 30.87
CA ARG B 165 4.92 -12.43 29.73
C ARG B 165 5.88 -13.21 28.81
N GLY B 166 7.15 -13.36 29.16
CA GLY B 166 8.06 -14.25 28.44
C GLY B 166 7.50 -15.65 28.27
N GLN B 167 6.72 -16.12 29.23
CA GLN B 167 6.07 -17.45 29.22
C GLN B 167 5.18 -17.63 27.99
N GLU B 168 4.69 -16.54 27.40
CA GLU B 168 3.73 -16.53 26.26
C GLU B 168 4.48 -16.65 24.92
N THR B 169 5.79 -16.49 24.96
CA THR B 169 6.67 -16.37 23.75
C THR B 169 7.34 -17.67 23.43
N PRO B 170 7.91 -17.77 22.21
CA PRO B 170 8.75 -18.92 21.85
C PRO B 170 10.22 -18.77 22.29
N GLY B 171 10.51 -17.87 23.22
CA GLY B 171 11.85 -17.75 23.79
C GLY B 171 12.58 -16.53 23.28
N GLU B 172 13.90 -16.50 23.48
CA GLU B 172 14.71 -15.29 23.29
C GLU B 172 15.25 -15.17 21.85
N ASP B 173 15.08 -16.19 21.03
CA ASP B 173 15.70 -16.18 19.68
C ASP B 173 14.68 -15.74 18.63
N ALA B 174 15.11 -14.85 17.73
CA ALA B 174 14.23 -14.33 16.67
C ALA B 174 13.99 -15.39 15.60
N PHE B 175 14.94 -16.28 15.30
CA PHE B 175 14.73 -17.33 14.26
C PHE B 175 13.65 -18.32 14.70
N LEU B 176 13.79 -18.88 15.92
CA LEU B 176 12.77 -19.82 16.45
C LEU B 176 11.43 -19.09 16.50
N THR B 177 11.42 -17.88 17.00
CA THR B 177 10.15 -17.13 17.22
C THR B 177 9.48 -16.90 15.86
N SER B 178 10.26 -16.58 14.83
CA SER B 178 9.75 -16.39 13.44
C SER B 178 9.07 -17.66 12.95
N VAL B 179 9.72 -18.79 13.11
CA VAL B 179 9.20 -20.08 12.62
C VAL B 179 7.94 -20.42 13.40
N TYR B 180 7.97 -20.28 14.72
CA TYR B 180 6.75 -20.50 15.56
C TYR B 180 5.59 -19.67 14.98
N GLY B 181 5.83 -18.38 14.76
CA GLY B 181 4.79 -17.47 14.22
C GLY B 181 4.23 -18.01 12.93
N TYR B 182 5.12 -18.40 12.02
CA TYR B 182 4.76 -18.84 10.67
C TYR B 182 3.89 -20.06 10.80
N GLU B 183 4.31 -21.04 11.59
CA GLU B 183 3.54 -22.29 11.71
C GLU B 183 2.19 -22.01 12.37
N TYR B 184 2.17 -21.22 13.43
CA TYR B 184 0.91 -21.06 14.20
C TYR B 184 -0.07 -20.23 13.37
N ILE B 185 0.43 -19.15 12.75
CA ILE B 185 -0.40 -18.26 11.91
C ILE B 185 -0.98 -19.03 10.70
N THR B 186 -0.16 -19.78 9.97
CA THR B 186 -0.67 -20.50 8.77
C THR B 186 -1.64 -21.57 9.21
N ALA B 187 -1.45 -22.18 10.38
CA ALA B 187 -2.42 -23.15 10.92
C ALA B 187 -3.72 -22.41 11.26
N LEU B 188 -3.67 -21.31 12.04
CA LEU B 188 -4.92 -20.61 12.45
C LEU B 188 -5.68 -20.22 11.17
N GLN B 189 -5.00 -19.65 10.20
CA GLN B 189 -5.66 -19.01 9.04
C GLN B 189 -6.07 -20.06 8.02
N GLY B 190 -5.61 -21.30 8.13
CA GLY B 190 -6.06 -22.40 7.24
C GLY B 190 -5.26 -22.42 5.93
N GLY B 191 -4.03 -21.93 5.97
CA GLY B 191 -3.11 -21.93 4.84
C GLY B 191 -2.33 -20.64 4.70
N VAL B 192 -1.71 -20.45 3.52
CA VAL B 192 -0.96 -19.21 3.15
C VAL B 192 -1.84 -18.35 2.22
N ASP B 193 -2.37 -17.24 2.71
CA ASP B 193 -3.42 -16.45 1.97
C ASP B 193 -4.43 -17.41 1.30
N PRO B 194 -5.18 -18.23 2.08
CA PRO B 194 -6.11 -19.21 1.51
C PRO B 194 -7.36 -18.57 0.87
N GLU B 195 -8.06 -19.34 0.05
CA GLU B 195 -9.40 -19.02 -0.54
C GLU B 195 -10.35 -18.53 0.55
N THR B 196 -10.54 -19.31 1.63
CA THR B 196 -11.37 -18.91 2.81
C THR B 196 -10.49 -18.90 4.08
N LEU B 197 -10.40 -17.75 4.76
CA LEU B 197 -9.71 -17.69 6.07
C LEU B 197 -10.47 -18.59 7.07
N LYS B 198 -9.73 -19.40 7.85
CA LYS B 198 -10.32 -20.25 8.88
C LYS B 198 -10.53 -19.39 10.13
N ILE B 199 -9.41 -18.95 10.75
CA ILE B 199 -9.42 -17.95 11.83
C ILE B 199 -8.42 -16.84 11.45
N ILE B 200 -8.84 -15.59 11.57
CA ILE B 200 -7.94 -14.43 11.36
C ILE B 200 -6.95 -14.42 12.53
N ALA B 201 -5.66 -14.46 12.24
CA ALA B 201 -4.62 -14.42 13.28
C ALA B 201 -4.14 -12.99 13.43
N THR B 202 -3.55 -12.72 14.61
CA THR B 202 -3.04 -11.38 14.92
C THR B 202 -1.65 -11.51 15.47
N ALA B 203 -0.63 -11.06 14.74
CA ALA B 203 0.74 -11.07 15.26
C ALA B 203 0.83 -9.95 16.30
N LYS B 204 1.25 -10.24 17.53
CA LYS B 204 1.38 -9.17 18.58
C LYS B 204 2.68 -9.41 19.29
N HIS B 205 3.26 -8.39 19.95
CA HIS B 205 2.80 -7.03 20.06
C HIS B 205 3.84 -6.16 19.33
N TYR B 206 3.43 -5.42 18.33
CA TYR B 206 4.35 -4.70 17.41
C TYR B 206 4.50 -3.28 17.89
N ALA B 207 5.69 -2.88 18.39
CA ALA B 207 6.95 -3.60 18.50
C ALA B 207 7.75 -3.04 19.68
N GLY B 208 8.84 -3.70 20.04
CA GLY B 208 9.68 -3.21 21.16
C GLY B 208 9.05 -3.47 22.53
N TYR B 209 8.15 -4.44 22.62
CA TYR B 209 7.35 -4.74 23.82
C TYR B 209 7.88 -6.00 24.49
N ASP B 210 8.51 -5.89 25.67
CA ASP B 210 9.11 -7.07 26.33
C ASP B 210 9.37 -6.77 27.83
N ILE B 211 8.66 -5.79 28.38
CA ILE B 211 8.73 -5.40 29.82
C ILE B 211 7.32 -4.96 30.23
N GLU B 212 6.87 -5.43 31.41
CA GLU B 212 5.52 -5.12 31.96
C GLU B 212 5.60 -3.95 32.93
N SER B 213 6.59 -3.97 33.83
CA SER B 213 6.50 -3.18 35.08
C SER B 213 7.79 -3.08 35.86
N TRP B 214 8.87 -3.70 35.43
CA TRP B 214 10.12 -3.81 36.23
C TRP B 214 10.51 -2.46 36.83
N ASN B 215 10.81 -2.49 38.15
CA ASN B 215 11.31 -1.29 38.91
C ASN B 215 10.40 -0.09 38.60
N ASN B 216 9.08 -0.34 38.52
CA ASN B 216 8.01 0.67 38.40
C ASN B 216 7.86 1.24 36.96
N HIS B 217 8.54 0.67 35.97
CA HIS B 217 8.47 1.11 34.56
C HIS B 217 7.31 0.43 33.84
N SER B 218 6.13 1.01 33.97
CA SER B 218 4.92 0.47 33.33
C SER B 218 5.11 0.44 31.82
N ARG B 219 4.71 -0.68 31.22
CA ARG B 219 4.52 -0.80 29.77
C ARG B 219 3.68 0.37 29.22
N LEU B 220 2.69 0.84 29.98
CA LEU B 220 1.72 1.83 29.46
C LEU B 220 2.38 3.19 29.20
N GLY B 221 3.52 3.45 29.86
CA GLY B 221 4.24 4.70 29.68
C GLY B 221 5.70 4.55 29.29
N ASN B 222 6.18 3.35 29.04
CA ASN B 222 7.58 3.07 28.66
C ASN B 222 7.87 3.65 27.28
N ASP B 223 9.01 4.33 27.16
CA ASP B 223 9.49 4.86 25.87
C ASP B 223 10.85 4.21 25.58
N MET B 224 10.84 3.11 24.86
CA MET B 224 12.04 2.23 24.72
C MET B 224 12.96 2.77 23.61
N GLN B 225 14.23 2.96 23.93
CA GLN B 225 15.25 3.48 22.99
C GLN B 225 15.94 2.31 22.27
N ILE B 226 15.73 2.21 20.98
CA ILE B 226 16.17 1.05 20.16
C ILE B 226 16.86 1.57 18.91
N THR B 227 18.09 1.11 18.66
CA THR B 227 18.80 1.52 17.44
C THR B 227 18.09 0.97 16.22
N GLN B 228 18.26 1.63 15.10
CA GLN B 228 17.65 1.10 13.85
C GLN B 228 18.27 -0.26 13.55
N GLN B 229 19.55 -0.45 13.84
CA GLN B 229 20.23 -1.74 13.60
C GLN B 229 19.52 -2.84 14.41
N GLU B 230 19.31 -2.62 15.70
CA GLU B 230 18.70 -3.70 16.54
C GLU B 230 17.19 -3.83 16.25
N LEU B 231 16.51 -2.76 15.93
CA LEU B 231 15.08 -2.82 15.57
C LEU B 231 14.94 -3.76 14.38
N SER B 232 15.82 -3.61 13.42
CA SER B 232 15.79 -4.37 12.15
C SER B 232 16.30 -5.81 12.39
N GLU B 233 17.36 -6.00 13.17
CA GLU B 233 17.96 -7.38 13.23
C GLU B 233 17.26 -8.29 14.25
N TYR B 234 16.56 -7.73 15.23
CA TYR B 234 16.06 -8.49 16.41
C TYR B 234 14.61 -8.18 16.75
N TYR B 235 14.22 -6.94 16.88
CA TYR B 235 12.90 -6.59 17.45
C TYR B 235 11.81 -6.73 16.40
N THR B 236 12.15 -6.80 15.10
CA THR B 236 11.10 -6.89 14.06
C THR B 236 11.08 -8.19 13.25
N PRO B 237 12.16 -8.99 13.05
CA PRO B 237 12.08 -10.15 12.17
C PRO B 237 10.88 -11.08 12.36
N PRO B 238 10.41 -11.38 13.58
CA PRO B 238 9.27 -12.28 13.68
C PRO B 238 8.06 -11.66 12.96
N PHE B 239 7.91 -10.34 13.05
CA PHE B 239 6.80 -9.60 12.44
C PHE B 239 6.98 -9.52 10.92
N ILE B 240 8.21 -9.36 10.46
CA ILE B 240 8.50 -9.43 8.99
C ILE B 240 8.04 -10.78 8.46
N VAL B 241 8.42 -11.86 9.12
CA VAL B 241 8.00 -13.21 8.65
C VAL B 241 6.47 -13.33 8.72
N ALA B 242 5.85 -12.93 9.83
CA ALA B 242 4.40 -13.05 10.00
C ALA B 242 3.69 -12.34 8.84
N SER B 243 4.16 -11.14 8.48
CA SER B 243 3.53 -10.26 7.45
C SER B 243 3.83 -10.78 6.03
N ARG B 244 5.11 -10.97 5.73
CA ARG B 244 5.60 -11.29 4.35
C ARG B 244 5.36 -12.76 4.03
N ASP B 245 5.64 -13.68 4.94
CA ASP B 245 5.67 -15.13 4.64
C ASP B 245 4.40 -15.81 5.09
N ALA B 246 3.94 -15.63 6.33
CA ALA B 246 2.72 -16.31 6.83
C ALA B 246 1.49 -15.62 6.26
N LYS B 247 1.64 -14.36 5.83
CA LYS B 247 0.52 -13.54 5.29
C LYS B 247 -0.55 -13.31 6.36
N VAL B 248 -0.11 -13.03 7.58
CA VAL B 248 -1.03 -12.76 8.72
C VAL B 248 -1.98 -11.62 8.31
N ARG B 249 -3.24 -11.73 8.72
CA ARG B 249 -4.25 -10.67 8.32
C ARG B 249 -4.39 -9.56 9.37
N SER B 250 -3.77 -9.67 10.53
CA SER B 250 -3.86 -8.61 11.54
C SER B 250 -2.54 -8.53 12.32
N VAL B 251 -2.21 -7.32 12.74
CA VAL B 251 -1.09 -7.04 13.66
C VAL B 251 -1.69 -6.21 14.80
N MET B 252 -1.23 -6.47 16.01
CA MET B 252 -1.58 -5.64 17.18
C MET B 252 -0.41 -4.73 17.51
N CYS B 253 -0.70 -3.45 17.55
CA CYS B 253 0.30 -2.44 17.97
C CYS B 253 0.36 -2.39 19.49
N SER B 254 1.57 -2.27 20.03
CA SER B 254 1.86 -2.43 21.48
C SER B 254 1.50 -1.18 22.30
N TYR B 255 1.49 -1.35 23.61
CA TYR B 255 1.22 -0.27 24.58
C TYR B 255 2.36 0.77 24.59
N ASN B 256 3.61 0.31 24.48
CA ASN B 256 4.79 1.16 24.71
C ASN B 256 5.04 2.08 23.53
N ALA B 257 5.87 3.08 23.77
CA ALA B 257 6.54 3.90 22.74
C ALA B 257 7.90 3.31 22.40
N VAL B 258 8.38 3.68 21.21
CA VAL B 258 9.76 3.38 20.78
C VAL B 258 10.31 4.65 20.16
N ASN B 259 11.49 5.07 20.63
CA ASN B 259 12.14 6.28 20.11
C ASN B 259 11.17 7.49 20.12
N GLY B 260 10.34 7.61 21.17
CA GLY B 260 9.49 8.78 21.33
C GLY B 260 8.06 8.59 20.91
N VAL B 261 7.70 7.49 20.26
CA VAL B 261 6.38 7.41 19.62
C VAL B 261 5.66 6.14 20.02
N PRO B 262 4.45 6.25 20.62
CA PRO B 262 3.63 5.08 20.88
C PRO B 262 3.36 4.27 19.62
N SER B 263 3.45 2.95 19.75
CA SER B 263 3.36 2.09 18.55
C SER B 263 2.10 2.40 17.73
N CYS B 264 0.96 2.60 18.39
CA CYS B 264 -0.35 2.73 17.68
C CYS B 264 -0.47 4.08 16.97
N ALA B 265 0.40 5.02 17.29
CA ALA B 265 0.48 6.36 16.67
C ALA B 265 1.79 6.47 15.83
N ASN B 266 2.41 5.35 15.52
CA ASN B 266 3.79 5.30 14.96
C ASN B 266 3.70 5.04 13.46
N LYS B 267 3.72 6.14 12.72
N LYS B 267 3.67 6.10 12.66
CA LYS B 267 3.60 6.16 11.25
CA LYS B 267 3.57 5.97 11.18
C LYS B 267 4.75 5.35 10.63
C LYS B 267 4.78 5.17 10.67
N PHE B 268 5.95 5.40 11.23
CA PHE B 268 7.14 4.63 10.76
C PHE B 268 6.89 3.12 10.93
N PHE B 269 6.39 2.71 12.06
CA PHE B 269 6.10 1.28 12.30
C PHE B 269 4.96 0.80 11.38
N LEU B 270 3.80 1.47 11.38
CA LEU B 270 2.58 0.89 10.77
C LEU B 270 2.61 1.10 9.26
N GLN B 271 3.04 2.24 8.80
CA GLN B 271 2.97 2.58 7.36
C GLN B 271 4.32 2.32 6.71
N THR B 272 5.37 3.01 7.15
CA THR B 272 6.66 2.92 6.45
C THR B 272 7.22 1.49 6.51
N LEU B 273 7.18 0.83 7.67
CA LEU B 273 7.69 -0.56 7.81
C LEU B 273 6.65 -1.62 7.47
N LEU B 274 5.57 -1.77 8.27
CA LEU B 274 4.66 -2.92 8.11
C LEU B 274 4.04 -2.92 6.73
N ARG B 275 3.46 -1.82 6.30
CA ARG B 275 2.71 -1.81 5.02
C ARG B 275 3.68 -1.60 3.85
N ASP B 276 4.63 -0.67 3.92
CA ASP B 276 5.45 -0.32 2.74
C ASP B 276 6.70 -1.21 2.62
N THR B 277 7.18 -1.87 3.67
CA THR B 277 8.44 -2.65 3.64
C THR B 277 8.13 -4.14 3.85
N PHE B 278 7.20 -4.53 4.74
CA PHE B 278 7.03 -5.94 5.15
C PHE B 278 5.91 -6.65 4.39
N GLU B 279 5.36 -6.01 3.36
CA GLU B 279 4.34 -6.60 2.46
C GLU B 279 3.09 -7.03 3.23
N PHE B 280 2.68 -6.28 4.26
CA PHE B 280 1.43 -6.60 4.97
C PHE B 280 0.30 -6.69 3.94
N SER B 281 -0.56 -7.68 4.09
CA SER B 281 -1.78 -7.84 3.24
C SER B 281 -2.41 -6.47 2.99
N GLU B 282 -2.82 -6.20 1.73
CA GLU B 282 -3.51 -4.96 1.35
C GLU B 282 -4.82 -4.83 2.14
N ASP B 283 -5.41 -5.93 2.57
CA ASP B 283 -6.69 -5.91 3.33
C ASP B 283 -6.41 -6.09 4.82
N GLY B 284 -5.15 -6.22 5.24
CA GLY B 284 -4.85 -6.44 6.66
C GLY B 284 -5.27 -5.29 7.55
N TYR B 285 -5.62 -5.57 8.82
CA TYR B 285 -5.96 -4.48 9.78
C TYR B 285 -5.04 -4.57 10.99
N VAL B 286 -4.80 -3.38 11.54
CA VAL B 286 -4.03 -3.23 12.81
C VAL B 286 -5.03 -3.03 13.94
N SER B 287 -4.98 -3.86 14.98
CA SER B 287 -5.72 -3.61 16.26
C SER B 287 -4.78 -2.94 17.25
N GLY B 288 -5.29 -1.91 17.93
CA GLY B 288 -4.57 -1.48 19.14
C GLY B 288 -4.62 -2.55 20.22
N ASP B 289 -3.61 -2.63 21.05
CA ASP B 289 -3.74 -3.40 22.33
C ASP B 289 -4.81 -2.69 23.18
N CYS B 290 -5.29 -3.39 24.19
CA CYS B 290 -6.53 -3.00 24.90
C CYS B 290 -6.23 -1.84 25.87
N GLY B 291 -6.63 -0.66 25.45
CA GLY B 291 -6.33 0.64 26.07
C GLY B 291 -5.20 1.38 25.40
N ALA B 292 -4.49 0.76 24.42
CA ALA B 292 -3.26 1.40 23.88
C ALA B 292 -3.53 2.76 23.24
N VAL B 293 -4.64 2.92 22.56
CA VAL B 293 -4.99 4.26 21.95
C VAL B 293 -5.14 5.27 23.09
N TYR B 294 -5.86 4.93 24.15
CA TYR B 294 -6.02 5.83 25.32
C TYR B 294 -4.62 6.19 25.85
N ASN B 295 -3.70 5.22 25.91
CA ASN B 295 -2.34 5.46 26.46
C ASN B 295 -1.53 6.43 25.62
N VAL B 296 -1.85 6.62 24.35
CA VAL B 296 -1.17 7.61 23.48
C VAL B 296 -1.30 8.99 24.17
N TRP B 297 -2.47 9.24 24.75
CA TRP B 297 -2.69 10.42 25.64
C TRP B 297 -2.19 10.15 27.06
N ASN B 298 -2.78 9.17 27.78
CA ASN B 298 -2.52 8.96 29.23
C ASN B 298 -1.97 7.56 29.42
N PRO B 299 -0.67 7.37 29.69
CA PRO B 299 0.24 8.43 30.15
C PRO B 299 1.35 8.94 29.23
N HIS B 300 1.38 8.48 27.97
CA HIS B 300 2.50 8.86 27.08
C HIS B 300 2.56 10.37 26.89
N GLY B 301 1.42 11.05 26.78
CA GLY B 301 1.43 12.51 26.51
C GLY B 301 1.89 12.83 25.10
N TYR B 302 1.79 11.85 24.20
CA TYR B 302 2.11 12.04 22.78
C TYR B 302 1.01 12.86 22.10
N ALA B 303 -0.25 12.65 22.52
CA ALA B 303 -1.41 13.49 22.17
C ALA B 303 -1.92 14.16 23.46
N SER B 304 -2.61 15.27 23.31
CA SER B 304 -2.95 16.14 24.47
C SER B 304 -4.30 15.73 25.09
N ASN B 305 -5.10 14.90 24.43
CA ASN B 305 -6.41 14.40 24.95
C ASN B 305 -6.79 13.14 24.18
N GLU B 306 -7.85 12.47 24.61
CA GLU B 306 -8.24 11.15 24.02
C GLU B 306 -8.76 11.32 22.58
N ALA B 307 -9.44 12.41 22.23
CA ALA B 307 -9.88 12.65 20.83
C ALA B 307 -8.63 12.77 19.93
N ALA B 308 -7.63 13.54 20.36
CA ALA B 308 -6.36 13.68 19.58
C ALA B 308 -5.60 12.36 19.53
N ALA B 309 -5.59 11.57 20.61
CA ALA B 309 -4.96 10.23 20.61
C ALA B 309 -5.64 9.34 19.56
N SER B 310 -6.97 9.38 19.49
CA SER B 310 -7.76 8.58 18.55
C SER B 310 -7.38 9.03 17.14
N ALA B 311 -7.36 10.33 16.87
CA ALA B 311 -7.07 10.83 15.50
C ALA B 311 -5.65 10.44 15.08
N ASP B 312 -4.67 10.63 15.96
CA ASP B 312 -3.27 10.30 15.62
C ASP B 312 -3.13 8.80 15.39
N SER B 313 -3.86 7.94 16.12
CA SER B 313 -3.73 6.47 15.94
C SER B 313 -4.41 6.08 14.62
N ILE B 314 -5.59 6.62 14.32
CA ILE B 314 -6.28 6.31 13.03
C ILE B 314 -5.38 6.75 11.85
N LEU B 315 -4.84 7.96 11.91
CA LEU B 315 -4.07 8.45 10.75
C LEU B 315 -2.75 7.66 10.61
N ALA B 316 -2.18 7.14 11.71
CA ALA B 316 -0.95 6.33 11.62
C ALA B 316 -1.26 4.98 11.00
N GLY B 317 -2.46 4.45 11.17
CA GLY B 317 -2.79 3.14 10.64
C GLY B 317 -3.36 2.15 11.64
N THR B 318 -3.77 2.59 12.84
CA THR B 318 -4.51 1.71 13.77
C THR B 318 -5.99 1.67 13.36
N ASP B 319 -6.39 0.54 12.78
CA ASP B 319 -7.71 0.33 12.13
C ASP B 319 -8.86 0.10 13.14
N ILE B 320 -8.58 -0.62 14.21
CA ILE B 320 -9.58 -1.05 15.24
C ILE B 320 -8.95 -0.75 16.61
N ASP B 321 -9.72 -0.12 17.51
CA ASP B 321 -9.28 0.15 18.90
C ASP B 321 -9.76 -0.99 19.79
N CYS B 322 -8.87 -1.68 20.46
CA CYS B 322 -9.28 -2.51 21.61
C CYS B 322 -9.39 -1.52 22.75
N GLY B 323 -10.62 -1.13 23.06
CA GLY B 323 -10.91 -0.05 23.98
C GLY B 323 -12.17 0.69 23.62
N THR B 324 -12.34 1.88 24.21
CA THR B 324 -13.51 2.75 23.94
C THR B 324 -13.09 4.13 23.46
N SER B 325 -11.82 4.30 23.07
CA SER B 325 -11.32 5.58 22.55
C SER B 325 -12.04 5.92 21.24
N TYR B 326 -11.95 5.04 20.25
CA TYR B 326 -12.55 5.36 18.94
C TYR B 326 -14.08 5.50 19.10
N GLN B 327 -14.71 4.58 19.83
CA GLN B 327 -16.19 4.56 19.84
C GLN B 327 -16.67 5.85 20.50
N TRP B 328 -15.99 6.31 21.54
CA TRP B 328 -16.49 7.42 22.39
C TRP B 328 -15.85 8.74 22.03
N HIS B 329 -14.82 8.80 21.17
CA HIS B 329 -14.09 10.07 20.92
C HIS B 329 -13.90 10.35 19.42
N SER B 330 -14.19 9.41 18.53
CA SER B 330 -13.95 9.64 17.08
C SER B 330 -14.96 10.68 16.55
N GLU B 331 -16.19 10.77 17.09
CA GLU B 331 -17.13 11.84 16.70
C GLU B 331 -16.56 13.20 17.07
N ASP B 332 -16.01 13.37 18.27
CA ASP B 332 -15.40 14.65 18.67
C ASP B 332 -14.21 14.96 17.75
N ALA B 333 -13.41 13.95 17.44
CA ALA B 333 -12.27 14.13 16.52
C ALA B 333 -12.78 14.66 15.17
N PHE B 334 -13.83 14.06 14.61
CA PHE B 334 -14.42 14.47 13.33
C PHE B 334 -14.94 15.91 13.41
N GLU B 335 -15.66 16.23 14.48
CA GLU B 335 -16.27 17.59 14.62
C GLU B 335 -15.18 18.66 14.88
N ASP B 336 -13.98 18.27 15.31
N ASP B 336 -13.98 18.27 15.31
CA ASP B 336 -12.83 19.18 15.53
CA ASP B 336 -12.84 19.19 15.54
C ASP B 336 -11.82 19.05 14.37
C ASP B 336 -11.88 19.18 14.33
N SER B 337 -12.27 18.54 13.22
CA SER B 337 -11.45 18.56 11.97
C SER B 337 -10.10 17.87 12.21
N LEU B 338 -10.05 16.80 13.01
CA LEU B 338 -8.78 16.04 13.18
C LEU B 338 -8.72 14.88 12.18
N VAL B 339 -9.87 14.36 11.76
CA VAL B 339 -9.99 13.21 10.83
C VAL B 339 -11.19 13.45 9.95
N SER B 340 -11.16 12.86 8.79
CA SER B 340 -12.34 12.77 7.89
C SER B 340 -13.19 11.54 8.24
N ARG B 341 -14.41 11.52 7.72
CA ARG B 341 -15.21 10.28 7.81
C ARG B 341 -14.48 9.12 7.08
N SER B 342 -13.91 9.36 5.91
CA SER B 342 -13.19 8.33 5.13
C SER B 342 -12.03 7.74 5.97
N ASP B 343 -11.33 8.56 6.74
CA ASP B 343 -10.26 8.08 7.65
C ASP B 343 -10.85 7.05 8.63
N ILE B 344 -12.01 7.34 9.24
CA ILE B 344 -12.62 6.43 10.24
C ILE B 344 -13.13 5.16 9.56
N GLU B 345 -13.65 5.29 8.34
CA GLU B 345 -14.15 4.13 7.59
C GLU B 345 -13.02 3.19 7.20
N ARG B 346 -11.80 3.69 7.02
CA ARG B 346 -10.72 2.88 6.39
C ARG B 346 -10.50 1.62 7.24
N GLY B 347 -10.48 1.74 8.56
CA GLY B 347 -10.20 0.59 9.43
C GLY B 347 -11.33 -0.42 9.49
N VAL B 348 -12.56 0.08 9.48
CA VAL B 348 -13.74 -0.82 9.57
C VAL B 348 -13.84 -1.58 8.24
N ILE B 349 -13.58 -0.91 7.12
CA ILE B 349 -13.51 -1.61 5.81
C ILE B 349 -12.47 -2.74 5.83
N ARG B 350 -11.30 -2.49 6.39
CA ARG B 350 -10.24 -3.54 6.47
C ARG B 350 -10.72 -4.72 7.33
N LEU B 351 -11.26 -4.45 8.51
CA LEU B 351 -11.80 -5.52 9.35
C LEU B 351 -12.80 -6.33 8.53
N TYR B 352 -13.79 -5.67 7.93
CA TYR B 352 -14.87 -6.44 7.26
C TYR B 352 -14.36 -7.11 5.97
N SER B 353 -13.27 -6.63 5.38
CA SER B 353 -12.62 -7.30 4.21
C SER B 353 -12.18 -8.70 4.65
N ASN B 354 -11.62 -8.80 5.86
CA ASN B 354 -11.21 -10.09 6.43
C ASN B 354 -12.41 -10.94 6.84
N LEU B 355 -13.45 -10.39 7.44
CA LEU B 355 -14.65 -11.18 7.79
C LEU B 355 -15.26 -11.71 6.48
N VAL B 356 -15.30 -10.89 5.43
CA VAL B 356 -15.84 -11.39 4.12
C VAL B 356 -15.02 -12.62 3.66
N GLN B 357 -13.69 -12.54 3.73
CA GLN B 357 -12.76 -13.59 3.26
C GLN B 357 -12.83 -14.84 4.17
N ALA B 358 -13.37 -14.74 5.40
CA ALA B 358 -13.62 -15.85 6.34
C ALA B 358 -15.02 -16.46 6.10
N GLY B 359 -15.77 -15.92 5.14
CA GLY B 359 -17.08 -16.47 4.75
C GLY B 359 -18.22 -16.01 5.65
N TYR B 360 -18.03 -14.94 6.41
CA TYR B 360 -18.98 -14.44 7.41
C TYR B 360 -20.32 -14.12 6.72
N PHE B 361 -20.28 -13.69 5.46
CA PHE B 361 -21.51 -13.25 4.74
C PHE B 361 -22.06 -14.36 3.84
N ASP B 362 -21.45 -15.54 3.84
CA ASP B 362 -21.70 -16.60 2.82
C ASP B 362 -22.65 -17.74 3.27
N GLY B 363 -23.26 -17.64 4.44
CA GLY B 363 -24.32 -18.56 4.85
C GLY B 363 -23.80 -19.87 5.40
N GLU B 364 -24.76 -20.74 5.75
CA GLU B 364 -24.59 -21.87 6.68
C GLU B 364 -23.78 -22.98 6.02
N ASP B 365 -23.62 -22.94 4.69
CA ASP B 365 -22.90 -23.99 3.94
C ASP B 365 -21.50 -23.52 3.57
N ALA B 366 -21.04 -22.37 4.06
CA ALA B 366 -19.70 -21.90 3.71
C ALA B 366 -18.70 -22.78 4.48
N PRO B 367 -17.42 -22.75 4.04
CA PRO B 367 -16.37 -23.53 4.68
C PRO B 367 -16.31 -23.27 6.19
N TYR B 368 -16.11 -24.35 6.94
CA TYR B 368 -15.88 -24.36 8.40
C TYR B 368 -17.14 -24.13 9.23
N ARG B 369 -18.30 -23.99 8.58
N ARG B 369 -18.31 -23.97 8.59
N ARG B 369 -18.31 -23.97 8.61
CA ARG B 369 -19.60 -23.74 9.25
CA ARG B 369 -19.58 -23.72 9.31
CA ARG B 369 -19.59 -23.75 9.34
C ARG B 369 -20.21 -25.04 9.75
C ARG B 369 -20.22 -25.04 9.76
C ARG B 369 -20.14 -25.07 9.88
N ASP B 370 -19.58 -26.18 9.45
CA ASP B 370 -20.06 -27.53 9.85
C ASP B 370 -19.29 -28.12 11.06
N ILE B 371 -18.39 -27.35 11.67
CA ILE B 371 -17.61 -27.79 12.86
C ILE B 371 -18.48 -27.72 14.12
N THR B 372 -18.55 -28.80 14.89
CA THR B 372 -19.48 -29.00 16.03
C THR B 372 -18.70 -29.26 17.33
N TRP B 373 -19.43 -29.40 18.42
CA TRP B 373 -18.84 -29.82 19.70
C TRP B 373 -18.10 -31.15 19.49
N ASP B 374 -18.64 -32.05 18.68
CA ASP B 374 -17.99 -33.36 18.49
C ASP B 374 -16.55 -33.19 17.97
N ASP B 375 -16.26 -32.11 17.22
CA ASP B 375 -14.90 -31.83 16.70
C ASP B 375 -13.98 -31.34 17.83
N VAL B 376 -14.51 -30.70 18.85
CA VAL B 376 -13.71 -30.35 20.05
C VAL B 376 -13.37 -31.67 20.75
N LEU B 377 -14.35 -32.55 20.94
CA LEU B 377 -14.12 -33.83 21.65
C LEU B 377 -13.08 -34.65 20.87
N SER B 378 -13.20 -34.78 19.56
N SER B 378 -13.27 -34.78 19.56
CA SER B 378 -12.37 -35.72 18.76
CA SER B 378 -12.43 -35.66 18.70
C SER B 378 -10.96 -35.16 18.57
C SER B 378 -10.99 -35.14 18.74
N THR B 379 -10.79 -33.82 18.53
CA THR B 379 -9.42 -33.24 18.45
C THR B 379 -8.75 -33.30 19.83
N ASP B 380 -9.50 -33.10 20.90
CA ASP B 380 -8.94 -33.17 22.26
C ASP B 380 -8.49 -34.61 22.49
N ALA B 381 -9.29 -35.59 22.03
CA ALA B 381 -9.04 -37.03 22.29
C ALA B 381 -7.76 -37.50 21.58
N TRP B 382 -7.20 -36.74 20.66
CA TRP B 382 -5.89 -37.02 20.06
C TRP B 382 -4.77 -36.90 21.10
N ASN B 383 -5.01 -36.17 22.21
CA ASN B 383 -4.03 -35.96 23.29
C ASN B 383 -2.76 -35.38 22.71
N ILE B 384 -2.90 -34.40 21.81
CA ILE B 384 -1.71 -33.60 21.39
C ILE B 384 -1.27 -32.71 22.54
N ALA B 385 -2.11 -32.37 23.50
CA ALA B 385 -1.64 -31.53 24.62
C ALA B 385 -0.63 -32.33 25.42
N TYR B 386 -0.92 -33.61 25.65
CA TYR B 386 0.03 -34.53 26.33
C TYR B 386 1.32 -34.70 25.51
N GLU B 387 1.19 -34.96 24.23
CA GLU B 387 2.35 -35.12 23.31
C GLU B 387 3.25 -33.88 23.35
N ALA B 388 2.64 -32.70 23.30
CA ALA B 388 3.43 -31.45 23.33
C ALA B 388 4.21 -31.34 24.63
N ALA B 389 3.62 -31.69 25.76
CA ALA B 389 4.33 -31.58 27.05
C ALA B 389 5.48 -32.59 27.03
N VAL B 390 5.22 -33.81 26.57
CA VAL B 390 6.26 -34.87 26.51
C VAL B 390 7.44 -34.37 25.65
N GLU B 391 7.16 -33.68 24.56
CA GLU B 391 8.23 -33.22 23.64
C GLU B 391 8.97 -31.98 24.15
N GLY B 392 8.33 -31.15 24.97
CA GLY B 392 8.85 -29.83 25.35
C GLY B 392 9.43 -29.77 26.73
N ILE B 393 9.31 -30.86 27.50
CA ILE B 393 10.00 -30.93 28.81
C ILE B 393 11.51 -31.01 28.55
N VAL B 394 12.31 -30.30 29.33
CA VAL B 394 13.78 -30.27 29.15
C VAL B 394 14.50 -30.93 30.34
N LEU B 395 15.38 -31.88 30.03
CA LEU B 395 16.28 -32.49 31.04
C LEU B 395 17.55 -31.66 31.11
N LEU B 396 17.81 -31.02 32.24
CA LEU B 396 18.97 -30.10 32.41
C LEU B 396 20.15 -30.87 33.00
N LYS B 397 19.89 -31.84 33.89
CA LYS B 397 20.94 -32.52 34.67
C LYS B 397 20.50 -33.96 34.90
N ASN B 398 21.40 -34.90 34.68
CA ASN B 398 21.15 -36.33 35.01
C ASN B 398 22.50 -37.04 35.16
N ASP B 399 22.58 -37.92 36.17
CA ASP B 399 23.60 -38.98 36.35
C ASP B 399 22.98 -40.31 35.87
N GLU B 400 23.05 -41.41 36.59
CA GLU B 400 22.30 -42.63 36.14
C GLU B 400 20.79 -42.54 36.48
N THR B 401 20.36 -41.55 37.22
CA THR B 401 19.16 -41.69 38.09
C THR B 401 17.87 -41.78 37.28
N LEU B 402 17.75 -40.91 36.25
CA LEU B 402 16.59 -41.01 35.33
C LEU B 402 16.97 -41.79 34.09
N PRO B 403 16.06 -42.60 33.52
CA PRO B 403 14.74 -42.87 34.12
C PRO B 403 14.82 -43.78 35.35
N LEU B 404 13.82 -43.73 36.22
CA LEU B 404 13.92 -44.40 37.55
C LEU B 404 14.15 -45.89 37.30
N SER B 405 15.11 -46.46 38.02
CA SER B 405 15.39 -47.92 38.08
C SER B 405 14.12 -48.68 38.46
N LYS B 406 14.01 -49.95 38.02
CA LYS B 406 12.94 -50.90 38.42
C LYS B 406 12.99 -51.16 39.94
N ASP B 407 14.12 -50.92 40.62
CA ASP B 407 14.31 -51.07 42.09
C ASP B 407 13.48 -50.02 42.86
N ILE B 408 13.16 -48.88 42.26
CA ILE B 408 12.37 -47.79 42.92
C ILE B 408 10.91 -48.19 42.94
N LYS B 409 10.33 -48.46 44.12
CA LYS B 409 8.94 -48.94 44.22
C LYS B 409 8.09 -47.81 44.78
N SER B 410 8.67 -46.86 45.50
CA SER B 410 7.94 -45.74 46.14
C SER B 410 8.72 -44.44 45.90
N VAL B 411 7.96 -43.36 45.73
CA VAL B 411 8.50 -41.97 45.61
C VAL B 411 7.84 -41.09 46.67
N ALA B 412 8.66 -40.21 47.25
CA ALA B 412 8.14 -39.05 48.00
C ALA B 412 7.99 -37.91 47.01
N VAL B 413 6.78 -37.40 46.85
CA VAL B 413 6.48 -36.24 45.95
C VAL B 413 6.28 -35.03 46.84
N ILE B 414 7.13 -34.04 46.72
CA ILE B 414 7.24 -32.90 47.66
C ILE B 414 7.26 -31.59 46.87
N GLY B 415 6.65 -30.56 47.43
CA GLY B 415 6.91 -29.20 47.01
C GLY B 415 5.67 -28.51 46.43
N PRO B 416 5.79 -27.19 46.24
CA PRO B 416 4.63 -26.33 45.97
C PRO B 416 3.99 -26.62 44.61
N TRP B 417 4.75 -27.16 43.68
CA TRP B 417 4.26 -27.45 42.31
C TRP B 417 3.77 -28.87 42.23
N ALA B 418 3.69 -29.64 43.32
CA ALA B 418 3.27 -31.05 43.22
C ALA B 418 1.73 -31.15 43.06
N ASN B 419 1.01 -30.49 43.94
CA ASN B 419 -0.49 -30.51 43.99
C ASN B 419 -0.95 -29.13 43.47
N VAL B 420 -1.31 -29.08 42.18
CA VAL B 420 -1.68 -27.81 41.51
C VAL B 420 -2.88 -28.08 40.60
N THR B 421 -3.56 -27.01 40.21
CA THR B 421 -4.60 -27.07 39.15
C THR B 421 -4.18 -26.13 38.01
N GLU B 422 -4.70 -24.91 38.06
CA GLU B 422 -4.55 -23.93 36.95
C GLU B 422 -3.11 -23.45 36.81
N GLU B 423 -2.25 -23.67 37.79
CA GLU B 423 -0.82 -23.36 37.60
C GLU B 423 -0.30 -24.02 36.32
N LEU B 424 -0.75 -25.22 35.97
CA LEU B 424 -0.28 -25.97 34.77
C LEU B 424 -0.50 -25.17 33.47
N GLN B 425 -1.47 -24.24 33.51
CA GLN B 425 -2.00 -23.59 32.28
C GLN B 425 -1.34 -22.25 31.98
N GLY B 426 -0.51 -21.73 32.87
CA GLY B 426 0.17 -20.44 32.68
C GLY B 426 -0.80 -19.28 32.69
N ASN B 427 -1.03 -18.66 31.53
CA ASN B 427 -1.97 -17.53 31.42
C ASN B 427 -2.70 -17.65 30.08
N TYR B 428 -3.63 -16.74 29.87
CA TYR B 428 -4.43 -16.69 28.62
C TYR B 428 -5.01 -18.07 28.31
N PHE B 429 -5.71 -18.68 29.29
CA PHE B 429 -6.30 -20.03 29.13
C PHE B 429 -7.80 -19.93 29.40
N GLY B 430 -8.52 -20.83 28.74
CA GLY B 430 -9.89 -21.17 29.11
C GLY B 430 -9.97 -22.40 30.00
N PRO B 431 -11.19 -22.77 30.44
CA PRO B 431 -11.39 -24.00 31.18
C PRO B 431 -10.96 -25.22 30.37
N ALA B 432 -10.20 -26.09 31.03
CA ALA B 432 -9.66 -27.34 30.54
C ALA B 432 -10.61 -28.49 30.85
N PRO B 433 -10.56 -29.60 30.09
CA PRO B 433 -11.39 -30.77 30.39
C PRO B 433 -11.00 -31.45 31.70
N TYR B 434 -9.74 -31.32 32.06
CA TYR B 434 -9.15 -31.89 33.31
C TYR B 434 -7.82 -31.18 33.49
N LEU B 435 -7.21 -31.27 34.67
CA LEU B 435 -5.84 -30.75 34.93
C LEU B 435 -5.11 -31.82 35.74
N ILE B 436 -4.11 -32.42 35.15
CA ILE B 436 -3.30 -33.48 35.81
C ILE B 436 -2.06 -32.86 36.50
N SER B 437 -2.08 -32.78 37.83
CA SER B 437 -0.90 -32.31 38.61
C SER B 437 0.24 -33.32 38.52
N PRO B 438 1.49 -32.93 38.80
CA PRO B 438 2.58 -33.91 39.02
C PRO B 438 2.21 -34.98 40.07
N LEU B 439 1.56 -34.61 41.16
CA LEU B 439 1.13 -35.60 42.19
C LEU B 439 0.27 -36.66 41.53
N THR B 440 -0.76 -36.23 40.78
CA THR B 440 -1.70 -37.16 40.14
C THR B 440 -0.95 -38.03 39.12
N GLY B 441 -0.04 -37.45 38.35
CA GLY B 441 0.75 -38.26 37.41
C GLY B 441 1.44 -39.43 38.09
N PHE B 442 2.06 -39.18 39.22
CA PHE B 442 2.77 -40.26 39.97
C PHE B 442 1.75 -41.21 40.58
N ARG B 443 0.61 -40.71 41.05
CA ARG B 443 -0.47 -41.58 41.61
C ARG B 443 -0.93 -42.55 40.51
N ASP B 444 -1.04 -42.07 39.27
CA ASP B 444 -1.48 -42.90 38.10
C ASP B 444 -0.36 -43.84 37.64
N SER B 445 0.89 -43.65 38.06
CA SER B 445 2.10 -44.37 37.54
C SER B 445 2.18 -45.81 38.04
N GLY B 446 1.54 -46.13 39.16
CA GLY B 446 1.73 -47.45 39.79
C GLY B 446 2.95 -47.54 40.72
N LEU B 447 3.76 -46.48 40.85
CA LEU B 447 4.66 -46.29 42.04
C LEU B 447 3.80 -46.02 43.27
N ASP B 448 4.26 -46.45 44.44
CA ASP B 448 3.69 -45.98 45.73
C ASP B 448 4.06 -44.50 45.91
N VAL B 449 3.08 -43.65 46.19
CA VAL B 449 3.33 -42.19 46.38
C VAL B 449 3.14 -41.77 47.84
N HIS B 450 4.11 -41.03 48.36
CA HIS B 450 4.09 -40.34 49.68
C HIS B 450 4.18 -38.85 49.41
N TYR B 451 3.08 -38.13 49.56
CA TYR B 451 3.01 -36.67 49.28
C TYR B 451 3.25 -35.86 50.54
N ALA B 452 4.09 -34.83 50.47
CA ALA B 452 4.16 -33.78 51.47
C ALA B 452 4.35 -32.44 50.77
N LEU B 453 3.59 -31.42 51.16
CA LEU B 453 3.74 -30.08 50.58
C LEU B 453 5.18 -29.60 50.77
N GLY B 454 5.72 -29.76 51.97
CA GLY B 454 7.06 -29.31 52.33
C GLY B 454 7.12 -27.82 52.55
N THR B 455 6.90 -27.03 51.49
CA THR B 455 6.84 -25.56 51.63
C THR B 455 5.94 -24.97 50.53
N ASN B 456 5.36 -23.82 50.81
CA ASN B 456 4.55 -23.11 49.80
C ASN B 456 5.51 -22.39 48.83
N LEU B 457 4.98 -21.75 47.80
CA LEU B 457 5.88 -21.27 46.71
C LEU B 457 6.79 -20.19 47.22
N THR B 458 6.20 -19.23 47.91
CA THR B 458 6.91 -18.07 48.47
C THR B 458 6.71 -18.08 49.99
N SER B 459 7.47 -18.88 50.68
CA SER B 459 7.34 -19.02 52.15
C SER B 459 8.72 -18.93 52.77
N HIS B 460 8.80 -18.38 53.98
CA HIS B 460 10.03 -18.38 54.80
C HIS B 460 9.73 -19.13 56.11
N SER B 461 8.80 -20.08 56.07
CA SER B 461 8.51 -21.00 57.19
C SER B 461 9.08 -22.38 56.89
N THR B 462 9.71 -22.99 57.91
CA THR B 462 10.14 -24.41 57.86
C THR B 462 9.07 -25.29 58.51
N SER B 463 7.86 -24.80 58.79
CA SER B 463 6.77 -25.60 59.43
C SER B 463 6.54 -26.95 58.71
N GLY B 464 6.60 -27.00 57.38
CA GLY B 464 6.26 -28.21 56.62
C GLY B 464 7.45 -29.10 56.32
N PHE B 465 8.66 -28.73 56.74
CA PHE B 465 9.91 -29.45 56.40
C PHE B 465 9.95 -30.86 57.01
N GLU B 466 9.56 -31.02 58.28
CA GLU B 466 9.70 -32.31 59.01
C GLU B 466 8.84 -33.38 58.32
N GLU B 467 7.59 -33.05 58.00
CA GLU B 467 6.65 -33.97 57.32
C GLU B 467 7.29 -34.39 55.98
N ALA B 468 7.92 -33.46 55.27
CA ALA B 468 8.56 -33.76 53.97
C ALA B 468 9.80 -34.64 54.15
N LEU B 469 10.63 -34.37 55.15
CA LEU B 469 11.85 -35.20 55.39
C LEU B 469 11.42 -36.62 55.80
N THR B 470 10.32 -36.76 56.53
CA THR B 470 9.76 -38.06 56.99
C THR B 470 9.34 -38.87 55.78
N ALA B 471 8.62 -38.25 54.84
CA ALA B 471 8.12 -38.92 53.61
C ALA B 471 9.33 -39.37 52.81
N ALA B 472 10.34 -38.50 52.70
CA ALA B 472 11.54 -38.78 51.87
C ALA B 472 12.36 -39.94 52.48
N LYS B 473 12.51 -39.98 53.80
CA LYS B 473 13.37 -41.04 54.44
C LYS B 473 12.76 -42.42 54.26
N GLN B 474 11.45 -42.51 54.10
CA GLN B 474 10.77 -43.81 53.96
C GLN B 474 10.56 -44.18 52.49
N ALA B 475 10.83 -43.31 51.51
CA ALA B 475 10.63 -43.62 50.07
C ALA B 475 11.94 -44.09 49.44
N ASP B 476 11.87 -44.67 48.26
CA ASP B 476 13.09 -45.11 47.52
C ASP B 476 13.70 -43.94 46.73
N ALA B 477 12.89 -42.93 46.40
CA ALA B 477 13.38 -41.78 45.61
C ALA B 477 12.52 -40.58 45.93
N ILE B 478 13.06 -39.39 45.67
CA ILE B 478 12.42 -38.11 46.03
C ILE B 478 12.21 -37.36 44.71
N ILE B 479 10.98 -36.88 44.46
CA ILE B 479 10.64 -35.91 43.36
C ILE B 479 10.22 -34.59 44.03
N PHE B 480 11.02 -33.52 43.92
CA PHE B 480 10.68 -32.20 44.44
C PHE B 480 10.15 -31.35 43.26
N ALA B 481 8.93 -30.86 43.37
CA ALA B 481 8.30 -30.02 42.31
C ALA B 481 8.20 -28.58 42.80
N GLY B 482 8.95 -27.67 42.15
CA GLY B 482 8.96 -26.27 42.54
C GLY B 482 9.21 -25.34 41.37
N GLY B 483 9.62 -24.14 41.70
CA GLY B 483 9.97 -23.07 40.71
C GLY B 483 9.07 -21.87 40.85
N ILE B 484 8.54 -21.37 39.71
CA ILE B 484 7.74 -20.13 39.71
C ILE B 484 6.40 -20.41 39.03
N ASP B 485 5.44 -19.52 39.25
CA ASP B 485 4.15 -19.60 38.55
C ASP B 485 3.61 -18.19 38.36
N ASN B 486 2.34 -17.99 38.03
CA ASN B 486 1.82 -16.64 37.70
C ASN B 486 1.57 -15.81 38.96
N THR B 487 1.80 -16.37 40.16
CA THR B 487 1.92 -15.52 41.38
C THR B 487 3.24 -14.75 41.40
N ILE B 488 4.20 -15.13 40.56
CA ILE B 488 5.56 -14.51 40.46
C ILE B 488 5.74 -13.75 39.14
N GLU B 489 5.27 -14.33 38.05
CA GLU B 489 5.47 -13.78 36.68
C GLU B 489 4.10 -13.72 36.01
N ALA B 490 3.65 -12.54 35.62
CA ALA B 490 2.38 -12.44 34.89
C ALA B 490 2.37 -11.18 34.06
N GLU B 491 1.34 -11.01 33.24
CA GLU B 491 1.02 -9.70 32.67
C GLU B 491 0.91 -8.64 33.78
N ALA B 492 1.49 -7.47 33.53
CA ALA B 492 1.56 -6.34 34.46
C ALA B 492 2.42 -6.68 35.69
N MET B 493 3.18 -7.76 35.67
CA MET B 493 3.98 -8.17 36.84
C MET B 493 5.27 -8.87 36.41
N ASP B 494 6.29 -8.08 36.11
CA ASP B 494 7.63 -8.61 35.88
C ASP B 494 8.19 -9.09 37.21
N ARG B 495 9.18 -9.96 37.13
CA ARG B 495 9.95 -10.32 38.34
C ARG B 495 10.91 -9.20 38.66
N GLU B 496 11.34 -9.14 39.91
CA GLU B 496 12.37 -8.14 40.29
C GLU B 496 13.72 -8.84 40.52
N ASN B 497 13.76 -10.15 40.43
CA ASN B 497 14.99 -10.97 40.50
C ASN B 497 14.75 -12.26 39.71
N ILE B 498 15.79 -13.07 39.52
CA ILE B 498 15.63 -14.33 38.75
C ILE B 498 16.13 -15.54 39.57
N THR B 499 15.88 -15.49 40.90
CA THR B 499 16.21 -16.57 41.86
C THR B 499 14.96 -17.39 42.18
N TRP B 500 15.18 -18.61 42.70
CA TRP B 500 14.09 -19.44 43.23
C TRP B 500 13.36 -18.67 44.32
N PRO B 501 12.02 -18.71 44.41
CA PRO B 501 11.33 -18.00 45.47
C PRO B 501 11.47 -18.67 46.84
N GLY B 502 11.19 -17.88 47.87
CA GLY B 502 10.96 -18.38 49.24
C GLY B 502 12.13 -19.22 49.72
N ASN B 503 11.86 -20.37 50.33
CA ASN B 503 12.90 -21.24 50.90
C ASN B 503 12.88 -22.57 50.18
N GLN B 504 12.41 -22.63 48.94
CA GLN B 504 12.38 -23.92 48.23
C GLN B 504 13.79 -24.55 48.16
N LEU B 505 14.83 -23.74 47.92
CA LEU B 505 16.20 -24.26 47.68
C LEU B 505 16.72 -24.80 49.02
N ASP B 506 16.26 -24.22 50.14
CA ASP B 506 16.66 -24.72 51.49
C ASP B 506 16.08 -26.11 51.71
N LEU B 507 14.83 -26.35 51.39
CA LEU B 507 14.24 -27.71 51.52
C LEU B 507 14.91 -28.68 50.56
N ILE B 508 15.14 -28.32 49.31
CA ILE B 508 15.87 -29.22 48.38
C ILE B 508 17.22 -29.61 49.03
N SER B 509 17.96 -28.63 49.55
CA SER B 509 19.28 -28.85 50.19
C SER B 509 19.13 -29.94 51.28
N LYS B 510 18.17 -29.79 52.17
CA LYS B 510 17.95 -30.77 53.28
C LYS B 510 17.57 -32.12 52.68
N LEU B 511 16.73 -32.13 51.64
CA LEU B 511 16.34 -33.40 50.99
C LEU B 511 17.56 -34.09 50.38
N SER B 512 18.59 -33.35 49.95
CA SER B 512 19.79 -33.90 49.26
C SER B 512 20.71 -34.61 50.24
N GLU B 513 20.40 -34.55 51.55
N GLU B 513 20.49 -34.51 51.56
CA GLU B 513 21.32 -35.06 52.61
CA GLU B 513 21.44 -35.17 52.50
C GLU B 513 20.97 -36.50 53.02
C GLU B 513 20.77 -36.36 53.19
N LEU B 514 19.90 -37.09 52.46
CA LEU B 514 19.19 -38.29 52.96
C LEU B 514 19.70 -39.58 52.31
N GLY B 515 20.64 -39.51 51.38
CA GLY B 515 21.18 -40.71 50.71
C GLY B 515 20.20 -41.31 49.71
N LYS B 516 19.22 -40.55 49.22
CA LYS B 516 18.20 -41.07 48.28
C LYS B 516 18.38 -40.37 46.94
N PRO B 517 18.07 -41.05 45.83
CA PRO B 517 17.95 -40.39 44.52
C PRO B 517 17.03 -39.17 44.63
N LEU B 518 17.46 -38.02 44.11
CA LEU B 518 16.75 -36.73 44.23
C LEU B 518 16.60 -36.15 42.81
N VAL B 519 15.35 -35.97 42.42
CA VAL B 519 14.96 -35.36 41.11
C VAL B 519 14.25 -34.05 41.44
N VAL B 520 14.68 -32.94 40.81
CA VAL B 520 14.05 -31.61 41.03
C VAL B 520 13.35 -31.20 39.71
N LEU B 521 12.10 -30.76 39.86
CA LEU B 521 11.35 -30.13 38.73
C LEU B 521 11.35 -28.61 38.97
N GLN B 522 11.95 -27.90 38.03
CA GLN B 522 11.99 -26.43 37.98
C GLN B 522 10.86 -26.00 37.02
N MET B 523 9.73 -25.57 37.57
CA MET B 523 8.55 -25.22 36.76
C MET B 523 8.48 -23.71 36.51
N GLY B 524 7.60 -23.28 35.59
CA GLY B 524 7.49 -21.86 35.26
C GLY B 524 8.08 -21.51 33.91
N GLY B 525 7.80 -20.30 33.43
CA GLY B 525 8.19 -19.91 32.07
C GLY B 525 9.57 -19.31 32.04
N GLY B 526 9.75 -18.23 32.81
CA GLY B 526 11.06 -17.70 33.08
C GLY B 526 11.95 -18.74 33.74
N GLN B 527 13.24 -18.60 33.58
CA GLN B 527 14.26 -19.43 34.28
C GLN B 527 14.55 -18.87 35.65
N VAL B 528 14.93 -19.77 36.56
CA VAL B 528 15.46 -19.35 37.88
C VAL B 528 16.88 -19.89 38.01
N ASP B 529 17.72 -19.24 38.84
CA ASP B 529 19.16 -19.56 38.96
C ASP B 529 19.29 -20.86 39.75
N SER B 530 19.56 -21.94 39.06
CA SER B 530 19.66 -23.30 39.64
C SER B 530 21.15 -23.69 39.83
N SER B 531 22.03 -22.72 40.02
CA SER B 531 23.50 -22.94 40.17
C SER B 531 23.74 -23.82 41.41
N SER B 532 22.97 -23.63 42.48
CA SER B 532 23.17 -24.44 43.72
C SER B 532 22.80 -25.90 43.45
N LEU B 533 21.89 -26.16 42.51
CA LEU B 533 21.47 -27.52 42.18
C LEU B 533 22.45 -28.16 41.19
N LYS B 534 22.94 -27.36 40.26
CA LYS B 534 23.99 -27.76 39.30
C LYS B 534 25.23 -28.28 40.08
N ASP B 535 25.60 -27.54 41.10
CA ASP B 535 26.84 -27.77 41.88
C ASP B 535 26.67 -28.89 42.91
N ASN B 536 25.45 -29.27 43.30
CA ASN B 536 25.22 -30.27 44.37
C ASN B 536 25.20 -31.66 43.78
N ASP B 537 26.22 -32.49 44.05
CA ASP B 537 26.24 -33.84 43.43
C ASP B 537 25.09 -34.68 43.95
N ASN B 538 24.49 -34.31 45.08
CA ASN B 538 23.37 -35.11 45.64
C ASN B 538 22.05 -34.67 45.03
N VAL B 539 22.03 -33.65 44.17
CA VAL B 539 20.83 -33.38 43.30
C VAL B 539 21.07 -34.14 42.02
N ASN B 540 20.47 -35.32 41.90
CA ASN B 540 20.86 -36.27 40.86
C ASN B 540 20.35 -35.79 39.50
N ALA B 541 19.12 -35.26 39.45
CA ALA B 541 18.52 -34.81 38.16
C ALA B 541 17.70 -33.53 38.36
N LEU B 542 17.67 -32.76 37.27
CA LEU B 542 16.98 -31.47 37.21
C LEU B 542 16.28 -31.37 35.86
N ILE B 543 14.98 -31.08 35.93
CA ILE B 543 14.10 -30.96 34.75
C ILE B 543 13.52 -29.56 34.76
N TRP B 544 13.51 -28.88 33.61
CA TRP B 544 12.67 -27.70 33.41
C TRP B 544 11.36 -28.12 32.74
N GLY B 545 10.23 -27.95 33.43
CA GLY B 545 8.92 -28.43 32.95
C GLY B 545 8.01 -27.32 32.47
N GLY B 546 8.46 -26.08 32.51
CA GLY B 546 7.72 -24.93 31.92
C GLY B 546 6.31 -24.85 32.46
N TYR B 547 5.34 -24.65 31.57
CA TYR B 547 3.89 -24.74 31.87
C TYR B 547 3.31 -25.82 30.97
N PRO B 548 3.16 -27.05 31.50
CA PRO B 548 2.98 -28.21 30.63
C PRO B 548 1.53 -28.50 30.23
N GLY B 549 0.56 -27.72 30.68
CA GLY B 549 -0.84 -27.84 30.18
C GLY B 549 -1.61 -28.97 30.83
N GLN B 550 -2.72 -29.32 30.20
CA GLN B 550 -3.81 -30.10 30.88
C GLN B 550 -3.28 -31.48 31.26
N SER B 551 -2.38 -32.07 30.48
CA SER B 551 -1.84 -33.43 30.73
C SER B 551 -0.44 -33.38 31.34
N GLY B 552 -0.05 -32.23 31.88
CA GLY B 552 1.32 -31.96 32.34
C GLY B 552 1.84 -33.06 33.27
N GLY B 553 1.04 -33.43 34.25
CA GLY B 553 1.49 -34.39 35.29
C GLY B 553 1.78 -35.74 34.68
N HIS B 554 0.97 -36.17 33.72
CA HIS B 554 1.21 -37.46 33.04
C HIS B 554 2.50 -37.37 32.23
N ALA B 555 2.72 -36.27 31.53
CA ALA B 555 3.96 -36.11 30.76
C ALA B 555 5.20 -36.16 31.68
N LEU B 556 5.19 -35.46 32.79
CA LEU B 556 6.36 -35.42 33.71
C LEU B 556 6.62 -36.83 34.27
N ALA B 557 5.57 -37.48 34.77
CA ALA B 557 5.70 -38.84 35.36
C ALA B 557 6.22 -39.81 34.29
N ASP B 558 5.67 -39.78 33.08
CA ASP B 558 6.04 -40.68 31.98
C ASP B 558 7.51 -40.46 31.60
N ILE B 559 8.00 -39.23 31.55
CA ILE B 559 9.46 -38.97 31.31
C ILE B 559 10.29 -39.58 32.45
N ILE B 560 9.89 -39.29 33.69
CA ILE B 560 10.66 -39.68 34.91
C ILE B 560 10.72 -41.22 34.99
N THR B 561 9.65 -41.92 34.65
CA THR B 561 9.64 -43.40 34.72
C THR B 561 10.28 -43.99 33.48
N GLY B 562 10.49 -43.22 32.41
CA GLY B 562 11.02 -43.73 31.14
C GLY B 562 9.99 -44.42 30.28
N LYS B 563 8.70 -44.22 30.56
CA LYS B 563 7.64 -44.56 29.58
C LYS B 563 7.86 -43.72 28.32
N ARG B 564 8.40 -42.50 28.49
CA ARG B 564 8.78 -41.61 27.35
C ARG B 564 10.17 -41.07 27.65
N ALA B 565 10.86 -40.57 26.63
CA ALA B 565 12.24 -40.06 26.79
C ALA B 565 12.27 -38.58 26.40
N PRO B 566 13.00 -37.74 27.15
CA PRO B 566 13.04 -36.31 26.85
C PRO B 566 13.95 -35.96 25.68
N ALA B 567 13.60 -34.87 24.95
CA ALA B 567 14.54 -34.32 23.95
C ALA B 567 14.33 -32.80 23.74
N GLY B 568 13.62 -32.16 24.62
CA GLY B 568 13.44 -30.69 24.57
C GLY B 568 14.73 -30.00 24.92
N ARG B 569 14.85 -28.75 24.46
CA ARG B 569 15.99 -27.87 24.83
C ARG B 569 15.49 -26.51 25.26
N LEU B 570 16.22 -25.87 26.18
CA LEU B 570 15.93 -24.49 26.64
C LEU B 570 15.84 -23.57 25.43
N VAL B 571 14.86 -22.67 25.44
CA VAL B 571 14.70 -21.63 24.40
C VAL B 571 14.90 -20.24 24.98
N THR B 572 15.36 -20.17 26.22
CA THR B 572 15.96 -18.96 26.78
C THR B 572 17.22 -19.39 27.53
N THR B 573 18.04 -18.43 27.85
CA THR B 573 19.23 -18.56 28.73
C THR B 573 18.82 -18.59 30.21
N GLN B 574 19.36 -19.53 31.02
CA GLN B 574 19.22 -19.47 32.50
C GLN B 574 20.40 -18.66 33.01
N TYR B 575 20.18 -17.39 33.28
CA TYR B 575 21.25 -16.48 33.69
C TYR B 575 21.52 -16.66 35.18
N PRO B 576 22.75 -16.30 35.59
CA PRO B 576 23.02 -16.18 37.04
C PRO B 576 22.27 -14.99 37.60
N ALA B 577 21.93 -15.07 38.89
CA ALA B 577 21.12 -14.05 39.58
C ALA B 577 21.60 -12.62 39.33
N GLU B 578 22.92 -12.39 39.36
CA GLU B 578 23.50 -11.04 39.26
C GLU B 578 23.19 -10.37 37.91
N TYR B 579 22.81 -11.14 36.89
CA TYR B 579 22.45 -10.54 35.58
C TYR B 579 21.28 -9.58 35.75
N ALA B 580 20.34 -9.91 36.65
CA ALA B 580 19.13 -9.10 36.85
C ALA B 580 19.39 -7.89 37.76
N GLU B 581 20.60 -7.76 38.32
CA GLU B 581 20.96 -6.65 39.21
C GLU B 581 21.92 -5.66 38.58
N VAL B 582 22.71 -6.09 37.60
CA VAL B 582 23.90 -5.32 37.20
C VAL B 582 23.56 -4.26 36.14
N PHE B 583 22.46 -4.36 35.41
CA PHE B 583 22.07 -3.32 34.43
C PHE B 583 20.55 -3.26 34.36
N PRO B 584 19.97 -2.15 33.94
CA PRO B 584 18.50 -1.99 33.94
C PRO B 584 17.84 -2.87 32.88
N ALA B 585 16.73 -3.50 33.26
CA ALA B 585 15.98 -4.40 32.36
C ALA B 585 15.38 -3.60 31.19
N ILE B 586 15.22 -2.29 31.34
CA ILE B 586 14.63 -1.41 30.28
C ILE B 586 15.71 -1.01 29.26
N ASP B 587 16.97 -1.40 29.47
CA ASP B 587 18.03 -1.15 28.45
C ASP B 587 17.79 -2.16 27.30
N MET B 588 17.44 -1.68 26.12
CA MET B 588 17.08 -2.53 24.97
C MET B 588 18.33 -2.89 24.17
N ASN B 589 19.50 -2.34 24.51
CA ASN B 589 20.73 -2.57 23.71
C ASN B 589 21.21 -4.00 23.89
N LEU B 590 21.32 -4.74 22.79
CA LEU B 590 21.68 -6.16 22.86
C LEU B 590 23.21 -6.28 23.02
N ARG B 591 23.97 -5.47 22.29
CA ARG B 591 25.44 -5.60 22.25
C ARG B 591 26.02 -5.21 23.59
N PRO B 592 27.07 -5.89 24.03
CA PRO B 592 27.69 -5.57 25.32
C PRO B 592 28.19 -4.14 25.32
N ASN B 593 28.07 -3.51 26.48
CA ASN B 593 28.55 -2.13 26.73
C ASN B 593 29.15 -2.09 28.12
N GLU B 594 30.47 -2.24 28.21
CA GLU B 594 31.15 -2.27 29.53
C GLU B 594 30.85 -0.96 30.27
N THR B 595 30.83 0.18 29.58
CA THR B 595 30.60 1.48 30.24
C THR B 595 29.29 1.49 31.01
N SER B 596 28.24 0.87 30.51
CA SER B 596 26.89 0.94 31.12
C SER B 596 26.64 -0.31 31.97
N GLY B 597 27.58 -1.24 32.02
CA GLY B 597 27.50 -2.49 32.78
C GLY B 597 26.55 -3.51 32.15
N ASN B 598 26.23 -3.29 30.88
CA ASN B 598 25.43 -4.26 30.08
C ASN B 598 26.40 -5.34 29.59
N PRO B 599 26.27 -6.60 30.06
CA PRO B 599 27.18 -7.68 29.64
C PRO B 599 26.86 -8.33 28.28
N GLY B 600 25.86 -7.78 27.61
CA GLY B 600 25.29 -8.30 26.34
C GLY B 600 24.09 -9.16 26.68
N GLN B 601 23.07 -9.12 25.81
CA GLN B 601 21.77 -9.77 26.10
C GLN B 601 21.51 -10.90 25.12
N THR B 602 20.94 -11.96 25.66
CA THR B 602 20.59 -13.21 24.94
C THR B 602 21.87 -14.01 24.67
N TYR B 603 21.71 -15.25 24.25
CA TYR B 603 22.82 -16.19 23.98
C TYR B 603 23.69 -15.60 22.85
N MET B 604 23.15 -14.71 22.02
CA MET B 604 23.92 -14.15 20.86
C MET B 604 25.02 -13.22 21.34
N TRP B 605 24.84 -12.53 22.47
CA TRP B 605 25.71 -11.40 22.87
C TRP B 605 26.24 -11.55 24.29
N TYR B 606 25.64 -12.37 25.16
CA TYR B 606 25.96 -12.39 26.60
C TYR B 606 27.43 -12.80 26.76
N THR B 607 28.21 -12.00 27.48
CA THR B 607 29.66 -12.28 27.74
C THR B 607 29.89 -12.96 29.08
N GLY B 608 28.85 -13.22 29.88
CA GLY B 608 29.00 -13.92 31.17
C GLY B 608 28.85 -15.42 31.01
N THR B 609 28.59 -16.09 32.11
CA THR B 609 28.52 -17.55 32.17
C THR B 609 27.12 -17.95 32.61
N PRO B 610 26.27 -18.39 31.65
CA PRO B 610 24.97 -18.94 32.02
C PRO B 610 25.11 -20.12 32.99
N VAL B 611 24.09 -20.33 33.79
CA VAL B 611 23.94 -21.56 34.60
C VAL B 611 23.64 -22.73 33.67
N TYR B 612 22.67 -22.54 32.79
CA TYR B 612 22.35 -23.48 31.69
C TYR B 612 22.10 -22.63 30.45
N GLU B 613 22.75 -22.98 29.35
CA GLU B 613 22.68 -22.20 28.10
C GLU B 613 21.35 -22.40 27.37
N PHE B 614 20.96 -21.36 26.65
CA PHE B 614 20.02 -21.52 25.51
C PHE B 614 20.44 -22.76 24.72
N GLY B 615 19.50 -23.64 24.37
CA GLY B 615 19.80 -24.77 23.53
C GLY B 615 20.33 -25.99 24.26
N HIS B 616 20.43 -25.90 25.58
CA HIS B 616 20.80 -27.04 26.45
C HIS B 616 19.63 -28.00 26.63
N GLY B 617 19.91 -29.29 26.49
CA GLY B 617 19.00 -30.39 26.88
C GLY B 617 19.68 -31.73 26.76
N LEU B 618 19.33 -32.63 27.65
CA LEU B 618 19.96 -33.97 27.73
C LEU B 618 18.98 -35.03 27.29
N PHE B 619 19.50 -36.23 27.01
CA PHE B 619 18.72 -37.36 26.48
C PHE B 619 18.92 -38.59 27.38
N TYR B 620 18.08 -39.59 27.18
CA TYR B 620 18.21 -40.90 27.87
C TYR B 620 19.05 -41.86 27.03
N THR B 621 19.80 -41.36 26.06
CA THR B 621 20.71 -42.15 25.22
C THR B 621 21.90 -41.28 24.83
N THR B 622 22.86 -41.86 24.13
CA THR B 622 24.04 -41.12 23.61
C THR B 622 23.99 -41.10 22.09
N PHE B 623 24.47 -40.02 21.47
CA PHE B 623 24.47 -39.84 20.02
C PHE B 623 25.89 -39.61 19.56
N GLU B 624 26.19 -40.16 18.41
CA GLU B 624 27.42 -39.89 17.65
C GLU B 624 27.01 -39.10 16.40
N GLU B 625 27.64 -37.96 16.18
CA GLU B 625 27.28 -37.02 15.10
C GLU B 625 28.51 -36.77 14.24
N SER B 626 28.36 -36.85 12.93
CA SER B 626 29.46 -36.66 11.95
C SER B 626 28.94 -36.18 10.61
N THR B 627 29.82 -35.60 9.81
CA THR B 627 29.44 -35.17 8.45
C THR B 627 30.48 -35.67 7.44
N GLU B 628 30.02 -35.80 6.19
CA GLU B 628 30.86 -36.21 5.02
C GLU B 628 31.72 -35.02 4.57
N THR B 629 31.20 -33.80 4.62
CA THR B 629 31.87 -32.58 4.07
C THR B 629 31.94 -31.51 5.17
N THR B 630 33.10 -31.40 5.84
CA THR B 630 33.35 -30.41 6.92
C THR B 630 33.60 -29.04 6.31
N ASP B 631 33.95 -28.98 5.01
CA ASP B 631 34.24 -27.70 4.32
C ASP B 631 33.30 -27.62 3.11
N ALA B 632 32.25 -26.83 3.19
CA ALA B 632 31.27 -26.67 2.11
C ALA B 632 31.83 -25.76 1.01
N GLY B 633 32.95 -25.08 1.25
CA GLY B 633 33.69 -24.29 0.25
C GLY B 633 33.11 -22.90 0.10
N SER B 634 33.25 -22.32 -1.08
CA SER B 634 33.00 -20.87 -1.30
C SER B 634 31.71 -20.67 -2.09
N PHE B 635 31.05 -19.57 -1.79
CA PHE B 635 29.86 -19.07 -2.53
C PHE B 635 30.05 -17.61 -2.81
N ASN B 636 29.76 -17.18 -4.03
CA ASN B 636 29.96 -15.77 -4.40
C ASN B 636 28.63 -15.05 -4.14
N ILE B 637 28.62 -14.01 -3.33
CA ILE B 637 27.38 -13.25 -2.96
C ILE B 637 26.66 -12.80 -4.24
N GLN B 638 27.40 -12.20 -5.17
CA GLN B 638 26.76 -11.70 -6.41
C GLN B 638 26.18 -12.89 -7.18
N THR B 639 26.92 -13.99 -7.34
CA THR B 639 26.39 -15.17 -8.07
C THR B 639 25.10 -15.69 -7.44
N VAL B 640 25.08 -15.91 -6.13
CA VAL B 640 23.90 -16.49 -5.44
C VAL B 640 22.68 -15.56 -5.66
N LEU B 641 22.89 -14.25 -5.65
CA LEU B 641 21.75 -13.31 -5.69
C LEU B 641 21.35 -13.08 -7.16
N THR B 642 22.23 -13.39 -8.14
CA THR B 642 21.99 -12.96 -9.54
C THR B 642 21.51 -14.13 -10.41
N THR B 643 21.57 -15.36 -9.94
CA THR B 643 20.92 -16.49 -10.64
C THR B 643 19.40 -16.41 -10.47
N PRO B 644 18.59 -17.22 -11.16
CA PRO B 644 17.17 -17.25 -10.90
C PRO B 644 16.79 -17.72 -9.48
N HIS B 645 15.54 -17.45 -9.08
CA HIS B 645 15.00 -17.84 -7.76
C HIS B 645 13.62 -18.39 -7.94
N SER B 646 13.51 -19.34 -8.88
CA SER B 646 12.23 -20.04 -9.13
C SER B 646 11.69 -20.64 -7.83
N GLY B 647 10.41 -20.44 -7.52
CA GLY B 647 9.76 -20.97 -6.30
C GLY B 647 9.89 -20.05 -5.07
N TYR B 648 10.59 -18.94 -5.18
CA TYR B 648 10.75 -17.95 -4.09
C TYR B 648 10.37 -16.55 -4.58
N GLU B 649 9.63 -15.81 -3.77
CA GLU B 649 9.29 -14.40 -4.07
C GLU B 649 10.56 -13.56 -4.10
N HIS B 650 11.52 -13.89 -3.27
CA HIS B 650 12.77 -13.10 -3.11
C HIS B 650 14.02 -13.97 -3.28
N ALA B 651 15.08 -13.45 -3.89
CA ALA B 651 16.31 -14.26 -4.11
C ALA B 651 16.88 -14.76 -2.77
N GLN B 652 16.82 -13.96 -1.70
CA GLN B 652 17.47 -14.33 -0.42
C GLN B 652 16.68 -15.43 0.32
N GLN B 653 15.53 -15.86 -0.17
CA GLN B 653 14.78 -16.97 0.46
C GLN B 653 15.38 -18.33 0.03
N LYS B 654 16.16 -18.36 -1.04
CA LYS B 654 16.77 -19.64 -1.52
C LYS B 654 17.65 -20.22 -0.44
N THR B 655 17.85 -21.51 -0.53
N THR B 655 17.83 -21.55 -0.43
CA THR B 655 18.84 -22.29 0.25
CA THR B 655 18.81 -22.27 0.42
C THR B 655 20.23 -21.88 -0.22
C THR B 655 20.21 -21.99 -0.14
N LEU B 656 21.13 -21.49 0.71
CA LEU B 656 22.54 -21.26 0.37
C LEU B 656 23.25 -22.63 0.37
N LEU B 657 23.00 -23.39 1.43
CA LEU B 657 23.55 -24.76 1.55
C LEU B 657 22.76 -25.53 2.57
N ASN B 658 22.78 -26.85 2.42
CA ASN B 658 22.24 -27.74 3.45
C ASN B 658 23.32 -28.07 4.47
N PHE B 659 22.97 -27.92 5.74
CA PHE B 659 23.81 -28.41 6.86
C PHE B 659 23.40 -29.87 7.00
N THR B 660 24.33 -30.80 6.78
N THR B 660 24.36 -30.78 6.77
CA THR B 660 23.95 -32.24 6.75
CA THR B 660 24.11 -32.24 6.77
C THR B 660 24.91 -33.04 7.66
C THR B 660 24.93 -32.92 7.87
N ALA B 661 24.35 -33.93 8.49
CA ALA B 661 25.11 -34.81 9.40
C ALA B 661 24.40 -36.15 9.48
N THR B 662 25.18 -37.14 9.90
N THR B 662 25.16 -37.20 9.80
CA THR B 662 24.76 -38.51 10.30
CA THR B 662 24.63 -38.52 10.24
C THR B 662 24.62 -38.52 11.82
C THR B 662 24.59 -38.49 11.77
N VAL B 663 23.46 -38.92 12.34
CA VAL B 663 23.22 -38.97 13.80
C VAL B 663 22.95 -40.42 14.13
N LYS B 664 23.82 -41.03 14.92
CA LYS B 664 23.70 -42.45 15.35
C LYS B 664 23.40 -42.51 16.83
N ASN B 665 22.37 -43.27 17.18
CA ASN B 665 22.03 -43.66 18.57
C ASN B 665 23.04 -44.73 19.01
N THR B 666 24.03 -44.35 19.80
CA THR B 666 25.09 -45.27 20.30
C THR B 666 24.76 -45.76 21.73
N GLY B 667 23.56 -45.53 22.28
CA GLY B 667 23.24 -45.80 23.70
C GLY B 667 22.25 -46.94 23.86
N GLU B 668 21.59 -46.99 25.03
CA GLU B 668 20.78 -48.12 25.51
C GLU B 668 19.29 -47.96 25.21
N ARG B 669 18.80 -46.77 24.82
CA ARG B 669 17.34 -46.47 24.74
C ARG B 669 17.02 -45.78 23.41
N GLU B 670 15.89 -46.14 22.80
CA GLU B 670 15.27 -45.32 21.73
C GLU B 670 15.11 -43.88 22.24
N SER B 671 15.28 -42.93 21.34
CA SER B 671 15.08 -41.51 21.68
C SER B 671 14.82 -40.69 20.39
N ASP B 672 14.09 -39.60 20.56
CA ASP B 672 14.09 -38.52 19.55
C ASP B 672 15.42 -37.78 19.69
N TYR B 673 15.73 -36.94 18.71
CA TYR B 673 16.98 -36.16 18.68
C TYR B 673 16.62 -34.75 18.24
N THR B 674 17.02 -33.76 19.01
CA THR B 674 16.81 -32.34 18.64
C THR B 674 18.15 -31.71 18.29
N ALA B 675 18.09 -30.78 17.32
CA ALA B 675 19.27 -30.13 16.75
C ALA B 675 18.99 -28.63 16.61
N LEU B 676 19.92 -27.81 17.12
CA LEU B 676 20.00 -26.38 16.76
C LEU B 676 21.24 -26.20 15.93
N VAL B 677 21.16 -25.47 14.84
CA VAL B 677 22.31 -25.16 13.94
C VAL B 677 22.62 -23.68 14.09
N TYR B 678 23.81 -23.38 14.50
CA TYR B 678 24.27 -22.02 14.80
C TYR B 678 25.28 -21.61 13.72
N VAL B 679 25.23 -20.36 13.33
CA VAL B 679 26.30 -19.76 12.50
C VAL B 679 27.13 -18.83 13.34
N ASN B 680 28.42 -18.71 13.02
CA ASN B 680 29.25 -17.63 13.58
C ASN B 680 30.22 -17.15 12.54
N THR B 681 30.69 -15.92 12.69
CA THR B 681 31.49 -15.27 11.64
C THR B 681 32.26 -14.07 12.20
N THR B 682 33.34 -13.72 11.50
CA THR B 682 34.02 -12.41 11.67
C THR B 682 33.71 -11.52 10.46
N ALA B 683 32.81 -11.90 9.55
CA ALA B 683 32.41 -11.05 8.40
C ALA B 683 31.58 -9.88 8.90
N GLY B 684 31.66 -8.74 8.21
CA GLY B 684 30.97 -7.51 8.60
C GLY B 684 31.70 -6.80 9.73
N PRO B 685 31.12 -5.68 10.21
CA PRO B 685 31.76 -4.89 11.26
C PRO B 685 31.60 -5.51 12.65
N ALA B 686 32.58 -5.22 13.50
CA ALA B 686 32.52 -5.42 14.95
C ALA B 686 31.47 -4.50 15.55
N PRO B 687 30.88 -4.84 16.71
CA PRO B 687 31.12 -6.11 17.38
C PRO B 687 30.46 -7.32 16.73
N TYR B 688 30.93 -8.50 17.08
CA TYR B 688 30.43 -9.75 16.51
C TYR B 688 29.66 -10.53 17.55
N PRO B 689 28.51 -11.12 17.17
CA PRO B 689 27.82 -12.03 18.08
C PRO B 689 28.59 -13.32 18.31
N LYS B 690 28.33 -14.01 19.41
CA LYS B 690 28.96 -15.31 19.69
C LYS B 690 28.56 -16.26 18.57
N LYS B 691 27.28 -16.22 18.20
CA LYS B 691 26.67 -17.12 17.21
C LYS B 691 25.18 -16.74 17.09
N TRP B 692 24.48 -17.24 16.08
CA TRP B 692 23.01 -17.12 16.03
C TRP B 692 22.38 -18.30 15.32
N VAL B 693 21.18 -18.65 15.77
CA VAL B 693 20.44 -19.80 15.18
C VAL B 693 20.11 -19.52 13.71
N VAL B 694 20.38 -20.49 12.84
CA VAL B 694 20.00 -20.46 11.40
C VAL B 694 19.13 -21.68 11.06
N GLY B 695 18.85 -22.58 12.00
CA GLY B 695 17.99 -23.73 11.69
C GLY B 695 17.85 -24.66 12.87
N PHE B 696 16.89 -25.57 12.79
CA PHE B 696 16.61 -26.53 13.86
C PHE B 696 15.82 -27.68 13.28
N ASP B 697 15.88 -28.83 13.95
CA ASP B 697 14.99 -29.95 13.56
C ASP B 697 14.84 -30.92 14.73
N ARG B 698 13.84 -31.78 14.63
CA ARG B 698 13.66 -32.89 15.58
C ARG B 698 13.54 -34.17 14.80
N LEU B 699 14.43 -35.11 15.06
CA LEU B 699 14.36 -36.45 14.42
C LEU B 699 13.61 -37.37 15.37
N GLY B 700 12.86 -38.33 14.83
CA GLY B 700 11.95 -39.18 15.60
C GLY B 700 12.44 -40.61 15.68
N GLY B 701 12.42 -41.16 16.88
CA GLY B 701 12.43 -42.62 17.09
C GLY B 701 13.71 -43.29 16.61
N LEU B 702 14.87 -42.75 16.93
CA LEU B 702 16.14 -43.47 16.62
C LEU B 702 16.28 -44.61 17.61
N GLU B 703 16.21 -45.86 17.16
CA GLU B 703 16.44 -47.05 18.03
C GLU B 703 17.93 -47.21 18.28
N PRO B 704 18.36 -47.86 19.40
CA PRO B 704 19.76 -48.13 19.63
C PRO B 704 20.39 -48.76 18.39
N GLY B 705 21.51 -48.21 17.97
CA GLY B 705 22.25 -48.65 16.77
C GLY B 705 21.80 -48.05 15.44
N ASP B 706 20.65 -47.38 15.36
N ASP B 706 20.59 -47.40 15.40
CA ASP B 706 20.19 -46.87 14.06
CA ASP B 706 19.97 -46.70 14.23
C ASP B 706 20.76 -45.45 13.85
C ASP B 706 20.83 -45.47 13.86
N SER B 707 20.88 -45.10 12.58
CA SER B 707 21.40 -43.78 12.13
C SER B 707 20.30 -43.10 11.33
N GLN B 708 20.26 -41.78 11.39
CA GLN B 708 19.35 -40.99 10.53
C GLN B 708 20.18 -39.81 10.06
N THR B 709 19.85 -39.32 8.85
CA THR B 709 20.49 -38.11 8.31
C THR B 709 19.72 -36.87 8.77
N LEU B 710 20.46 -35.90 9.28
CA LEU B 710 19.94 -34.56 9.63
C LEU B 710 20.18 -33.69 8.40
N THR B 711 19.16 -33.01 7.86
CA THR B 711 19.36 -32.10 6.72
C THR B 711 18.61 -30.81 7.06
N VAL B 712 19.38 -29.73 7.30
CA VAL B 712 18.82 -28.41 7.69
C VAL B 712 19.18 -27.41 6.61
N PRO B 713 18.20 -26.90 5.85
CA PRO B 713 18.49 -25.90 4.82
C PRO B 713 18.85 -24.59 5.51
N VAL B 714 19.99 -24.05 5.13
CA VAL B 714 20.45 -22.75 5.61
C VAL B 714 20.17 -21.76 4.49
N THR B 715 19.23 -20.82 4.71
CA THR B 715 18.91 -19.87 3.62
C THR B 715 19.91 -18.75 3.52
N VAL B 716 19.93 -18.10 2.38
CA VAL B 716 20.76 -16.91 2.18
C VAL B 716 20.40 -15.90 3.25
N GLU B 717 19.14 -15.59 3.49
CA GLU B 717 18.80 -14.48 4.43
C GLU B 717 19.17 -14.84 5.88
N SER B 718 19.25 -16.11 6.24
CA SER B 718 19.52 -16.58 7.63
C SER B 718 20.94 -16.20 8.03
N VAL B 719 21.86 -16.10 7.08
CA VAL B 719 23.26 -15.72 7.43
C VAL B 719 23.58 -14.25 7.15
N ALA B 720 22.62 -13.43 6.77
CA ALA B 720 22.84 -11.98 6.61
C ALA B 720 22.96 -11.29 7.96
N ARG B 721 23.85 -10.32 8.07
CA ARG B 721 23.92 -9.41 9.22
C ARG B 721 23.12 -8.13 8.90
N THR B 722 23.26 -7.11 9.71
CA THR B 722 22.48 -5.85 9.64
C THR B 722 23.43 -4.69 9.84
N ASP B 723 23.40 -3.72 8.94
CA ASP B 723 24.32 -2.57 9.04
C ASP B 723 23.75 -1.52 10.00
N GLU B 724 24.50 -0.45 10.22
CA GLU B 724 24.17 0.61 11.20
C GLU B 724 22.89 1.34 10.81
N GLN B 725 22.42 1.24 9.57
CA GLN B 725 21.21 1.90 9.06
C GLN B 725 20.02 0.96 9.15
N GLY B 726 20.24 -0.31 9.47
CA GLY B 726 19.15 -1.30 9.51
C GLY B 726 19.01 -2.11 8.25
N ASN B 727 19.80 -1.84 7.21
CA ASN B 727 19.76 -2.71 6.02
C ASN B 727 20.17 -4.11 6.39
N ARG B 728 19.49 -5.14 5.84
CA ARG B 728 19.93 -6.53 5.95
C ARG B 728 20.95 -6.74 4.82
N VAL B 729 22.15 -7.14 5.20
CA VAL B 729 23.35 -7.14 4.31
C VAL B 729 24.02 -8.50 4.38
N LEU B 730 24.41 -9.07 3.23
CA LEU B 730 25.30 -10.24 3.20
C LEU B 730 26.74 -9.74 3.12
N TYR B 731 27.58 -10.18 4.03
CA TYR B 731 28.99 -9.71 4.05
C TYR B 731 29.96 -10.81 3.63
N PRO B 732 30.99 -10.47 2.82
CA PRO B 732 32.00 -11.47 2.47
C PRO B 732 32.82 -11.86 3.69
N GLY B 733 33.20 -13.13 3.77
CA GLY B 733 34.16 -13.62 4.78
C GLY B 733 33.91 -15.03 5.18
N SER B 734 34.51 -15.45 6.28
CA SER B 734 34.51 -16.86 6.75
C SER B 734 33.35 -17.07 7.71
N TYR B 735 32.64 -18.16 7.52
CA TYR B 735 31.50 -18.55 8.36
C TYR B 735 31.73 -19.97 8.88
N GLU B 736 31.13 -20.29 10.03
CA GLU B 736 31.03 -21.69 10.49
C GLU B 736 29.60 -22.00 10.92
N LEU B 737 29.09 -23.15 10.49
CA LEU B 737 27.85 -23.75 10.98
C LEU B 737 28.21 -24.84 11.98
N ALA B 738 27.53 -24.86 13.12
CA ALA B 738 27.86 -25.82 14.21
C ALA B 738 26.58 -26.48 14.69
N LEU B 739 26.67 -27.78 14.97
CA LEU B 739 25.56 -28.55 15.58
C LEU B 739 25.61 -28.44 17.10
N ASN B 740 24.58 -27.80 17.66
CA ASN B 740 24.37 -27.69 19.12
C ASN B 740 25.48 -26.89 19.83
N ASN B 741 25.30 -26.69 21.12
CA ASN B 741 26.21 -25.86 21.94
C ASN B 741 27.62 -26.50 21.95
N GLU B 742 27.73 -27.81 21.92
CA GLU B 742 29.04 -28.48 22.00
C GLU B 742 29.70 -28.49 20.60
N ARG B 743 28.99 -28.11 19.52
CA ARG B 743 29.62 -27.98 18.19
C ARG B 743 30.10 -29.38 17.78
N SER B 744 29.22 -30.36 17.83
CA SER B 744 29.57 -31.79 17.60
C SER B 744 30.01 -31.99 16.16
N VAL B 745 29.45 -31.21 15.23
CA VAL B 745 29.77 -31.17 13.78
C VAL B 745 29.94 -29.71 13.39
N VAL B 746 30.99 -29.40 12.66
CA VAL B 746 31.27 -28.02 12.22
C VAL B 746 31.43 -28.06 10.70
N VAL B 747 30.73 -27.17 9.99
CA VAL B 747 30.78 -27.09 8.51
C VAL B 747 31.17 -25.68 8.20
N LYS B 748 32.32 -25.50 7.55
CA LYS B 748 32.87 -24.16 7.24
C LYS B 748 32.35 -23.73 5.87
N PHE B 749 32.13 -22.44 5.63
CA PHE B 749 31.93 -21.92 4.26
C PHE B 749 32.44 -20.49 4.21
N GLU B 750 32.69 -20.03 3.01
CA GLU B 750 33.20 -18.69 2.73
C GLU B 750 32.21 -17.99 1.79
N LEU B 751 31.93 -16.73 2.05
CA LEU B 751 31.21 -15.88 1.09
C LEU B 751 32.23 -14.96 0.48
N LYS B 752 32.24 -14.98 -0.85
CA LYS B 752 33.13 -14.13 -1.67
C LYS B 752 32.37 -13.05 -2.40
N GLY B 753 33.07 -12.03 -2.88
CA GLY B 753 32.50 -10.95 -3.67
C GLY B 753 32.32 -9.72 -2.82
N GLU B 754 31.30 -8.90 -3.13
CA GLU B 754 31.04 -7.59 -2.50
C GLU B 754 29.84 -7.75 -1.56
N GLU B 755 29.77 -6.95 -0.52
CA GLU B 755 28.53 -6.79 0.29
C GLU B 755 27.35 -6.62 -0.65
N ALA B 756 26.20 -7.15 -0.28
CA ALA B 756 24.94 -6.85 -1.00
C ALA B 756 23.84 -6.58 0.03
N VAL B 757 23.01 -5.60 -0.25
CA VAL B 757 21.75 -5.38 0.51
C VAL B 757 20.72 -6.38 0.02
N ILE B 758 20.08 -7.09 0.95
CA ILE B 758 18.93 -7.98 0.61
C ILE B 758 17.60 -7.37 1.07
N LEU B 759 17.62 -6.54 2.11
N LEU B 759 17.60 -6.45 2.02
CA LEU B 759 16.47 -5.70 2.53
CA LEU B 759 16.35 -5.75 2.41
C LEU B 759 16.93 -4.25 2.73
C LEU B 759 16.76 -4.33 2.79
N SER B 760 16.31 -3.36 1.98
CA SER B 760 16.54 -1.92 2.19
C SER B 760 15.68 -1.44 3.35
N TRP B 761 16.31 -0.85 4.35
CA TRP B 761 15.58 -0.41 5.57
C TRP B 761 15.27 1.06 5.36
N PRO B 762 13.98 1.46 5.34
CA PRO B 762 13.65 2.88 5.10
C PRO B 762 14.05 3.80 6.27
N GLU B 763 14.34 5.04 5.92
CA GLU B 763 14.62 6.11 6.92
C GLU B 763 13.34 6.48 7.67
N ASP B 764 13.46 6.61 8.99
CA ASP B 764 12.34 7.11 9.84
C ASP B 764 12.36 8.62 9.75
N THR B 765 11.54 9.20 8.89
CA THR B 765 11.45 10.68 8.76
C THR B 765 10.30 11.24 9.60
N THR B 766 9.47 10.38 10.18
CA THR B 766 8.20 10.82 10.82
C THR B 766 8.40 10.96 12.32
N SER B 767 9.18 10.13 13.00
CA SER B 767 9.14 10.03 14.48
C SER B 767 9.60 11.37 15.06
N ASP B 768 10.55 12.06 14.45
CA ASP B 768 11.08 13.33 15.06
C ASP B 768 10.79 14.54 14.18
N PHE B 769 9.84 14.47 13.26
CA PHE B 769 9.56 15.59 12.34
C PHE B 769 9.02 16.80 13.14
N VAL B 770 9.49 18.02 12.81
CA VAL B 770 8.94 19.35 13.26
C VAL B 770 8.50 20.16 12.03
C1 NAG C . -21.81 14.20 -27.26
C2 NAG C . -22.69 14.51 -28.51
C3 NAG C . -23.49 13.28 -28.91
C4 NAG C . -22.48 12.17 -29.22
C5 NAG C . -21.60 11.93 -27.97
C6 NAG C . -20.55 10.84 -28.15
C7 NAG C . -24.42 15.75 -27.39
C8 NAG C . -25.30 16.99 -27.45
N2 NAG C . -23.53 15.65 -28.36
O3 NAG C . -24.27 13.54 -30.09
O4 NAG C . -23.20 10.95 -29.53
O5 NAG C . -20.92 13.18 -27.72
O6 NAG C . -19.75 11.07 -29.29
O7 NAG C . -24.62 14.90 -26.52
C1 NAG C . -22.73 10.35 -30.73
C2 NAG C . -23.13 8.87 -30.75
C3 NAG C . -22.81 8.19 -32.08
C4 NAG C . -23.18 9.10 -33.26
C5 NAG C . -22.75 10.56 -33.07
C6 NAG C . -23.20 11.49 -34.21
C7 NAG C . -22.93 7.82 -28.49
C8 NAG C . -22.00 7.17 -27.51
N2 NAG C . -22.44 8.15 -29.70
O3 NAG C . -23.44 6.91 -32.12
O4 NAG C . -22.47 8.65 -34.41
O5 NAG C . -23.28 11.06 -31.86
O6 NAG C . -24.59 11.40 -34.33
O7 NAG C . -24.08 8.06 -28.14
C1 BMA C . -23.16 7.69 -35.22
C2 BMA C . -22.45 7.79 -36.57
C3 BMA C . -23.20 6.91 -37.52
C4 BMA C . -23.25 5.52 -36.95
C5 BMA C . -23.83 5.53 -35.52
C6 BMA C . -23.78 4.15 -34.96
O2 BMA C . -21.06 7.36 -36.47
O3 BMA C . -22.50 6.88 -38.74
O4 BMA C . -24.01 4.64 -37.83
O5 BMA C . -23.11 6.44 -34.68
O6 BMA C . -24.36 4.12 -33.67
C1 MAN C . -24.31 2.88 -33.04
C2 MAN C . -25.32 3.05 -31.90
C3 MAN C . -24.85 4.10 -30.91
C4 MAN C . -23.39 3.77 -30.47
C5 MAN C . -22.52 3.60 -31.70
C6 MAN C . -21.13 3.11 -31.34
O2 MAN C . -25.49 1.81 -31.23
O3 MAN C . -25.64 4.21 -29.72
O4 MAN C . -22.91 4.78 -29.55
O5 MAN C . -23.03 2.55 -32.49
O6 MAN C . -21.28 1.88 -30.62
C1 MAN C . -26.70 5.16 -29.92
C2 MAN C . -27.00 5.75 -28.58
C3 MAN C . -27.53 4.68 -27.62
C4 MAN C . -28.78 4.02 -28.25
C5 MAN C . -28.43 3.52 -29.63
C6 MAN C . -29.75 3.00 -30.20
O2 MAN C . -27.98 6.82 -28.80
O3 MAN C . -27.96 5.36 -26.46
O4 MAN C . -29.36 2.93 -27.47
O5 MAN C . -27.90 4.57 -30.49
O6 MAN C . -29.59 3.03 -31.61
C1 MAN C . -27.37 8.11 -29.03
C2 MAN C . -28.46 9.13 -28.77
C3 MAN C . -29.58 8.84 -29.76
C4 MAN C . -29.06 9.04 -31.18
C5 MAN C . -27.85 8.12 -31.41
C6 MAN C . -27.21 8.32 -32.78
O2 MAN C . -27.87 10.45 -28.98
O3 MAN C . -30.69 9.70 -29.55
O4 MAN C . -30.07 8.75 -32.13
O5 MAN C . -26.89 8.40 -30.37
O6 MAN C . -26.29 7.25 -33.00
C1 MAN C . -20.09 1.44 -30.01
C2 MAN C . -20.39 0.07 -29.47
C3 MAN C . -21.38 0.22 -28.30
C4 MAN C . -20.79 1.16 -27.26
C5 MAN C . -20.44 2.48 -27.87
C6 MAN C . -19.61 3.18 -26.80
O2 MAN C . -19.21 -0.56 -28.98
O3 MAN C . -21.69 -1.06 -27.72
O4 MAN C . -21.67 1.38 -26.12
O5 MAN C . -19.58 2.33 -29.00
O6 MAN C . -19.15 4.39 -27.37
C1 MAN C . -18.38 -1.13 -29.99
C2 MAN C . -17.76 -2.38 -29.37
C3 MAN C . -16.97 -2.01 -28.13
C4 MAN C . -15.95 -0.89 -28.49
C5 MAN C . -16.59 0.27 -29.30
C6 MAN C . -15.52 1.21 -29.89
O2 MAN C . -16.95 -3.00 -30.39
O3 MAN C . -16.24 -3.16 -27.69
O4 MAN C . -15.38 -0.27 -27.28
O5 MAN C . -17.35 -0.26 -30.37
O6 MAN C . -14.60 0.52 -30.74
C1 MAN C . -23.32 7.27 -39.88
C2 MAN C . -22.71 6.66 -41.16
C3 MAN C . -21.39 7.42 -41.38
C4 MAN C . -21.58 8.92 -41.47
C5 MAN C . -22.20 9.39 -40.15
C6 MAN C . -22.52 10.84 -40.10
O2 MAN C . -23.58 6.56 -42.34
O3 MAN C . -20.76 6.84 -42.54
O4 MAN C . -20.33 9.53 -41.74
O5 MAN C . -23.43 8.69 -39.98
O6 MAN C . -23.14 11.08 -38.83
C1 NAG D . -20.48 35.65 -5.97
C2 NAG D . -20.54 36.53 -4.73
C3 NAG D . -21.47 37.71 -5.09
C4 NAG D . -20.96 38.49 -6.30
C5 NAG D . -20.83 37.52 -7.45
C6 NAG D . -20.11 38.20 -8.61
C7 NAG D . -20.55 35.12 -2.69
C8 NAG D . -21.42 34.37 -1.72
N2 NAG D . -21.19 35.76 -3.66
O3 NAG D . -21.58 38.52 -3.96
O4 NAG D . -21.96 39.45 -6.71
O5 NAG D . -19.96 36.43 -7.04
O6 NAG D . -20.49 37.41 -9.73
O7 NAG D . -19.35 35.10 -2.60
C1 NAG D . -21.46 40.79 -6.52
C2 NAG D . -22.21 41.76 -7.45
C3 NAG D . -21.81 43.22 -7.19
C4 NAG D . -21.86 43.58 -5.70
C5 NAG D . -21.21 42.47 -4.81
C6 NAG D . -21.57 42.67 -3.33
C7 NAG D . -22.83 40.84 -9.68
C8 NAG D . -22.31 40.77 -11.09
N2 NAG D . -21.98 41.45 -8.86
O3 NAG D . -22.69 44.07 -7.96
O4 NAG D . -21.18 44.85 -5.51
O5 NAG D . -21.66 41.14 -5.15
O6 NAG D . -20.37 42.56 -2.59
O7 NAG D . -23.93 40.36 -9.38
C1 NAG E . 6.49 -33.44 15.72
C2 NAG E . 6.44 -34.89 16.31
C3 NAG E . 5.52 -35.75 15.46
C4 NAG E . 4.13 -35.18 15.53
C5 NAG E . 4.21 -33.74 15.01
C6 NAG E . 2.85 -33.04 14.99
C7 NAG E . 8.62 -35.58 15.44
C8 NAG E . 10.01 -36.21 15.74
N2 NAG E . 7.77 -35.47 16.44
O3 NAG E . 5.49 -37.14 15.91
O4 NAG E . 3.25 -35.94 14.67
O5 NAG E . 5.12 -33.04 15.93
O6 NAG E . 2.23 -33.06 16.27
O7 NAG E . 8.43 -35.20 14.28
C1 NAG E . 2.08 -36.32 15.38
C2 NAG E . 1.01 -36.73 14.32
C3 NAG E . -0.24 -37.29 15.01
C4 NAG E . 0.03 -38.28 16.11
C5 NAG E . 1.15 -37.75 17.04
C6 NAG E . 1.48 -38.63 18.24
C7 NAG E . 1.17 -35.46 12.22
C8 NAG E . 0.84 -34.18 11.52
N2 NAG E . 0.71 -35.60 13.47
O3 NAG E . -1.13 -37.84 14.00
O4 NAG E . -1.11 -38.29 16.97
O5 NAG E . 2.32 -37.45 16.25
O6 NAG E . 1.90 -39.79 17.62
O7 NAG E . 1.92 -36.26 11.67
C1 BMA E . -1.90 -39.48 16.88
C2 BMA E . -2.64 -39.60 18.17
C3 BMA E . -3.57 -40.80 18.16
C4 BMA E . -4.46 -40.56 16.95
C5 BMA E . -3.68 -40.32 15.66
C6 BMA E . -4.62 -39.97 14.55
O2 BMA E . -3.43 -38.40 18.41
O3 BMA E . -4.33 -40.79 19.38
O4 BMA E . -5.31 -41.71 16.76
O5 BMA E . -2.75 -39.21 15.75
O6 BMA E . -3.91 -39.89 13.34
C1 MAN E . -4.68 -39.46 12.20
C2 MAN E . -3.76 -39.72 11.01
C3 MAN E . -2.59 -38.77 11.09
C4 MAN E . -3.08 -37.33 11.25
C5 MAN E . -4.05 -37.19 12.43
C6 MAN E . -4.63 -35.73 12.47
O2 MAN E . -4.36 -39.43 9.76
O3 MAN E . -1.78 -38.76 9.87
O4 MAN E . -1.96 -36.50 11.51
O5 MAN E . -5.13 -38.11 12.22
O6 MAN E . -5.21 -35.58 11.20
C1 MAN E . -0.59 -39.58 9.99
C2 MAN E . 0.38 -39.18 8.86
C3 MAN E . -0.17 -39.58 7.53
C4 MAN E . -0.42 -41.04 7.53
C5 MAN E . -1.38 -41.36 8.66
C6 MAN E . -1.58 -42.86 8.59
O2 MAN E . 1.57 -39.96 8.68
O3 MAN E . 0.76 -39.35 6.46
O4 MAN E . -0.96 -41.25 6.24
O5 MAN E . -0.86 -40.99 9.95
O6 MAN E . -2.48 -43.18 9.63
C1 MAN E . 2.75 -39.45 9.26
C2 MAN E . 3.94 -40.39 9.00
C3 MAN E . 3.57 -41.76 9.65
C4 MAN E . 3.36 -41.59 11.16
C5 MAN E . 2.17 -40.63 11.29
C6 MAN E . 1.98 -40.03 12.70
O2 MAN E . 5.08 -39.79 9.56
O3 MAN E . 4.49 -42.81 9.38
O4 MAN E . 3.15 -42.84 11.87
O5 MAN E . 2.48 -39.45 10.63
O6 MAN E . 2.06 -40.94 13.79
C1 MAN E . -5.75 -34.28 11.01
C2 MAN E . -6.52 -34.24 9.71
C3 MAN E . -5.54 -34.42 8.55
C4 MAN E . -4.43 -33.39 8.67
C5 MAN E . -3.79 -33.52 10.05
C6 MAN E . -2.60 -32.62 10.30
O2 MAN E . -7.13 -32.93 9.53
O3 MAN E . -6.23 -34.29 7.32
O4 MAN E . -3.41 -33.54 7.65
O5 MAN E . -4.73 -33.28 11.08
O6 MAN E . -2.99 -31.29 10.48
C1 MAN E . -8.38 -32.78 10.17
C2 MAN E . -9.20 -31.89 9.28
C3 MAN E . -8.52 -30.55 9.09
C4 MAN E . -8.28 -29.94 10.46
C5 MAN E . -7.53 -30.95 11.38
C6 MAN E . -7.51 -30.41 12.83
O2 MAN E . -10.47 -31.73 9.89
O3 MAN E . -9.32 -29.72 8.24
O4 MAN E . -7.40 -28.83 10.26
O5 MAN E . -8.26 -32.18 11.48
O6 MAN E . -8.82 -30.17 13.36
C1 MAN E . -4.40 -42.09 20.01
C2 MAN E . -5.39 -41.97 21.16
C3 MAN E . -4.74 -41.15 22.28
C4 MAN E . -3.34 -41.58 22.60
C5 MAN E . -2.52 -41.61 21.31
C6 MAN E . -1.04 -41.89 21.57
O2 MAN E . -5.82 -43.27 21.61
O3 MAN E . -5.43 -41.20 23.52
O4 MAN E . -2.85 -40.65 23.56
O5 MAN E . -3.13 -42.56 20.43
O6 MAN E . -0.38 -40.68 22.04
C1 MAN E . -6.96 -43.78 20.86
C2 MAN E . -7.82 -44.64 21.81
C3 MAN E . -6.98 -45.86 22.25
C4 MAN E . -6.29 -46.57 21.05
C5 MAN E . -5.64 -45.57 20.07
C6 MAN E . -5.12 -46.24 18.80
O2 MAN E . -9.12 -45.00 21.25
O3 MAN E . -7.90 -46.68 23.00
O4 MAN E . -5.16 -47.36 21.49
O5 MAN E . -6.57 -44.56 19.71
O6 MAN E . -6.19 -46.42 17.85
C1 NAG F . 33.32 -19.74 15.28
C2 NAG F . 34.67 -19.20 14.85
C3 NAG F . 35.79 -20.21 15.23
C4 NAG F . 35.74 -20.65 16.67
C5 NAG F . 34.29 -21.07 16.92
C6 NAG F . 34.07 -21.46 18.38
C7 NAG F . 34.43 -17.80 12.78
C8 NAG F . 34.56 -17.88 11.28
N2 NAG F . 34.69 -18.98 13.42
O3 NAG F . 37.03 -19.58 14.97
O4 NAG F . 36.65 -21.76 16.96
O5 NAG F . 33.39 -19.99 16.67
O6 NAG F . 34.47 -20.39 19.22
O7 NAG F . 33.99 -16.81 13.33
C1 NAG F . 38.09 -21.66 16.79
C2 NAG F . 38.66 -22.78 17.69
C3 NAG F . 40.21 -22.87 17.68
C4 NAG F . 40.76 -23.00 16.27
C5 NAG F . 40.07 -21.98 15.32
C6 NAG F . 40.38 -22.40 13.89
C7 NAG F . 37.09 -23.41 19.47
C8 NAG F . 36.44 -22.94 20.73
N2 NAG F . 38.07 -22.61 19.02
O3 NAG F . 40.63 -24.08 18.30
O4 NAG F . 42.22 -22.98 16.28
O5 NAG F . 38.62 -21.89 15.46
O6 NAG F . 40.20 -21.29 13.00
O7 NAG F . 36.73 -24.42 18.87
C1 NAG G . 11.29 -6.11 -36.64
C2 NAG G . 12.80 -6.28 -36.49
C3 NAG G . 13.52 -5.76 -37.71
C4 NAG G . 13.03 -6.49 -38.93
C5 NAG G . 11.48 -6.38 -39.02
C6 NAG G . 10.85 -7.18 -40.18
C7 NAG G . 13.11 -4.39 -34.77
C8 NAG G . 13.86 -4.25 -33.41
N2 NAG G . 13.27 -5.62 -35.26
O3 NAG G . 14.94 -5.97 -37.58
O4 NAG G . 13.58 -5.83 -40.09
O5 NAG G . 10.90 -6.91 -37.76
O6 NAG G . 11.27 -8.55 -40.03
O7 NAG G . 12.44 -3.49 -35.32
C1 NAG H . 4.12 37.84 -2.37
C2 NAG H . 4.27 36.75 -1.31
C3 NAG H . 5.42 37.13 -0.40
C4 NAG H . 6.69 37.42 -1.16
C5 NAG H . 6.43 38.46 -2.22
C6 NAG H . 7.62 38.82 -3.10
C7 NAG H . 2.41 35.37 -0.40
C8 NAG H . 1.12 35.35 0.37
N2 NAG H . 3.03 36.57 -0.57
O3 NAG H . 5.63 36.04 0.50
O4 NAG H . 7.68 37.80 -0.20
O5 NAG H . 5.38 37.99 -3.10
O6 NAG H . 8.06 37.60 -3.69
O7 NAG H . 2.91 34.37 -0.85
C1 NAG I . 26.87 16.01 -22.49
C2 NAG I . 28.37 15.88 -22.67
C3 NAG I . 29.01 15.77 -21.31
C4 NAG I . 28.61 16.91 -20.39
C5 NAG I . 27.06 16.94 -20.35
C6 NAG I . 26.46 18.05 -19.47
C7 NAG I . 29.63 14.87 -24.56
C8 NAG I . 30.06 13.58 -25.24
N2 NAG I . 28.77 14.75 -23.51
O3 NAG I . 30.45 15.82 -21.47
O4 NAG I . 29.00 16.59 -19.07
O5 NAG I . 26.56 17.14 -21.65
O6 NAG I . 25.01 17.96 -19.53
O7 NAG I . 30.02 15.97 -24.93
C1 NAG J . -30.41 14.96 -9.20
C2 NAG J . -31.39 14.12 -8.42
C3 NAG J . -31.15 12.68 -8.75
C4 NAG J . -31.20 12.45 -10.25
C5 NAG J . -30.16 13.35 -10.93
C6 NAG J . -30.13 13.28 -12.46
C7 NAG J . -31.92 15.28 -6.37
C8 NAG J . -31.42 15.67 -5.01
N2 NAG J . -31.19 14.39 -7.00
O3 NAG J . -32.09 11.87 -8.07
O4 NAG J . -30.94 11.03 -10.49
O5 NAG J . -30.49 14.70 -10.59
O6 NAG J . -31.49 13.39 -12.95
O7 NAG J . -32.90 15.81 -6.91
C1 NAG K . 20.60 -7.28 -22.44
C2 NAG K . 20.96 -8.68 -22.90
C3 NAG K . 22.09 -8.64 -23.93
C4 NAG K . 21.71 -7.73 -25.08
C5 NAG K . 21.46 -6.29 -24.56
C6 NAG K . 21.02 -5.33 -25.66
C7 NAG K . 20.73 -10.65 -21.44
C8 NAG K . 21.22 -11.39 -20.24
N2 NAG K . 21.34 -9.48 -21.72
O3 NAG K . 22.21 -10.00 -24.39
O4 NAG K . 22.88 -7.73 -25.94
O5 NAG K . 20.35 -6.45 -23.60
O6 NAG K . 20.80 -3.95 -25.24
O7 NAG K . 19.84 -11.14 -22.12
C1 NAG L . -5.96 -5.73 -45.20
C2 NAG L . -5.68 -7.19 -45.49
C3 NAG L . -6.80 -7.92 -46.24
C4 NAG L . -8.13 -7.76 -45.50
C5 NAG L . -8.38 -6.27 -45.26
C6 NAG L . -9.54 -6.06 -44.30
C7 NAG L . -3.48 -7.92 -46.06
C8 NAG L . -2.51 -7.94 -47.21
N2 NAG L . -4.52 -7.16 -46.34
O3 NAG L . -6.55 -9.33 -46.41
O4 NAG L . -9.19 -8.40 -46.26
O5 NAG L . -7.27 -5.65 -44.61
O6 NAG L . -10.16 -4.87 -44.76
O7 NAG L . -3.43 -8.56 -44.99
C1 NAG M . -0.90 24.35 -50.71
C2 NAG M . -0.62 24.83 -52.15
C3 NAG M . 0.06 23.72 -52.92
C4 NAG M . 1.23 23.13 -52.12
C5 NAG M . 0.66 22.59 -50.81
C6 NAG M . 1.63 21.80 -49.95
C7 NAG M . -2.02 26.38 -53.41
C8 NAG M . -3.36 26.66 -54.01
N2 NAG M . -1.85 25.18 -52.84
O3 NAG M . 0.54 24.27 -54.16
O4 NAG M . 1.85 22.08 -52.85
O5 NAG M . 0.26 23.77 -50.08
O6 NAG M . 2.52 22.82 -49.47
O7 NAG M . -1.14 27.23 -53.41
C1 NAG N . 6.20 31.74 -47.37
C2 NAG N . 6.79 32.65 -48.48
C3 NAG N . 7.36 31.78 -49.60
C4 NAG N . 8.32 30.76 -49.07
C5 NAG N . 7.59 29.91 -48.04
C6 NAG N . 8.48 28.80 -47.52
C7 NAG N . 5.53 34.74 -48.69
C8 NAG N . 4.40 35.47 -49.36
N2 NAG N . 5.75 33.48 -49.07
O3 NAG N . 8.00 32.57 -50.61
O4 NAG N . 8.64 29.92 -50.17
O5 NAG N . 7.17 30.77 -46.98
O6 NAG N . 9.51 29.40 -46.71
O7 NAG N . 6.23 35.30 -47.82
C1 NAG O . 6.90 36.62 -29.89
C2 NAG O . 8.11 37.42 -30.49
C3 NAG O . 8.87 36.58 -31.54
C4 NAG O . 9.28 35.18 -31.04
C5 NAG O . 8.10 34.47 -30.35
C6 NAG O . 8.40 33.16 -29.59
C7 NAG O . 8.22 39.90 -30.76
C8 NAG O . 7.64 41.07 -31.51
N2 NAG O . 7.69 38.69 -31.08
O3 NAG O . 10.03 37.31 -31.99
O4 NAG O . 9.72 34.41 -32.16
O5 NAG O . 7.50 35.37 -29.40
O6 NAG O . 7.15 32.67 -29.05
O7 NAG O . 9.10 40.08 -29.91
C1 EDO P . 10.80 13.40 -26.57
O1 EDO P . 11.67 12.54 -27.32
C2 EDO P . 10.55 12.95 -25.17
O2 EDO P . 10.45 14.04 -24.22
C ACT Q . 22.08 1.16 -27.48
O ACT Q . 21.33 0.36 -28.07
OXT ACT Q . 23.22 0.83 -27.06
CH3 ACT Q . 21.57 2.51 -27.35
C1 EDO R . -23.64 15.77 -23.72
O1 EDO R . -25.05 15.52 -23.96
C2 EDO R . -23.15 15.48 -22.34
O2 EDO R . -22.30 14.30 -22.18
C1 EDO S . -15.49 2.76 -19.74
O1 EDO S . -15.30 2.14 -20.99
C2 EDO S . -16.75 2.34 -19.09
O2 EDO S . -16.84 2.70 -17.74
C1 EDO T . -14.98 0.20 -23.45
O1 EDO T . -15.58 0.73 -22.25
C2 EDO T . -13.70 0.99 -23.62
O2 EDO T . -12.95 0.95 -24.81
C1 GOL U . 6.17 11.30 -23.27
O1 GOL U . 4.93 10.60 -23.23
C2 GOL U . 6.04 12.79 -23.11
O2 GOL U . 4.86 13.24 -22.43
C3 GOL U . 7.35 13.48 -22.72
O3 GOL U . 7.20 14.57 -21.82
C1 GOL V . -16.13 11.12 -12.69
O1 GOL V . -15.57 12.26 -13.35
C2 GOL V . -16.12 11.30 -11.19
O2 GOL V . -17.11 12.28 -10.83
C3 GOL V . -16.32 10.03 -10.40
O3 GOL V . -17.60 9.45 -10.69
K K W . -0.07 27.59 -45.24
K K X . -2.44 41.61 -16.81
K K Y . -27.65 6.50 1.05
C1 NAG Z . -8.00 8.32 36.81
C2 NAG Z . -8.72 9.52 37.47
C3 NAG Z . -8.44 10.82 36.77
C4 NAG Z . -6.94 11.02 36.57
C5 NAG Z . -6.28 9.73 36.00
C6 NAG Z . -4.76 9.94 35.79
C7 NAG Z . -10.86 9.28 38.59
C8 NAG Z . -12.36 9.14 38.49
N2 NAG Z . -10.14 9.29 37.44
O3 NAG Z . -8.89 11.97 37.48
O4 NAG Z . -6.65 12.21 35.86
O5 NAG Z . -6.56 8.57 36.75
O6 NAG Z . -4.31 8.70 35.17
O7 NAG Z . -10.34 9.33 39.70
C1 NAG AA . -26.49 -12.89 25.20
C2 NAG AA . -27.06 -11.59 25.68
C3 NAG AA . -27.49 -11.78 27.13
C4 NAG AA . -28.45 -12.92 27.32
C5 NAG AA . -27.87 -14.16 26.69
C6 NAG AA . -28.85 -15.33 26.77
C7 NAG AA . -26.12 -9.39 25.00
C8 NAG AA . -24.75 -8.73 25.17
N2 NAG AA . -26.01 -10.60 25.57
O3 NAG AA . -28.08 -10.57 27.68
O4 NAG AA . -28.60 -13.12 28.75
O5 NAG AA . -27.52 -13.92 25.30
O6 NAG AA . -30.01 -14.98 25.97
O7 NAG AA . -27.16 -8.89 24.46
C1 NAG BA . -4.30 -30.65 47.03
C2 NAG BA . -4.61 -31.19 48.41
C3 NAG BA . -6.14 -31.03 48.59
C4 NAG BA . -6.62 -29.65 48.25
C5 NAG BA . -6.26 -29.33 46.81
C6 NAG BA . -6.71 -27.97 46.27
C7 NAG BA . -3.46 -33.09 49.44
C8 NAG BA . -3.08 -34.55 49.36
N2 NAG BA . -4.21 -32.59 48.47
O3 NAG BA . -6.47 -31.24 49.95
O4 NAG BA . -8.02 -29.62 48.42
O5 NAG BA . -4.83 -29.35 46.78
O6 NAG BA . -6.57 -28.04 44.81
O7 NAG BA . -3.06 -32.43 50.39
C1 NAG CA . 0.66 -22.95 52.68
C2 NAG CA . 0.72 -23.11 54.21
C3 NAG CA . -0.70 -23.24 54.76
C4 NAG CA . -1.65 -22.21 54.21
C5 NAG CA . -1.60 -22.19 52.67
C6 NAG CA . -2.50 -21.16 51.98
C7 NAG CA . 2.84 -24.14 54.95
C8 NAG CA . 3.57 -25.49 55.18
N2 NAG CA . 1.55 -24.25 54.59
O3 NAG CA . -0.68 -23.11 56.19
O4 NAG CA . -2.97 -22.64 54.65
O5 NAG CA . -0.25 -21.91 52.29
O6 NAG CA . -2.18 -19.91 52.61
O7 NAG CA . 3.37 -23.05 55.09
C1 NAG DA . 27.42 2.61 26.19
C2 NAG DA . 26.78 3.43 25.07
C3 NAG DA . 27.21 4.89 25.25
C4 NAG DA . 26.80 5.37 26.63
C5 NAG DA . 27.33 4.48 27.71
C6 NAG DA . 26.91 4.89 29.15
C7 NAG DA . 26.34 2.45 22.86
C8 NAG DA . 27.05 1.82 21.69
N2 NAG DA . 27.23 2.89 23.81
O3 NAG DA . 26.48 5.66 24.30
O4 NAG DA . 27.29 6.73 26.81
O5 NAG DA . 26.96 3.14 27.44
O6 NAG DA . 25.46 4.84 29.13
O7 NAG DA . 25.12 2.58 22.99
C1 NAG EA . -24.16 3.09 19.88
C2 NAG EA . -25.60 3.04 19.44
C3 NAG EA . -26.49 3.36 20.66
C4 NAG EA . -26.16 2.37 21.77
C5 NAG EA . -24.68 2.51 22.19
C6 NAG EA . -24.26 1.58 23.31
C7 NAG EA . -26.45 3.67 17.16
C8 NAG EA . -26.69 4.78 16.15
N2 NAG EA . -25.86 3.99 18.32
O3 NAG EA . -27.89 3.24 20.24
O4 NAG EA . -27.01 2.73 22.90
O5 NAG EA . -24.00 2.17 20.97
O6 NAG EA . -22.84 1.60 23.72
O7 NAG EA . -26.82 2.54 16.91
C1 NAG FA . 19.13 -29.51 0.26
C2 NAG FA . 19.32 -29.39 -1.27
C3 NAG FA . 17.97 -29.65 -1.96
C4 NAG FA . 17.34 -30.97 -1.48
C5 NAG FA . 17.22 -30.93 0.05
C6 NAG FA . 16.58 -32.17 0.64
C7 NAG FA . 21.11 -27.88 -1.87
C8 NAG FA . 21.54 -26.46 -2.10
N2 NAG FA . 19.85 -28.06 -1.57
O3 NAG FA . 18.17 -29.69 -3.36
O4 NAG FA . 16.06 -31.21 -2.11
O5 NAG FA . 18.55 -30.79 0.60
O6 NAG FA . 17.38 -33.27 0.27
O7 NAG FA . 21.89 -28.84 -1.92
C1 NAG GA . -23.76 -31.55 22.48
C2 NAG GA . -25.11 -31.36 21.78
C3 NAG GA . -25.48 -32.66 21.08
C4 NAG GA . -24.39 -33.07 20.12
C5 NAG GA . -23.01 -33.12 20.77
C6 NAG GA . -21.91 -33.28 19.66
C7 NAG GA . -27.01 -29.96 22.46
C8 NAG GA . -27.92 -29.63 23.60
N2 NAG GA . -26.18 -30.99 22.68
O3 NAG GA . -26.64 -32.46 20.26
O4 NAG GA . -24.75 -34.34 19.60
O5 NAG GA . -22.82 -31.89 21.49
O6 NAG GA . -21.71 -32.16 18.66
O7 NAG GA . -27.01 -29.30 21.44
C1 EDO HA . 13.87 -10.97 7.70
O1 EDO HA . 14.69 -10.52 8.75
C2 EDO HA . 12.86 -11.95 8.18
O2 EDO HA . 13.40 -13.14 8.71
C1 EDO IA . 34.74 -10.24 19.59
O1 EDO IA . 34.65 -11.65 19.60
C2 EDO IA . 33.38 -9.65 19.40
O2 EDO IA . 33.28 -8.32 18.89
C1 EDO JA . 9.32 -10.39 42.92
O1 EDO JA . 9.77 -11.05 41.70
C2 EDO JA . 10.24 -10.65 44.09
O2 EDO JA . 11.61 -10.59 43.74
C1 EDO KA . 22.16 -11.95 13.66
O1 EDO KA . 22.56 -11.17 12.51
C2 EDO KA . 23.00 -11.77 14.92
O2 EDO KA . 23.39 -10.41 15.26
C1 EDO LA . -6.12 -6.78 28.87
O1 EDO LA . -6.99 -6.46 29.94
C2 EDO LA . -5.34 -8.00 29.20
O2 EDO LA . -5.88 -9.23 28.70
C1 EDO MA . 8.56 -19.73 6.94
O1 EDO MA . 9.19 -19.98 8.21
C2 EDO MA . 9.45 -19.85 5.74
O2 EDO MA . 9.03 -19.07 4.64
C1 EDO NA . 9.76 -20.32 6.17
O1 EDO NA . 11.08 -19.86 6.44
C2 EDO NA . 8.73 -20.01 7.21
O2 EDO NA . 9.09 -20.31 8.56
C1 GOL OA . -2.68 -7.61 26.12
O1 GOL OA . -1.42 -6.97 26.15
C2 GOL OA . -2.93 -8.33 24.82
O2 GOL OA . -1.96 -9.38 24.63
C3 GOL OA . -4.33 -8.88 24.83
O3 GOL OA . -4.53 -9.74 23.71
K K PA . 26.08 -11.18 34.63
#